data_5HAL
# 
_entry.id   5HAL 
# 
_audit_conform.dict_name       mmcif_pdbx.dic 
_audit_conform.dict_version    5.406 
_audit_conform.dict_location   http://mmcif.pdb.org/dictionaries/ascii/mmcif_pdbx.dic 
# 
loop_
_database_2.database_id 
_database_2.database_code 
_database_2.pdbx_database_accession 
_database_2.pdbx_DOI 
PDB   5HAL         pdb_00005hal 10.2210/pdb5hal/pdb 
WWPDB D_1000216759 ?            ?                   
# 
loop_
_pdbx_audit_revision_history.ordinal 
_pdbx_audit_revision_history.data_content_type 
_pdbx_audit_revision_history.major_revision 
_pdbx_audit_revision_history.minor_revision 
_pdbx_audit_revision_history.revision_date 
_pdbx_audit_revision_history.part_number 
1 'Structure model' 1 0 2016-01-13 ? 
2 'Structure model' 1 1 2016-02-03 ? 
3 'Structure model' 1 2 2017-11-01 ? 
4 'Structure model' 1 3 2024-03-06 ? 
5 'Structure model' 1 4 2025-10-22 ? 
# 
_pdbx_audit_revision_details.ordinal             1 
_pdbx_audit_revision_details.revision_ordinal    1 
_pdbx_audit_revision_details.data_content_type   'Structure model' 
_pdbx_audit_revision_details.provider            repository 
_pdbx_audit_revision_details.type                'Initial release' 
_pdbx_audit_revision_details.description         ? 
_pdbx_audit_revision_details.details             ? 
# 
loop_
_pdbx_audit_revision_group.ordinal 
_pdbx_audit_revision_group.revision_ordinal 
_pdbx_audit_revision_group.data_content_type 
_pdbx_audit_revision_group.group 
1 2 'Structure model' 'Database references'        
2 3 'Structure model' 'Author supporting evidence' 
3 3 'Structure model' 'Derived calculations'       
4 4 'Structure model' 'Data collection'            
5 4 'Structure model' 'Database references'        
6 5 'Structure model' 'Database references'        
7 5 'Structure model' 'Structure summary'          
# 
loop_
_pdbx_audit_revision_category.ordinal 
_pdbx_audit_revision_category.revision_ordinal 
_pdbx_audit_revision_category.data_content_type 
_pdbx_audit_revision_category.category 
1 3 'Structure model' pdbx_struct_assembly_auth_evidence 
2 3 'Structure model' pdbx_struct_oper_list              
3 4 'Structure model' chem_comp_atom                     
4 4 'Structure model' chem_comp_bond                     
5 4 'Structure model' database_2                         
6 5 'Structure model' audit_author                       
7 5 'Structure model' citation_author                    
8 5 'Structure model' pdbx_entry_details                 
# 
loop_
_pdbx_audit_revision_item.ordinal 
_pdbx_audit_revision_item.revision_ordinal 
_pdbx_audit_revision_item.data_content_type 
_pdbx_audit_revision_item.item 
1 3 'Structure model' '_pdbx_struct_oper_list.symmetry_operation' 
2 4 'Structure model' '_database_2.pdbx_DOI'                      
3 4 'Structure model' '_database_2.pdbx_database_accession'       
4 5 'Structure model' '_citation_author.name'                     
# 
_pdbx_database_status.status_code                     REL 
_pdbx_database_status.status_code_sf                  REL 
_pdbx_database_status.status_code_mr                  ? 
_pdbx_database_status.entry_id                        5HAL 
_pdbx_database_status.recvd_initial_deposition_date   2015-12-30 
_pdbx_database_status.SG_entry                        Y 
_pdbx_database_status.deposit_site                    RCSB 
_pdbx_database_status.process_site                    RCSB 
_pdbx_database_status.status_code_cs                  ? 
_pdbx_database_status.methods_development_category    ? 
_pdbx_database_status.pdb_format_compatible           Y 
_pdbx_database_status.status_code_nmr_data            ? 
# 
_pdbx_database_related.db_name        TargetTrack 
_pdbx_database_related.details        . 
_pdbx_database_related.db_id          SSGCID-BuviA.16002.a 
_pdbx_database_related.content_type   unspecified 
# 
_audit_author.name               'Seattle Structural Genomics Center for Infectious Disease (SSGCID)' 
_audit_author.pdbx_ordinal       1 
_audit_author.identifier_ORCID   ? 
# 
_citation.abstract                  ? 
_citation.abstract_id_CAS           ? 
_citation.book_id_ISBN              ? 
_citation.book_publisher            ? 
_citation.book_publisher_city       ? 
_citation.book_title                ? 
_citation.coordinate_linkage        ? 
_citation.country                   ? 
_citation.database_id_Medline       ? 
_citation.details                   ? 
_citation.id                        primary 
_citation.journal_abbrev            'to be published' 
_citation.journal_id_ASTM           ? 
_citation.journal_id_CSD            0353 
_citation.journal_id_ISSN           ? 
_citation.journal_full              ? 
_citation.journal_issue             ? 
_citation.journal_volume            ? 
_citation.language                  ? 
_citation.page_first                ? 
_citation.page_last                 ? 
_citation.title                     'Crystal Structure of a putative beta-lactamase from Burkholderia vietnamiensis' 
_citation.year                      ? 
_citation.database_id_CSD           ? 
_citation.pdbx_database_id_DOI      ? 
_citation.pdbx_database_id_PubMed   ? 
_citation.unpublished_flag          ? 
# 
loop_
_citation_author.citation_id 
_citation_author.name 
_citation_author.ordinal 
_citation_author.identifier_ORCID 
primary 'Seattle Structural Genomics Center for Infectious Disease (SSGCID)' 1 ? 
primary 'Dranow, D.M.'                                                       2 ? 
primary 'Davies, D.R.'                                                       3 ? 
primary 'Lorimer, D.'                                                        4 ? 
primary 'Edwards, T.E.'                                                      5 ? 
# 
loop_
_entity.id 
_entity.type 
_entity.src_method 
_entity.pdbx_description 
_entity.formula_weight 
_entity.pdbx_number_of_molecules 
_entity.pdbx_ec 
_entity.pdbx_mutation 
_entity.pdbx_fragment 
_entity.details 
1 polymer     man 'Uncharacterized protein' 12870.111 1  ? ? BuviA.16002.a.B1 ? 
2 non-polymer syn 1,2-ETHANEDIOL            62.068    1  ? ? ?                ? 
3 water       nat water                     18.015    85 ? ? ?                ? 
# 
_entity_poly.entity_id                      1 
_entity_poly.type                           'polypeptide(L)' 
_entity_poly.nstd_linkage                   no 
_entity_poly.nstd_monomer                   no 
_entity_poly.pdbx_seq_one_letter_code       
;MAHHHHHHMNASTRRPPFAGKTFEVRYDGLTALNAYDEDGRHMRYAITDGPYAGATGEVEYTWQPVAADTYAIAWQEADR
ATVVHIDDFAAGTSRTFFTAASLDFHRLDGSLRAV
;
_entity_poly.pdbx_seq_one_letter_code_can   
;MAHHHHHHMNASTRRPPFAGKTFEVRYDGLTALNAYDEDGRHMRYAITDGPYAGATGEVEYTWQPVAADTYAIAWQEADR
ATVVHIDDFAAGTSRTFFTAASLDFHRLDGSLRAV
;
_entity_poly.pdbx_strand_id                 A 
_entity_poly.pdbx_target_identifier         SSGCID-BuviA.16002.a 
# 
loop_
_pdbx_entity_nonpoly.entity_id 
_pdbx_entity_nonpoly.name 
_pdbx_entity_nonpoly.comp_id 
2 1,2-ETHANEDIOL EDO 
3 water          HOH 
# 
loop_
_entity_poly_seq.entity_id 
_entity_poly_seq.num 
_entity_poly_seq.mon_id 
_entity_poly_seq.hetero 
1 1   MET n 
1 2   ALA n 
1 3   HIS n 
1 4   HIS n 
1 5   HIS n 
1 6   HIS n 
1 7   HIS n 
1 8   HIS n 
1 9   MET n 
1 10  ASN n 
1 11  ALA n 
1 12  SER n 
1 13  THR n 
1 14  ARG n 
1 15  ARG n 
1 16  PRO n 
1 17  PRO n 
1 18  PHE n 
1 19  ALA n 
1 20  GLY n 
1 21  LYS n 
1 22  THR n 
1 23  PHE n 
1 24  GLU n 
1 25  VAL n 
1 26  ARG n 
1 27  TYR n 
1 28  ASP n 
1 29  GLY n 
1 30  LEU n 
1 31  THR n 
1 32  ALA n 
1 33  LEU n 
1 34  ASN n 
1 35  ALA n 
1 36  TYR n 
1 37  ASP n 
1 38  GLU n 
1 39  ASP n 
1 40  GLY n 
1 41  ARG n 
1 42  HIS n 
1 43  MET n 
1 44  ARG n 
1 45  TYR n 
1 46  ALA n 
1 47  ILE n 
1 48  THR n 
1 49  ASP n 
1 50  GLY n 
1 51  PRO n 
1 52  TYR n 
1 53  ALA n 
1 54  GLY n 
1 55  ALA n 
1 56  THR n 
1 57  GLY n 
1 58  GLU n 
1 59  VAL n 
1 60  GLU n 
1 61  TYR n 
1 62  THR n 
1 63  TRP n 
1 64  GLN n 
1 65  PRO n 
1 66  VAL n 
1 67  ALA n 
1 68  ALA n 
1 69  ASP n 
1 70  THR n 
1 71  TYR n 
1 72  ALA n 
1 73  ILE n 
1 74  ALA n 
1 75  TRP n 
1 76  GLN n 
1 77  GLU n 
1 78  ALA n 
1 79  ASP n 
1 80  ARG n 
1 81  ALA n 
1 82  THR n 
1 83  VAL n 
1 84  VAL n 
1 85  HIS n 
1 86  ILE n 
1 87  ASP n 
1 88  ASP n 
1 89  PHE n 
1 90  ALA n 
1 91  ALA n 
1 92  GLY n 
1 93  THR n 
1 94  SER n 
1 95  ARG n 
1 96  THR n 
1 97  PHE n 
1 98  PHE n 
1 99  THR n 
1 100 ALA n 
1 101 ALA n 
1 102 SER n 
1 103 LEU n 
1 104 ASP n 
1 105 PHE n 
1 106 HIS n 
1 107 ARG n 
1 108 LEU n 
1 109 ASP n 
1 110 GLY n 
1 111 SER n 
1 112 LEU n 
1 113 ARG n 
1 114 ALA n 
1 115 VAL n 
# 
_entity_src_gen.entity_id                          1 
_entity_src_gen.pdbx_src_id                        1 
_entity_src_gen.pdbx_alt_source_flag               sample 
_entity_src_gen.pdbx_seq_type                      'Biological sequence' 
_entity_src_gen.pdbx_beg_seq_num                   1 
_entity_src_gen.pdbx_end_seq_num                   115 
_entity_src_gen.gene_src_common_name               ? 
_entity_src_gen.gene_src_genus                     ? 
_entity_src_gen.pdbx_gene_src_gene                 Bcep1808_3604 
_entity_src_gen.gene_src_species                   ? 
_entity_src_gen.gene_src_strain                    'G4 / LMG 22486' 
_entity_src_gen.gene_src_tissue                    ? 
_entity_src_gen.gene_src_tissue_fraction           ? 
_entity_src_gen.gene_src_details                   ? 
_entity_src_gen.pdbx_gene_src_fragment             ? 
_entity_src_gen.pdbx_gene_src_scientific_name      'Burkholderia vietnamiensis (strain G4 / LMG 22486)' 
_entity_src_gen.pdbx_gene_src_ncbi_taxonomy_id     269482 
_entity_src_gen.pdbx_gene_src_variant              ? 
_entity_src_gen.pdbx_gene_src_cell_line            ? 
_entity_src_gen.pdbx_gene_src_atcc                 ? 
_entity_src_gen.pdbx_gene_src_organ                ? 
_entity_src_gen.pdbx_gene_src_organelle            ? 
_entity_src_gen.pdbx_gene_src_cell                 ? 
_entity_src_gen.pdbx_gene_src_cellular_location    ? 
_entity_src_gen.host_org_common_name               ? 
_entity_src_gen.pdbx_host_org_scientific_name      'Escherichia coli' 
_entity_src_gen.pdbx_host_org_ncbi_taxonomy_id     469008 
_entity_src_gen.host_org_genus                     ? 
_entity_src_gen.pdbx_host_org_gene                 ? 
_entity_src_gen.pdbx_host_org_organ                ? 
_entity_src_gen.host_org_species                   ? 
_entity_src_gen.pdbx_host_org_tissue               ? 
_entity_src_gen.pdbx_host_org_tissue_fraction      ? 
_entity_src_gen.pdbx_host_org_strain               'BL21(DE3)' 
_entity_src_gen.pdbx_host_org_variant              ? 
_entity_src_gen.pdbx_host_org_cell_line            ? 
_entity_src_gen.pdbx_host_org_atcc                 ? 
_entity_src_gen.pdbx_host_org_culture_collection   ? 
_entity_src_gen.pdbx_host_org_cell                 ? 
_entity_src_gen.pdbx_host_org_organelle            ? 
_entity_src_gen.pdbx_host_org_cellular_location    ? 
_entity_src_gen.pdbx_host_org_vector_type          plasmid 
_entity_src_gen.pdbx_host_org_vector               ? 
_entity_src_gen.host_org_details                   ? 
_entity_src_gen.expression_system_id               ? 
_entity_src_gen.plasmid_name                       BuviA.16002.a.B1BuviA.16002.a.B1 
_entity_src_gen.plasmid_details                    ? 
_entity_src_gen.pdbx_description                   ? 
# 
loop_
_chem_comp.id 
_chem_comp.type 
_chem_comp.mon_nstd_flag 
_chem_comp.name 
_chem_comp.pdbx_synonyms 
_chem_comp.formula 
_chem_comp.formula_weight 
ALA 'L-peptide linking' y ALANINE         ?                 'C3 H7 N O2'     89.093  
ARG 'L-peptide linking' y ARGININE        ?                 'C6 H15 N4 O2 1' 175.209 
ASN 'L-peptide linking' y ASPARAGINE      ?                 'C4 H8 N2 O3'    132.118 
ASP 'L-peptide linking' y 'ASPARTIC ACID' ?                 'C4 H7 N O4'     133.103 
EDO non-polymer         . 1,2-ETHANEDIOL  'ETHYLENE GLYCOL' 'C2 H6 O2'       62.068  
GLN 'L-peptide linking' y GLUTAMINE       ?                 'C5 H10 N2 O3'   146.144 
GLU 'L-peptide linking' y 'GLUTAMIC ACID' ?                 'C5 H9 N O4'     147.129 
GLY 'peptide linking'   y GLYCINE         ?                 'C2 H5 N O2'     75.067  
HIS 'L-peptide linking' y HISTIDINE       ?                 'C6 H10 N3 O2 1' 156.162 
HOH non-polymer         . WATER           ?                 'H2 O'           18.015  
ILE 'L-peptide linking' y ISOLEUCINE      ?                 'C6 H13 N O2'    131.173 
LEU 'L-peptide linking' y LEUCINE         ?                 'C6 H13 N O2'    131.173 
LYS 'L-peptide linking' y LYSINE          ?                 'C6 H15 N2 O2 1' 147.195 
MET 'L-peptide linking' y METHIONINE      ?                 'C5 H11 N O2 S'  149.211 
PHE 'L-peptide linking' y PHENYLALANINE   ?                 'C9 H11 N O2'    165.189 
PRO 'L-peptide linking' y PROLINE         ?                 'C5 H9 N O2'     115.130 
SER 'L-peptide linking' y SERINE          ?                 'C3 H7 N O3'     105.093 
THR 'L-peptide linking' y THREONINE       ?                 'C4 H9 N O3'     119.119 
TRP 'L-peptide linking' y TRYPTOPHAN      ?                 'C11 H12 N2 O2'  204.225 
TYR 'L-peptide linking' y TYROSINE        ?                 'C9 H11 N O3'    181.189 
VAL 'L-peptide linking' y VALINE          ?                 'C5 H11 N O2'    117.146 
# 
loop_
_pdbx_poly_seq_scheme.asym_id 
_pdbx_poly_seq_scheme.entity_id 
_pdbx_poly_seq_scheme.seq_id 
_pdbx_poly_seq_scheme.mon_id 
_pdbx_poly_seq_scheme.ndb_seq_num 
_pdbx_poly_seq_scheme.pdb_seq_num 
_pdbx_poly_seq_scheme.auth_seq_num 
_pdbx_poly_seq_scheme.pdb_mon_id 
_pdbx_poly_seq_scheme.auth_mon_id 
_pdbx_poly_seq_scheme.pdb_strand_id 
_pdbx_poly_seq_scheme.pdb_ins_code 
_pdbx_poly_seq_scheme.hetero 
A 1 1   MET 1   -7  ?   ?   ?   A . n 
A 1 2   ALA 2   -6  ?   ?   ?   A . n 
A 1 3   HIS 3   -5  ?   ?   ?   A . n 
A 1 4   HIS 4   -4  ?   ?   ?   A . n 
A 1 5   HIS 5   -3  ?   ?   ?   A . n 
A 1 6   HIS 6   -2  ?   ?   ?   A . n 
A 1 7   HIS 7   -1  ?   ?   ?   A . n 
A 1 8   HIS 8   0   ?   ?   ?   A . n 
A 1 9   MET 9   1   ?   ?   ?   A . n 
A 1 10  ASN 10  2   ?   ?   ?   A . n 
A 1 11  ALA 11  3   ?   ?   ?   A . n 
A 1 12  SER 12  4   ?   ?   ?   A . n 
A 1 13  THR 13  5   5   THR THR A . n 
A 1 14  ARG 14  6   6   ARG ARG A . n 
A 1 15  ARG 15  7   7   ARG ARG A . n 
A 1 16  PRO 16  8   8   PRO PRO A . n 
A 1 17  PRO 17  9   9   PRO PRO A . n 
A 1 18  PHE 18  10  10  PHE PHE A . n 
A 1 19  ALA 19  11  11  ALA ALA A . n 
A 1 20  GLY 20  12  12  GLY GLY A . n 
A 1 21  LYS 21  13  13  LYS LYS A . n 
A 1 22  THR 22  14  14  THR THR A . n 
A 1 23  PHE 23  15  15  PHE PHE A . n 
A 1 24  GLU 24  16  16  GLU GLU A . n 
A 1 25  VAL 25  17  17  VAL VAL A . n 
A 1 26  ARG 26  18  18  ARG ARG A . n 
A 1 27  TYR 27  19  19  TYR TYR A . n 
A 1 28  ASP 28  20  20  ASP ASP A . n 
A 1 29  GLY 29  21  21  GLY GLY A . n 
A 1 30  LEU 30  22  22  LEU LEU A . n 
A 1 31  THR 31  23  23  THR THR A . n 
A 1 32  ALA 32  24  24  ALA ALA A . n 
A 1 33  LEU 33  25  25  LEU LEU A . n 
A 1 34  ASN 34  26  26  ASN ASN A . n 
A 1 35  ALA 35  27  27  ALA ALA A . n 
A 1 36  TYR 36  28  28  TYR TYR A . n 
A 1 37  ASP 37  29  29  ASP ASP A . n 
A 1 38  GLU 38  30  30  GLU GLU A . n 
A 1 39  ASP 39  31  31  ASP ASP A . n 
A 1 40  GLY 40  32  32  GLY GLY A . n 
A 1 41  ARG 41  33  33  ARG ARG A . n 
A 1 42  HIS 42  34  34  HIS HIS A . n 
A 1 43  MET 43  35  35  MET MET A . n 
A 1 44  ARG 44  36  36  ARG ARG A . n 
A 1 45  TYR 45  37  37  TYR TYR A . n 
A 1 46  ALA 46  38  38  ALA ALA A . n 
A 1 47  ILE 47  39  39  ILE ILE A . n 
A 1 48  THR 48  40  40  THR THR A . n 
A 1 49  ASP 49  41  41  ASP ASP A . n 
A 1 50  GLY 50  42  42  GLY GLY A . n 
A 1 51  PRO 51  43  43  PRO PRO A . n 
A 1 52  TYR 52  44  44  TYR TYR A . n 
A 1 53  ALA 53  45  45  ALA ALA A . n 
A 1 54  GLY 54  46  46  GLY GLY A . n 
A 1 55  ALA 55  47  47  ALA ALA A . n 
A 1 56  THR 56  48  48  THR THR A . n 
A 1 57  GLY 57  49  49  GLY GLY A . n 
A 1 58  GLU 58  50  50  GLU GLU A . n 
A 1 59  VAL 59  51  51  VAL VAL A . n 
A 1 60  GLU 60  52  52  GLU GLU A . n 
A 1 61  TYR 61  53  53  TYR TYR A . n 
A 1 62  THR 62  54  54  THR THR A . n 
A 1 63  TRP 63  55  55  TRP TRP A . n 
A 1 64  GLN 64  56  56  GLN GLN A . n 
A 1 65  PRO 65  57  57  PRO PRO A . n 
A 1 66  VAL 66  58  58  VAL VAL A . n 
A 1 67  ALA 67  59  59  ALA ALA A . n 
A 1 68  ALA 68  60  60  ALA ALA A . n 
A 1 69  ASP 69  61  61  ASP ASP A . n 
A 1 70  THR 70  62  62  THR THR A . n 
A 1 71  TYR 71  63  63  TYR TYR A . n 
A 1 72  ALA 72  64  64  ALA ALA A . n 
A 1 73  ILE 73  65  65  ILE ILE A . n 
A 1 74  ALA 74  66  66  ALA ALA A . n 
A 1 75  TRP 75  67  67  TRP TRP A . n 
A 1 76  GLN 76  68  68  GLN GLN A . n 
A 1 77  GLU 77  69  69  GLU GLU A . n 
A 1 78  ALA 78  70  70  ALA ALA A . n 
A 1 79  ASP 79  71  71  ASP ASP A . n 
A 1 80  ARG 80  72  72  ARG ARG A . n 
A 1 81  ALA 81  73  73  ALA ALA A . n 
A 1 82  THR 82  74  74  THR THR A . n 
A 1 83  VAL 83  75  75  VAL VAL A . n 
A 1 84  VAL 84  76  76  VAL VAL A . n 
A 1 85  HIS 85  77  77  HIS HIS A . n 
A 1 86  ILE 86  78  78  ILE ILE A . n 
A 1 87  ASP 87  79  79  ASP ASP A . n 
A 1 88  ASP 88  80  80  ASP ASP A . n 
A 1 89  PHE 89  81  81  PHE PHE A . n 
A 1 90  ALA 90  82  82  ALA ALA A . n 
A 1 91  ALA 91  83  83  ALA ALA A . n 
A 1 92  GLY 92  84  84  GLY GLY A . n 
A 1 93  THR 93  85  85  THR THR A . n 
A 1 94  SER 94  86  86  SER SER A . n 
A 1 95  ARG 95  87  87  ARG ARG A . n 
A 1 96  THR 96  88  88  THR THR A . n 
A 1 97  PHE 97  89  89  PHE PHE A . n 
A 1 98  PHE 98  90  90  PHE PHE A . n 
A 1 99  THR 99  91  91  THR THR A . n 
A 1 100 ALA 100 92  92  ALA ALA A . n 
A 1 101 ALA 101 93  93  ALA ALA A . n 
A 1 102 SER 102 94  94  SER SER A . n 
A 1 103 LEU 103 95  95  LEU LEU A . n 
A 1 104 ASP 104 96  96  ASP ASP A . n 
A 1 105 PHE 105 97  97  PHE PHE A . n 
A 1 106 HIS 106 98  98  HIS HIS A . n 
A 1 107 ARG 107 99  99  ARG ARG A . n 
A 1 108 LEU 108 100 100 LEU LEU A . n 
A 1 109 ASP 109 101 101 ASP ASP A . n 
A 1 110 GLY 110 102 102 GLY GLY A . n 
A 1 111 SER 111 103 103 SER SER A . n 
A 1 112 LEU 112 104 104 LEU LEU A . n 
A 1 113 ARG 113 105 105 ARG ARG A . n 
A 1 114 ALA 114 106 106 ALA ALA A . n 
A 1 115 VAL 115 107 107 VAL VAL A . n 
# 
loop_
_pdbx_nonpoly_scheme.asym_id 
_pdbx_nonpoly_scheme.entity_id 
_pdbx_nonpoly_scheme.mon_id 
_pdbx_nonpoly_scheme.ndb_seq_num 
_pdbx_nonpoly_scheme.pdb_seq_num 
_pdbx_nonpoly_scheme.auth_seq_num 
_pdbx_nonpoly_scheme.pdb_mon_id 
_pdbx_nonpoly_scheme.auth_mon_id 
_pdbx_nonpoly_scheme.pdb_strand_id 
_pdbx_nonpoly_scheme.pdb_ins_code 
B 2 EDO 1  201 1  EDO EDO A . 
C 3 HOH 1  301 55 HOH HOH A . 
C 3 HOH 2  302 26 HOH HOH A . 
C 3 HOH 3  303 80 HOH HOH A . 
C 3 HOH 4  304 25 HOH HOH A . 
C 3 HOH 5  305 19 HOH HOH A . 
C 3 HOH 6  306 29 HOH HOH A . 
C 3 HOH 7  307 75 HOH HOH A . 
C 3 HOH 8  308 49 HOH HOH A . 
C 3 HOH 9  309 20 HOH HOH A . 
C 3 HOH 10 310 15 HOH HOH A . 
C 3 HOH 11 311 22 HOH HOH A . 
C 3 HOH 12 312 14 HOH HOH A . 
C 3 HOH 13 313 52 HOH HOH A . 
C 3 HOH 14 314 10 HOH HOH A . 
C 3 HOH 15 315 7  HOH HOH A . 
C 3 HOH 16 316 2  HOH HOH A . 
C 3 HOH 17 317 61 HOH HOH A . 
C 3 HOH 18 318 11 HOH HOH A . 
C 3 HOH 19 319 40 HOH HOH A . 
C 3 HOH 20 320 36 HOH HOH A . 
C 3 HOH 21 321 1  HOH HOH A . 
C 3 HOH 22 322 83 HOH HOH A . 
C 3 HOH 23 323 12 HOH HOH A . 
C 3 HOH 24 324 60 HOH HOH A . 
C 3 HOH 25 325 68 HOH HOH A . 
C 3 HOH 26 326 17 HOH HOH A . 
C 3 HOH 27 327 16 HOH HOH A . 
C 3 HOH 28 328 18 HOH HOH A . 
C 3 HOH 29 329 34 HOH HOH A . 
C 3 HOH 30 330 9  HOH HOH A . 
C 3 HOH 31 331 30 HOH HOH A . 
C 3 HOH 32 332 56 HOH HOH A . 
C 3 HOH 33 333 6  HOH HOH A . 
C 3 HOH 34 334 51 HOH HOH A . 
C 3 HOH 35 335 5  HOH HOH A . 
C 3 HOH 36 336 24 HOH HOH A . 
C 3 HOH 37 337 39 HOH HOH A . 
C 3 HOH 38 338 21 HOH HOH A . 
C 3 HOH 39 339 85 HOH HOH A . 
C 3 HOH 40 340 35 HOH HOH A . 
C 3 HOH 41 341 4  HOH HOH A . 
C 3 HOH 42 342 8  HOH HOH A . 
C 3 HOH 43 343 13 HOH HOH A . 
C 3 HOH 44 344 81 HOH HOH A . 
C 3 HOH 45 345 64 HOH HOH A . 
C 3 HOH 46 346 43 HOH HOH A . 
C 3 HOH 47 347 47 HOH HOH A . 
C 3 HOH 48 348 33 HOH HOH A . 
C 3 HOH 49 349 66 HOH HOH A . 
C 3 HOH 50 350 77 HOH HOH A . 
C 3 HOH 51 351 41 HOH HOH A . 
C 3 HOH 52 352 31 HOH HOH A . 
C 3 HOH 53 353 3  HOH HOH A . 
C 3 HOH 54 354 62 HOH HOH A . 
C 3 HOH 55 355 53 HOH HOH A . 
C 3 HOH 56 356 63 HOH HOH A . 
C 3 HOH 57 357 65 HOH HOH A . 
C 3 HOH 58 358 46 HOH HOH A . 
C 3 HOH 59 359 76 HOH HOH A . 
C 3 HOH 60 360 74 HOH HOH A . 
C 3 HOH 61 361 38 HOH HOH A . 
C 3 HOH 62 362 73 HOH HOH A . 
C 3 HOH 63 363 84 HOH HOH A . 
C 3 HOH 64 364 50 HOH HOH A . 
C 3 HOH 65 365 45 HOH HOH A . 
C 3 HOH 66 366 69 HOH HOH A . 
C 3 HOH 67 367 37 HOH HOH A . 
C 3 HOH 68 368 27 HOH HOH A . 
C 3 HOH 69 369 58 HOH HOH A . 
C 3 HOH 70 370 82 HOH HOH A . 
C 3 HOH 71 371 59 HOH HOH A . 
C 3 HOH 72 372 54 HOH HOH A . 
C 3 HOH 73 373 79 HOH HOH A . 
C 3 HOH 74 374 28 HOH HOH A . 
C 3 HOH 75 375 23 HOH HOH A . 
C 3 HOH 76 376 72 HOH HOH A . 
C 3 HOH 77 377 67 HOH HOH A . 
C 3 HOH 78 378 44 HOH HOH A . 
C 3 HOH 79 379 42 HOH HOH A . 
C 3 HOH 80 380 57 HOH HOH A . 
C 3 HOH 81 381 48 HOH HOH A . 
C 3 HOH 82 382 78 HOH HOH A . 
C 3 HOH 83 383 71 HOH HOH A . 
C 3 HOH 84 384 70 HOH HOH A . 
C 3 HOH 85 385 32 HOH HOH A . 
# 
loop_
_pdbx_unobs_or_zero_occ_atoms.id 
_pdbx_unobs_or_zero_occ_atoms.PDB_model_num 
_pdbx_unobs_or_zero_occ_atoms.polymer_flag 
_pdbx_unobs_or_zero_occ_atoms.occupancy_flag 
_pdbx_unobs_or_zero_occ_atoms.auth_asym_id 
_pdbx_unobs_or_zero_occ_atoms.auth_comp_id 
_pdbx_unobs_or_zero_occ_atoms.auth_seq_id 
_pdbx_unobs_or_zero_occ_atoms.PDB_ins_code 
_pdbx_unobs_or_zero_occ_atoms.auth_atom_id 
_pdbx_unobs_or_zero_occ_atoms.label_alt_id 
_pdbx_unobs_or_zero_occ_atoms.label_asym_id 
_pdbx_unobs_or_zero_occ_atoms.label_comp_id 
_pdbx_unobs_or_zero_occ_atoms.label_seq_id 
_pdbx_unobs_or_zero_occ_atoms.label_atom_id 
1 1 Y 1 A THR 5  ? OG1 ? A THR 13 OG1 
2 1 Y 1 A THR 5  ? CG2 ? A THR 13 CG2 
3 1 Y 1 A ARG 33 ? CG  ? A ARG 41 CG  
4 1 Y 1 A ARG 33 ? CD  ? A ARG 41 CD  
5 1 Y 1 A ARG 33 ? NE  ? A ARG 41 NE  
6 1 Y 1 A ARG 33 ? CZ  ? A ARG 41 CZ  
7 1 Y 1 A ARG 33 ? NH1 ? A ARG 41 NH1 
8 1 Y 1 A ARG 33 ? NH2 ? A ARG 41 NH2 
# 
loop_
_software.citation_id 
_software.classification 
_software.compiler_name 
_software.compiler_version 
_software.contact_author 
_software.contact_author_email 
_software.date 
_software.description 
_software.dependencies 
_software.hardware 
_software.language 
_software.location 
_software.mods 
_software.name 
_software.os 
_software.os_version 
_software.type 
_software.version 
_software.pdbx_ordinal 
? 'data scaling'    ? ? ? ? ? ? ? ? ? ? ? XSCALE      ? ? ? .     1 
? phasing           ? ? ? ? ? ? ? ? ? ? ? PHASER      ? ? ? 2.5.7 2 
? refinement        ? ? ? ? ? ? ? ? ? ? ? PHENIX      ? ? ? .     3 
? 'data extraction' ? ? ? ? ? ? ? ? ? ? ? PDB_EXTRACT ? ? ? 3.15  4 
? 'data reduction'  ? ? ? ? ? ? ? ? ? ? ? XDS         ? ? ? .     5 
? 'model building'  ? ? ? ? ? ? ? ? ? ? ? ARP         ? ? ? .     6 
# 
_cell.angle_alpha                  90.000 
_cell.angle_alpha_esd              ? 
_cell.angle_beta                   90.000 
_cell.angle_beta_esd               ? 
_cell.angle_gamma                  90.000 
_cell.angle_gamma_esd              ? 
_cell.entry_id                     5HAL 
_cell.details                      ? 
_cell.formula_units_Z              ? 
_cell.length_a                     110.840 
_cell.length_a_esd                 ? 
_cell.length_b                     110.840 
_cell.length_b_esd                 ? 
_cell.length_c                     110.840 
_cell.length_c_esd                 ? 
_cell.volume                       ? 
_cell.volume_esd                   ? 
_cell.Z_PDB                        24 
_cell.reciprocal_angle_alpha       ? 
_cell.reciprocal_angle_beta        ? 
_cell.reciprocal_angle_gamma       ? 
_cell.reciprocal_angle_alpha_esd   ? 
_cell.reciprocal_angle_beta_esd    ? 
_cell.reciprocal_angle_gamma_esd   ? 
_cell.reciprocal_length_a          ? 
_cell.reciprocal_length_b          ? 
_cell.reciprocal_length_c          ? 
_cell.reciprocal_length_a_esd      ? 
_cell.reciprocal_length_b_esd      ? 
_cell.reciprocal_length_c_esd      ? 
_cell.pdbx_unique_axis             ? 
# 
_symmetry.entry_id                         5HAL 
_symmetry.cell_setting                     ? 
_symmetry.Int_Tables_number                199 
_symmetry.space_group_name_Hall            ? 
_symmetry.space_group_name_H-M             'I 21 3' 
_symmetry.pdbx_full_space_group_name_H-M   ? 
# 
_exptl.absorpt_coefficient_mu     ? 
_exptl.absorpt_correction_T_max   ? 
_exptl.absorpt_correction_T_min   ? 
_exptl.absorpt_correction_type    ? 
_exptl.absorpt_process_details    ? 
_exptl.entry_id                   5HAL 
_exptl.crystals_number            1 
_exptl.details                    ? 
_exptl.method                     'X-RAY DIFFRACTION' 
_exptl.method_details             ? 
# 
_exptl_crystal.colour                      ? 
_exptl_crystal.density_diffrn              ? 
_exptl_crystal.density_Matthews            4.41 
_exptl_crystal.density_method              ? 
_exptl_crystal.density_percent_sol         72.10 
_exptl_crystal.description                 ? 
_exptl_crystal.F_000                       ? 
_exptl_crystal.id                          1 
_exptl_crystal.preparation                 ? 
_exptl_crystal.size_max                    ? 
_exptl_crystal.size_mid                    ? 
_exptl_crystal.size_min                    ? 
_exptl_crystal.size_rad                    ? 
_exptl_crystal.colour_lustre               ? 
_exptl_crystal.colour_modifier             ? 
_exptl_crystal.colour_primary              ? 
_exptl_crystal.density_meas                ? 
_exptl_crystal.density_meas_esd            ? 
_exptl_crystal.density_meas_gt             ? 
_exptl_crystal.density_meas_lt             ? 
_exptl_crystal.density_meas_temp           ? 
_exptl_crystal.density_meas_temp_esd       ? 
_exptl_crystal.density_meas_temp_gt        ? 
_exptl_crystal.density_meas_temp_lt        ? 
_exptl_crystal.pdbx_crystal_image_url      ? 
_exptl_crystal.pdbx_crystal_image_format   ? 
_exptl_crystal.pdbx_mosaicity              ? 
_exptl_crystal.pdbx_mosaicity_esd          ? 
# 
_exptl_crystal_grow.apparatus       ? 
_exptl_crystal_grow.atmosphere      ? 
_exptl_crystal_grow.crystal_id      1 
_exptl_crystal_grow.details         ? 
_exptl_crystal_grow.method          'VAPOR DIFFUSION, SITTING DROP' 
_exptl_crystal_grow.method_ref      ? 
_exptl_crystal_grow.pH              5.6 
_exptl_crystal_grow.pressure        ? 
_exptl_crystal_grow.pressure_esd    ? 
_exptl_crystal_grow.seeding         ? 
_exptl_crystal_grow.seeding_ref     ? 
_exptl_crystal_grow.temp            290 
_exptl_crystal_grow.temp_details    ? 
_exptl_crystal_grow.temp_esd        ? 
_exptl_crystal_grow.time            ? 
_exptl_crystal_grow.pdbx_details    
;BuviA.16002.a.B1.PS02517 at 19 mg/ml was mixed 1:1 with MCSG1(h4): 0.1 M sodium citrate:HCl, pH = 5.6, 20% (v/v) 2-propanol, 20% (w/v) PEG-400, harvested with 15% ethylene glycol in two steps.
;
_exptl_crystal_grow.pdbx_pH_range   ? 
# 
_diffrn.ambient_environment    ? 
_diffrn.ambient_temp           100 
_diffrn.ambient_temp_details   ? 
_diffrn.ambient_temp_esd       ? 
_diffrn.crystal_id             1 
_diffrn.crystal_support        ? 
_diffrn.crystal_treatment      ? 
_diffrn.details                ? 
_diffrn.id                     1 
_diffrn.ambient_pressure       ? 
_diffrn.ambient_pressure_esd   ? 
_diffrn.ambient_pressure_gt    ? 
_diffrn.ambient_pressure_lt    ? 
_diffrn.ambient_temp_gt        ? 
_diffrn.ambient_temp_lt        ? 
# 
_diffrn_detector.details                      ? 
_diffrn_detector.detector                     CCD 
_diffrn_detector.diffrn_id                    1 
_diffrn_detector.type                         'RIGAKU SATURN 944+' 
_diffrn_detector.area_resol_mean              ? 
_diffrn_detector.dtime                        ? 
_diffrn_detector.pdbx_frames_total            ? 
_diffrn_detector.pdbx_collection_time_total   ? 
_diffrn_detector.pdbx_collection_date         2015-12-22 
# 
_diffrn_radiation.collimation                      ? 
_diffrn_radiation.diffrn_id                        1 
_diffrn_radiation.filter_edge                      ? 
_diffrn_radiation.inhomogeneity                    ? 
_diffrn_radiation.monochromator                    'Rigaku Varimax HF' 
_diffrn_radiation.polarisn_norm                    ? 
_diffrn_radiation.polarisn_ratio                   ? 
_diffrn_radiation.probe                            ? 
_diffrn_radiation.type                             ? 
_diffrn_radiation.xray_symbol                      ? 
_diffrn_radiation.wavelength_id                    1 
_diffrn_radiation.pdbx_monochromatic_or_laue_m_l   M 
_diffrn_radiation.pdbx_wavelength_list             ? 
_diffrn_radiation.pdbx_wavelength                  ? 
_diffrn_radiation.pdbx_diffrn_protocol             'SINGLE WAVELENGTH' 
_diffrn_radiation.pdbx_analyzer                    ? 
_diffrn_radiation.pdbx_scattering_type             x-ray 
# 
_diffrn_radiation_wavelength.id           1 
_diffrn_radiation_wavelength.wavelength   1.5418 
_diffrn_radiation_wavelength.wt           1.0 
# 
_diffrn_source.current                     ? 
_diffrn_source.details                     ? 
_diffrn_source.diffrn_id                   1 
_diffrn_source.power                       ? 
_diffrn_source.size                        ? 
_diffrn_source.source                      'ROTATING ANODE' 
_diffrn_source.target                      ? 
_diffrn_source.type                        'RIGAKU FR-E+ SUPERBRIGHT' 
_diffrn_source.voltage                     ? 
_diffrn_source.take-off_angle              ? 
_diffrn_source.pdbx_wavelength_list        1.5418 
_diffrn_source.pdbx_wavelength             ? 
_diffrn_source.pdbx_synchrotron_beamline   ? 
_diffrn_source.pdbx_synchrotron_site       ? 
# 
_reflns.B_iso_Wilson_estimate            31.770 
_reflns.entry_id                         5HAL 
_reflns.data_reduction_details           ? 
_reflns.data_reduction_method            ? 
_reflns.d_resolution_high                2.150 
_reflns.d_resolution_low                 50 
_reflns.details                          ? 
_reflns.limit_h_max                      ? 
_reflns.limit_h_min                      ? 
_reflns.limit_k_max                      ? 
_reflns.limit_k_min                      ? 
_reflns.limit_l_max                      ? 
_reflns.limit_l_min                      ? 
_reflns.number_all                       ? 
_reflns.number_obs                       12481 
_reflns.observed_criterion               ? 
_reflns.observed_criterion_F_max         ? 
_reflns.observed_criterion_F_min         ? 
_reflns.observed_criterion_I_max         ? 
_reflns.observed_criterion_I_min         ? 
_reflns.observed_criterion_sigma_F       ? 
_reflns.observed_criterion_sigma_I       -3.000 
_reflns.percent_possible_obs             99.900 
_reflns.R_free_details                   ? 
_reflns.Rmerge_F_all                     ? 
_reflns.Rmerge_F_obs                     1.000 
_reflns.Friedel_coverage                 ? 
_reflns.number_gt                        ? 
_reflns.threshold_expression             ? 
_reflns.pdbx_redundancy                  10.9 
_reflns.pdbx_Rmerge_I_obs                0.066 
_reflns.pdbx_Rmerge_I_all                ? 
_reflns.pdbx_Rsym_value                  ? 
_reflns.pdbx_netI_over_av_sigmaI         ? 
_reflns.pdbx_netI_over_sigmaI            28.030 
_reflns.pdbx_res_netI_over_av_sigmaI_2   ? 
_reflns.pdbx_res_netI_over_sigmaI_2      ? 
_reflns.pdbx_chi_squared                 0.929 
_reflns.pdbx_scaling_rejects             ? 
_reflns.pdbx_d_res_high_opt              ? 
_reflns.pdbx_d_res_low_opt               ? 
_reflns.pdbx_d_res_opt_method            ? 
_reflns.phase_calculation_details        ? 
_reflns.pdbx_Rrim_I_all                  0.070 
_reflns.pdbx_Rpim_I_all                  ? 
_reflns.pdbx_d_opt                       ? 
_reflns.pdbx_number_measured_all         135544 
_reflns.pdbx_diffrn_id                   1 
_reflns.pdbx_ordinal                     1 
_reflns.pdbx_CC_half                     ? 
_reflns.pdbx_R_split                     ? 
# 
loop_
_reflns_shell.d_res_high 
_reflns_shell.d_res_low 
_reflns_shell.meanI_over_sigI_all 
_reflns_shell.meanI_over_sigI_obs 
_reflns_shell.number_measured_all 
_reflns_shell.number_measured_obs 
_reflns_shell.number_possible 
_reflns_shell.number_unique_all 
_reflns_shell.number_unique_obs 
_reflns_shell.percent_possible_all 
_reflns_shell.percent_possible_obs 
_reflns_shell.Rmerge_F_all 
_reflns_shell.Rmerge_F_obs 
_reflns_shell.Rmerge_I_all 
_reflns_shell.Rmerge_I_obs 
_reflns_shell.meanI_over_sigI_gt 
_reflns_shell.meanI_over_uI_all 
_reflns_shell.meanI_over_uI_gt 
_reflns_shell.number_measured_gt 
_reflns_shell.number_unique_gt 
_reflns_shell.percent_possible_gt 
_reflns_shell.Rmerge_F_gt 
_reflns_shell.Rmerge_I_gt 
_reflns_shell.pdbx_redundancy 
_reflns_shell.pdbx_Rsym_value 
_reflns_shell.pdbx_chi_squared 
_reflns_shell.pdbx_netI_over_sigmaI_all 
_reflns_shell.pdbx_netI_over_sigmaI_obs 
_reflns_shell.pdbx_Rrim_I_all 
_reflns_shell.pdbx_Rpim_I_all 
_reflns_shell.pdbx_rejects 
_reflns_shell.pdbx_ordinal 
_reflns_shell.pdbx_diffrn_id 
_reflns_shell.pdbx_CC_half 
_reflns_shell.pdbx_R_split 
2.150 2.210 ? 5.110  ? 9591 911 ? 910 99.900  ? ? 0.937 ? 0.528 ? ? ? ? ? ? ? ? 10.5 ? ? ? ? 0.555 ? 0 1  1 ? ? 
2.210 2.270 ? 6.430  ? 9609 889 ? 889 100.000 ? ? 0.950 ? 0.420 ? ? ? ? ? ? ? ? ?    ? ? ? ? 0.441 ? 0 2  1 ? ? 
2.270 2.330 ? 6.860  ? 9430 873 ? 872 99.900  ? ? 0.959 ? 0.389 ? ? ? ? ? ? ? ? ?    ? ? ? ? 0.409 ? 0 3  1 ? ? 
2.330 2.400 ? 8.020  ? 9269 849 ? 848 99.900  ? ? 0.972 ? 0.321 ? ? ? ? ? ? ? ? ?    ? ? ? ? 0.337 ? 0 4  1 ? ? 
2.400 2.480 ? 8.630  ? 8794 811 ? 809 99.800  ? ? 0.980 ? 0.302 ? ? ? ? ? ? ? ? ?    ? ? ? ? 0.317 ? 0 5  1 ? ? 
2.480 2.570 ? 10.900 ? 8588 783 ? 782 99.900  ? ? 0.986 ? 0.234 ? ? ? ? ? ? ? ? ?    ? ? ? ? 0.245 ? 0 6  1 ? ? 
2.570 2.670 ? 14.200 ? 8378 767 ? 767 100.000 ? ? 0.992 ? 0.168 ? ? ? ? ? ? ? ? ?    ? ? ? ? 0.177 ? 0 7  1 ? ? 
2.670 2.780 ? 17.830 ? 8098 735 ? 735 100.000 ? ? 0.995 ? 0.130 ? ? ? ? ? ? ? ? ?    ? ? ? ? 0.137 ? 0 8  1 ? ? 
2.780 2.900 ? 20.280 ? 7741 701 ? 700 99.900  ? ? 0.997 ? 0.110 ? ? ? ? ? ? ? ? ?    ? ? ? ? 0.115 ? 0 9  1 ? ? 
2.900 3.040 ? 25.550 ? 7302 667 ? 666 99.900  ? ? 0.998 ? 0.084 ? ? ? ? ? ? ? ? ?    ? ? ? ? 0.088 ? 0 10 1 ? ? 
3.040 3.210 ? 31.260 ? 7201 651 ? 651 100.000 ? ? 0.999 ? 0.066 ? ? ? ? ? ? ? ? ?    ? ? ? ? 0.069 ? 0 11 1 ? ? 
3.210 3.400 ? 38.360 ? 6778 613 ? 613 100.000 ? ? 0.999 ? 0.054 ? ? ? ? ? ? ? ? ?    ? ? ? ? 0.057 ? 0 12 1 ? ? 
3.400 3.640 ? 50.170 ? 6372 579 ? 579 100.000 ? ? 0.999 ? 0.044 ? ? ? ? ? ? ? ? ?    ? ? ? ? 0.046 ? 0 13 1 ? ? 
3.640 3.930 ? 57.730 ? 5806 533 ? 532 99.800  ? ? 0.999 ? 0.039 ? ? ? ? ? ? ? ? ?    ? ? ? ? 0.041 ? 0 14 1 ? ? 
3.930 4.300 ? 65.700 ? 5407 496 ? 496 100.000 ? ? 1.000 ? 0.032 ? ? ? ? ? ? ? ? ?    ? ? ? ? 0.033 ? 0 15 1 ? ? 
4.300 4.810 ? 75.900 ? 4864 453 ? 453 100.000 ? ? 1.000 ? 0.027 ? ? ? ? ? ? ? ? ?    ? ? ? ? 0.029 ? 0 16 1 ? ? 
4.810 5.550 ? 69.890 ? 4279 401 ? 401 100.000 ? ? 0.999 ? 0.028 ? ? ? ? ? ? ? ? ?    ? ? ? ? 0.030 ? 0 17 1 ? ? 
5.550 6.800 ? 66.880 ? 3781 350 ? 350 100.000 ? ? 1.000 ? 0.029 ? ? ? ? ? ? ? ? ?    ? ? ? ? 0.030 ? 0 18 1 ? ? 
6.800 9.620 ? 74.570 ? 2815 269 ? 269 100.000 ? ? 1.000 ? 0.024 ? ? ? ? ? ? ? ? ?    ? ? ? ? 0.025 ? 0 19 1 ? ? 
9.620 50    ? 87.490 ? 1441 161 ? 159 98.800  ? ? 1.000 ? 0.019 ? ? ? ? ? ? ? ? ?    ? ? ? ? 0.020 ? 0 20 1 ? ? 
# 
_refine.aniso_B[1][1]                            ? 
_refine.aniso_B[1][2]                            ? 
_refine.aniso_B[1][3]                            ? 
_refine.aniso_B[2][2]                            ? 
_refine.aniso_B[2][3]                            ? 
_refine.aniso_B[3][3]                            ? 
_refine.B_iso_max                                97.990 
_refine.B_iso_mean                               38.7782 
_refine.B_iso_min                                18.110 
_refine.correlation_coeff_Fo_to_Fc               ? 
_refine.correlation_coeff_Fo_to_Fc_free          ? 
_refine.details                                  ? 
_refine.diff_density_max                         ? 
_refine.diff_density_max_esd                     ? 
_refine.diff_density_min                         ? 
_refine.diff_density_min_esd                     ? 
_refine.diff_density_rms                         ? 
_refine.diff_density_rms_esd                     ? 
_refine.entry_id                                 5HAL 
_refine.pdbx_refine_id                           'X-RAY DIFFRACTION' 
_refine.ls_abs_structure_details                 ? 
_refine.ls_abs_structure_Flack                   ? 
_refine.ls_abs_structure_Flack_esd               ? 
_refine.ls_abs_structure_Rogers                  ? 
_refine.ls_abs_structure_Rogers_esd              ? 
_refine.ls_d_res_high                            2.1507 
_refine.ls_d_res_low                             45.2500 
_refine.ls_extinction_coef                       ? 
_refine.ls_extinction_coef_esd                   ? 
_refine.ls_extinction_expression                 ? 
_refine.ls_extinction_method                     ? 
_refine.ls_goodness_of_fit_all                   ? 
_refine.ls_goodness_of_fit_all_esd               ? 
_refine.ls_goodness_of_fit_obs                   ? 
_refine.ls_goodness_of_fit_obs_esd               ? 
_refine.ls_hydrogen_treatment                    ? 
_refine.ls_matrix_type                           ? 
_refine.ls_number_constraints                    ? 
_refine.ls_number_parameters                     ? 
_refine.ls_number_reflns_all                     ? 
_refine.ls_number_reflns_obs                     12481 
_refine.ls_number_reflns_R_free                  630 
_refine.ls_number_reflns_R_work                  11851 
_refine.ls_number_restraints                     ? 
_refine.ls_percent_reflns_obs                    99.9300 
_refine.ls_percent_reflns_R_free                 5.0500 
_refine.ls_R_factor_all                          ? 
_refine.ls_R_factor_obs                          0.1641 
_refine.ls_R_factor_R_free                       0.1867 
_refine.ls_R_factor_R_free_error                 ? 
_refine.ls_R_factor_R_free_error_details         ? 
_refine.ls_R_factor_R_work                       0.1629 
_refine.ls_R_Fsqd_factor_obs                     ? 
_refine.ls_R_I_factor_obs                        ? 
_refine.ls_redundancy_reflns_all                 ? 
_refine.ls_redundancy_reflns_obs                 ? 
_refine.ls_restrained_S_all                      ? 
_refine.ls_restrained_S_obs                      ? 
_refine.ls_shift_over_esd_max                    ? 
_refine.ls_shift_over_esd_mean                   ? 
_refine.ls_structure_factor_coef                 ? 
_refine.ls_weighting_details                     ? 
_refine.ls_weighting_scheme                      ? 
_refine.ls_wR_factor_all                         ? 
_refine.ls_wR_factor_obs                         ? 
_refine.ls_wR_factor_R_free                      ? 
_refine.ls_wR_factor_R_work                      ? 
_refine.occupancy_max                            ? 
_refine.occupancy_min                            ? 
_refine.solvent_model_details                    'FLAT BULK SOLVENT MODEL' 
_refine.solvent_model_param_bsol                 ? 
_refine.solvent_model_param_ksol                 ? 
_refine.ls_R_factor_gt                           ? 
_refine.ls_goodness_of_fit_gt                    ? 
_refine.ls_goodness_of_fit_ref                   ? 
_refine.ls_shift_over_su_max                     ? 
_refine.ls_shift_over_su_max_lt                  ? 
_refine.ls_shift_over_su_mean                    ? 
_refine.ls_shift_over_su_mean_lt                 ? 
_refine.pdbx_ls_sigma_I                          ? 
_refine.pdbx_ls_sigma_F                          1.340 
_refine.pdbx_ls_sigma_Fsqd                       ? 
_refine.pdbx_data_cutoff_high_absF               ? 
_refine.pdbx_data_cutoff_high_rms_absF           ? 
_refine.pdbx_data_cutoff_low_absF                ? 
_refine.pdbx_isotropic_thermal_model             ? 
_refine.pdbx_ls_cross_valid_method               'FREE R-VALUE' 
_refine.pdbx_method_to_determine_struct          SAD 
_refine.pdbx_starting_model                      ? 
_refine.pdbx_stereochemistry_target_values       ML 
_refine.pdbx_R_Free_selection_details            ? 
_refine.pdbx_stereochem_target_val_spec_case     ? 
_refine.pdbx_overall_ESU_R                       ? 
_refine.pdbx_overall_ESU_R_Free                  ? 
_refine.pdbx_solvent_vdw_probe_radii             1.1100 
_refine.pdbx_solvent_ion_probe_radii             ? 
_refine.pdbx_solvent_shrinkage_radii             0.9000 
_refine.pdbx_real_space_R                        ? 
_refine.pdbx_density_correlation                 ? 
_refine.pdbx_pd_number_of_powder_patterns        ? 
_refine.pdbx_pd_number_of_points                 ? 
_refine.pdbx_pd_meas_number_of_points            ? 
_refine.pdbx_pd_proc_ls_prof_R_factor            ? 
_refine.pdbx_pd_proc_ls_prof_wR_factor           ? 
_refine.pdbx_pd_Marquardt_correlation_coeff      ? 
_refine.pdbx_pd_Fsqrd_R_factor                   ? 
_refine.pdbx_pd_ls_matrix_band_width             ? 
_refine.pdbx_overall_phase_error                 19.0600 
_refine.pdbx_overall_SU_R_free_Cruickshank_DPI   ? 
_refine.pdbx_overall_SU_R_free_Blow_DPI          ? 
_refine.pdbx_overall_SU_R_Blow_DPI               ? 
_refine.pdbx_TLS_residual_ADP_flag               ? 
_refine.pdbx_diffrn_id                           1 
_refine.overall_SU_B                             ? 
_refine.overall_SU_ML                            0.1800 
_refine.overall_SU_R_Cruickshank_DPI             ? 
_refine.overall_SU_R_free                        ? 
_refine.overall_FOM_free_R_set                   ? 
_refine.overall_FOM_work_R_set                   ? 
_refine.pdbx_average_fsc_overall                 ? 
_refine.pdbx_average_fsc_work                    ? 
_refine.pdbx_average_fsc_free                    ? 
# 
_refine_hist.cycle_id                         final 
_refine_hist.pdbx_refine_id                   'X-RAY DIFFRACTION' 
_refine_hist.d_res_high                       2.1507 
_refine_hist.d_res_low                        45.2500 
_refine_hist.pdbx_number_atoms_ligand         4 
_refine_hist.number_atoms_solvent             85 
_refine_hist.number_atoms_total               891 
_refine_hist.pdbx_number_residues_total       103 
_refine_hist.pdbx_B_iso_mean_ligand           61.13 
_refine_hist.pdbx_B_iso_mean_solvent          43.86 
_refine_hist.pdbx_number_atoms_protein        802 
_refine_hist.pdbx_number_atoms_nucleic_acid   0 
# 
loop_
_refine_ls_restr.pdbx_refine_id 
_refine_ls_restr.criterion 
_refine_ls_restr.dev_ideal 
_refine_ls_restr.dev_ideal_target 
_refine_ls_restr.number 
_refine_ls_restr.rejects 
_refine_ls_restr.type 
_refine_ls_restr.weight 
_refine_ls_restr.pdbx_restraint_function 
'X-RAY DIFFRACTION' ? 0.007  ? 840  ? f_bond_d           ? ? 
'X-RAY DIFFRACTION' ? 0.845  ? 1148 ? f_angle_d          ? ? 
'X-RAY DIFFRACTION' ? 0.057  ? 122  ? f_chiral_restr     ? ? 
'X-RAY DIFFRACTION' ? 0.005  ? 153  ? f_plane_restr      ? ? 
'X-RAY DIFFRACTION' ? 14.993 ? 484  ? f_dihedral_angle_d ? ? 
# 
loop_
_refine_ls_shell.pdbx_refine_id 
_refine_ls_shell.d_res_high 
_refine_ls_shell.d_res_low 
_refine_ls_shell.number_reflns_all 
_refine_ls_shell.number_reflns_obs 
_refine_ls_shell.number_reflns_R_free 
_refine_ls_shell.number_reflns_R_work 
_refine_ls_shell.percent_reflns_obs 
_refine_ls_shell.percent_reflns_R_free 
_refine_ls_shell.R_factor_all 
_refine_ls_shell.R_factor_obs 
_refine_ls_shell.R_factor_R_free 
_refine_ls_shell.R_factor_R_free_error 
_refine_ls_shell.R_factor_R_work 
_refine_ls_shell.redundancy_reflns_all 
_refine_ls_shell.redundancy_reflns_obs 
_refine_ls_shell.wR_factor_all 
_refine_ls_shell.wR_factor_obs 
_refine_ls_shell.wR_factor_R_free 
_refine_ls_shell.wR_factor_R_work 
_refine_ls_shell.pdbx_total_number_of_bins_used 
_refine_ls_shell.pdbx_phase_error 
_refine_ls_shell.pdbx_fsc_work 
_refine_ls_shell.pdbx_fsc_free 
'X-RAY DIFFRACTION' 2.1507 2.3671  3087 . 157 2930 100.0000 . . . 0.2507 . 0.2046 . . . . . . 4 . . . 
'X-RAY DIFFRACTION' 2.3671 2.7096  3097 . 157 2940 100.0000 . . . 0.2207 . 0.1927 . . . . . . 4 . . . 
'X-RAY DIFFRACTION' 2.7096 3.4137  3096 . 155 2941 100.0000 . . . 0.1884 . 0.1710 . . . . . . 4 . . . 
'X-RAY DIFFRACTION' 3.4137 45.2602 3201 . 161 3040 100.0000 . . . 0.1612 . 0.1411 . . . . . . 4 . . . 
# 
_struct.entry_id                     5HAL 
_struct.title                        'Crystal Structure of a putative beta-lactamase from Burkholderia vietnamiensis' 
_struct.pdbx_model_details           ? 
_struct.pdbx_formula_weight          ? 
_struct.pdbx_formula_weight_method   ? 
_struct.pdbx_model_type_details      ? 
_struct.pdbx_CASP_flag               ? 
# 
_struct_keywords.entry_id        5HAL 
_struct_keywords.text            
;SSGCID, putative beta-lactamase, Burkholderia vietnamiensis, Structural Genomics, Seattle Structural Genomics Center for Infectious Disease, hydrolase
;
_struct_keywords.pdbx_keywords   HYDROLASE 
# 
loop_
_struct_asym.id 
_struct_asym.pdbx_blank_PDB_chainid_flag 
_struct_asym.pdbx_modified 
_struct_asym.entity_id 
_struct_asym.details 
A N N 1 ? 
B N N 2 ? 
C N N 3 ? 
# 
_struct_ref.id                         1 
_struct_ref.db_name                    UNP 
_struct_ref.db_code                    A4JJY8_BURVG 
_struct_ref.pdbx_db_accession          A4JJY8 
_struct_ref.pdbx_db_isoform            ? 
_struct_ref.entity_id                  1 
_struct_ref.pdbx_seq_one_letter_code   
;MNASTRRPPFAGKTFEVRYDGLTALNAYDEDGRHMRYAITDGPYAGATGEVEYTWQPVAADTYAIAWQEADRATVVHIDD
FAAGTSRTFFTAASLDFHRLDGSLRAV
;
_struct_ref.pdbx_align_begin           1 
# 
_struct_ref_seq.align_id                      1 
_struct_ref_seq.ref_id                        1 
_struct_ref_seq.pdbx_PDB_id_code              5HAL 
_struct_ref_seq.pdbx_strand_id                A 
_struct_ref_seq.seq_align_beg                 9 
_struct_ref_seq.pdbx_seq_align_beg_ins_code   ? 
_struct_ref_seq.seq_align_end                 115 
_struct_ref_seq.pdbx_seq_align_end_ins_code   ? 
_struct_ref_seq.pdbx_db_accession             A4JJY8 
_struct_ref_seq.db_align_beg                  1 
_struct_ref_seq.pdbx_db_align_beg_ins_code    ? 
_struct_ref_seq.db_align_end                  107 
_struct_ref_seq.pdbx_db_align_end_ins_code    ? 
_struct_ref_seq.pdbx_auth_seq_align_beg       1 
_struct_ref_seq.pdbx_auth_seq_align_end       107 
# 
loop_
_struct_ref_seq_dif.align_id 
_struct_ref_seq_dif.pdbx_pdb_id_code 
_struct_ref_seq_dif.mon_id 
_struct_ref_seq_dif.pdbx_pdb_strand_id 
_struct_ref_seq_dif.seq_num 
_struct_ref_seq_dif.pdbx_pdb_ins_code 
_struct_ref_seq_dif.pdbx_seq_db_name 
_struct_ref_seq_dif.pdbx_seq_db_accession_code 
_struct_ref_seq_dif.db_mon_id 
_struct_ref_seq_dif.pdbx_seq_db_seq_num 
_struct_ref_seq_dif.details 
_struct_ref_seq_dif.pdbx_auth_seq_num 
_struct_ref_seq_dif.pdbx_ordinal 
1 5HAL MET A 1 ? UNP A4JJY8 ? ? 'initiating methionine' -7 1 
1 5HAL ALA A 2 ? UNP A4JJY8 ? ? 'expression tag'        -6 2 
1 5HAL HIS A 3 ? UNP A4JJY8 ? ? 'expression tag'        -5 3 
1 5HAL HIS A 4 ? UNP A4JJY8 ? ? 'expression tag'        -4 4 
1 5HAL HIS A 5 ? UNP A4JJY8 ? ? 'expression tag'        -3 5 
1 5HAL HIS A 6 ? UNP A4JJY8 ? ? 'expression tag'        -2 6 
1 5HAL HIS A 7 ? UNP A4JJY8 ? ? 'expression tag'        -1 7 
1 5HAL HIS A 8 ? UNP A4JJY8 ? ? 'expression tag'        0  8 
# 
_pdbx_struct_assembly.id                   1 
_pdbx_struct_assembly.details              author_and_software_defined_assembly 
_pdbx_struct_assembly.method_details       PISA 
_pdbx_struct_assembly.oligomeric_details   monomeric 
_pdbx_struct_assembly.oligomeric_count     1 
# 
loop_
_pdbx_struct_assembly_prop.biol_id 
_pdbx_struct_assembly_prop.type 
_pdbx_struct_assembly_prop.value 
_pdbx_struct_assembly_prop.details 
1 'ABSA (A^2)' 0    ? 
1 MORE         0    ? 
1 'SSA (A^2)'  6080 ? 
# 
_pdbx_struct_assembly_gen.assembly_id       1 
_pdbx_struct_assembly_gen.oper_expression   1 
_pdbx_struct_assembly_gen.asym_id_list      A,B,C 
# 
_pdbx_struct_assembly_auth_evidence.id                     1 
_pdbx_struct_assembly_auth_evidence.assembly_id            1 
_pdbx_struct_assembly_auth_evidence.experimental_support   'gel filtration' 
_pdbx_struct_assembly_auth_evidence.details                ? 
# 
_pdbx_struct_oper_list.id                   1 
_pdbx_struct_oper_list.type                 'identity operation' 
_pdbx_struct_oper_list.name                 1_555 
_pdbx_struct_oper_list.symmetry_operation   x,y,z 
_pdbx_struct_oper_list.matrix[1][1]         1.0000000000 
_pdbx_struct_oper_list.matrix[1][2]         0.0000000000 
_pdbx_struct_oper_list.matrix[1][3]         0.0000000000 
_pdbx_struct_oper_list.vector[1]            0.0000000000 
_pdbx_struct_oper_list.matrix[2][1]         0.0000000000 
_pdbx_struct_oper_list.matrix[2][2]         1.0000000000 
_pdbx_struct_oper_list.matrix[2][3]         0.0000000000 
_pdbx_struct_oper_list.vector[2]            0.0000000000 
_pdbx_struct_oper_list.matrix[3][1]         0.0000000000 
_pdbx_struct_oper_list.matrix[3][2]         0.0000000000 
_pdbx_struct_oper_list.matrix[3][3]         1.0000000000 
_pdbx_struct_oper_list.vector[3]            0.0000000000 
# 
_struct_biol.details                      'Monomer confirmed by size exclusion chromatography' 
_struct_biol.id                           1 
_struct_biol.pdbx_parent_biol_id          ? 
_struct_biol.pdbx_formula_weight          ? 
_struct_biol.pdbx_formula_weight_method   ? 
_struct_biol.pdbx_aggregation_state       ? 
_struct_biol.pdbx_assembly_method         ? 
# 
_struct_sheet.id               AA1 
_struct_sheet.type             ? 
_struct_sheet.number_strands   9 
_struct_sheet.details          ? 
# 
loop_
_struct_sheet_order.sheet_id 
_struct_sheet_order.range_id_1 
_struct_sheet_order.range_id_2 
_struct_sheet_order.offset 
_struct_sheet_order.sense 
AA1 1 2 ? anti-parallel 
AA1 2 3 ? anti-parallel 
AA1 3 4 ? anti-parallel 
AA1 4 5 ? anti-parallel 
AA1 5 6 ? anti-parallel 
AA1 6 7 ? anti-parallel 
AA1 7 8 ? anti-parallel 
AA1 8 9 ? anti-parallel 
# 
loop_
_struct_sheet_range.sheet_id 
_struct_sheet_range.id 
_struct_sheet_range.beg_label_comp_id 
_struct_sheet_range.beg_label_asym_id 
_struct_sheet_range.beg_label_seq_id 
_struct_sheet_range.pdbx_beg_PDB_ins_code 
_struct_sheet_range.end_label_comp_id 
_struct_sheet_range.end_label_asym_id 
_struct_sheet_range.end_label_seq_id 
_struct_sheet_range.pdbx_end_PDB_ins_code 
_struct_sheet_range.beg_auth_comp_id 
_struct_sheet_range.beg_auth_asym_id 
_struct_sheet_range.beg_auth_seq_id 
_struct_sheet_range.end_auth_comp_id 
_struct_sheet_range.end_auth_asym_id 
_struct_sheet_range.end_auth_seq_id 
AA1 1 THR A 22  ? TYR A 27  ? THR A 14 TYR A 19  
AA1 2 LEU A 30  ? TYR A 36  ? LEU A 22 TYR A 28  
AA1 3 HIS A 42  ? ASP A 49  ? HIS A 34 ASP A 41  
AA1 4 THR A 56  ? ALA A 67  ? THR A 48 ALA A 59  
AA1 5 THR A 70  ? GLN A 76  ? THR A 62 GLN A 68  
AA1 6 THR A 82  ? ASP A 88  ? THR A 74 ASP A 80  
AA1 7 THR A 93  ? THR A 99  ? THR A 85 THR A 91  
AA1 8 PHE A 105 ? ALA A 114 ? PHE A 97 ALA A 106 
AA1 9 THR A 22  ? TYR A 27  ? THR A 14 TYR A 19  
# 
loop_
_pdbx_struct_sheet_hbond.sheet_id 
_pdbx_struct_sheet_hbond.range_id_1 
_pdbx_struct_sheet_hbond.range_id_2 
_pdbx_struct_sheet_hbond.range_1_label_atom_id 
_pdbx_struct_sheet_hbond.range_1_label_comp_id 
_pdbx_struct_sheet_hbond.range_1_label_asym_id 
_pdbx_struct_sheet_hbond.range_1_label_seq_id 
_pdbx_struct_sheet_hbond.range_1_PDB_ins_code 
_pdbx_struct_sheet_hbond.range_1_auth_atom_id 
_pdbx_struct_sheet_hbond.range_1_auth_comp_id 
_pdbx_struct_sheet_hbond.range_1_auth_asym_id 
_pdbx_struct_sheet_hbond.range_1_auth_seq_id 
_pdbx_struct_sheet_hbond.range_2_label_atom_id 
_pdbx_struct_sheet_hbond.range_2_label_comp_id 
_pdbx_struct_sheet_hbond.range_2_label_asym_id 
_pdbx_struct_sheet_hbond.range_2_label_seq_id 
_pdbx_struct_sheet_hbond.range_2_PDB_ins_code 
_pdbx_struct_sheet_hbond.range_2_auth_atom_id 
_pdbx_struct_sheet_hbond.range_2_auth_comp_id 
_pdbx_struct_sheet_hbond.range_2_auth_asym_id 
_pdbx_struct_sheet_hbond.range_2_auth_seq_id 
AA1 1 2 N TYR A 27  ? N TYR A 19  O LEU A 30  ? O LEU A 22  
AA1 2 3 N ALA A 35  ? N ALA A 27  O ARG A 44  ? O ARG A 36  
AA1 3 4 N MET A 43  ? N MET A 35  O VAL A 59  ? O VAL A 51  
AA1 4 5 N GLN A 64  ? N GLN A 56  O ALA A 72  ? O ALA A 64  
AA1 5 6 N ILE A 73  ? N ILE A 65  O HIS A 85  ? O HIS A 77  
AA1 6 7 N ILE A 86  ? N ILE A 78  O ARG A 95  ? O ARG A 87  
AA1 7 8 N THR A 96  ? N THR A 88  O LEU A 108 ? O LEU A 100 
AA1 8 9 O ARG A 113 ? O ARG A 105 N GLU A 24  ? N GLU A 16  
# 
_struct_site.id                   AC1 
_struct_site.pdbx_evidence_code   Software 
_struct_site.pdbx_auth_asym_id    A 
_struct_site.pdbx_auth_comp_id    EDO 
_struct_site.pdbx_auth_seq_id     201 
_struct_site.pdbx_auth_ins_code   ? 
_struct_site.pdbx_num_residues    4 
_struct_site.details              'binding site for residue EDO A 201' 
# 
loop_
_struct_site_gen.id 
_struct_site_gen.site_id 
_struct_site_gen.pdbx_num_res 
_struct_site_gen.label_comp_id 
_struct_site_gen.label_asym_id 
_struct_site_gen.label_seq_id 
_struct_site_gen.pdbx_auth_ins_code 
_struct_site_gen.auth_comp_id 
_struct_site_gen.auth_asym_id 
_struct_site_gen.auth_seq_id 
_struct_site_gen.label_atom_id 
_struct_site_gen.label_alt_id 
_struct_site_gen.symmetry 
_struct_site_gen.details 
1 AC1 4 HIS A 85 ? HIS A 77  . ? 1_555 ? 
2 AC1 4 HOH C .  ? HOH A 339 . ? 1_555 ? 
3 AC1 4 HOH C .  ? HOH A 349 . ? 1_555 ? 
4 AC1 4 HOH C .  ? HOH A 363 . ? 1_555 ? 
# 
_pdbx_entry_details.entry_id                   5HAL 
_pdbx_entry_details.compound_details           ? 
_pdbx_entry_details.source_details             ? 
_pdbx_entry_details.nonpolymer_details         ? 
_pdbx_entry_details.sequence_details           ? 
_pdbx_entry_details.has_ligand_of_interest     ? 
_pdbx_entry_details.has_protein_modification   N 
# 
_pdbx_validate_close_contact.id               1 
_pdbx_validate_close_contact.PDB_model_num    1 
_pdbx_validate_close_contact.auth_atom_id_1   O 
_pdbx_validate_close_contact.auth_asym_id_1   A 
_pdbx_validate_close_contact.auth_comp_id_1   HOH 
_pdbx_validate_close_contact.auth_seq_id_1    366 
_pdbx_validate_close_contact.PDB_ins_code_1   ? 
_pdbx_validate_close_contact.label_alt_id_1   ? 
_pdbx_validate_close_contact.auth_atom_id_2   O 
_pdbx_validate_close_contact.auth_asym_id_2   A 
_pdbx_validate_close_contact.auth_comp_id_2   HOH 
_pdbx_validate_close_contact.auth_seq_id_2    376 
_pdbx_validate_close_contact.PDB_ins_code_2   ? 
_pdbx_validate_close_contact.label_alt_id_2   ? 
_pdbx_validate_close_contact.dist             2.19 
# 
_pdbx_validate_torsion.id              1 
_pdbx_validate_torsion.PDB_model_num   1 
_pdbx_validate_torsion.auth_comp_id    ASP 
_pdbx_validate_torsion.auth_asym_id    A 
_pdbx_validate_torsion.auth_seq_id     61 
_pdbx_validate_torsion.PDB_ins_code    ? 
_pdbx_validate_torsion.label_alt_id    ? 
_pdbx_validate_torsion.phi             56.75 
_pdbx_validate_torsion.psi             15.33 
# 
_pdbx_SG_project.id                    1 
_pdbx_SG_project.project_name          'NIAID, National Institute of Allergy and Infectious Diseases' 
_pdbx_SG_project.full_name_of_center   'Seattle Structural Genomics Center for Infectious Disease' 
_pdbx_SG_project.initial_of_center     SSGCID 
# 
_diffrn_reflns.diffrn_id                   1 
_diffrn_reflns.pdbx_d_res_high             2.100 
_diffrn_reflns.pdbx_d_res_low              ? 
_diffrn_reflns.pdbx_number_obs             24773 
_diffrn_reflns.pdbx_Rmerge_I_obs           0.084 
_diffrn_reflns.pdbx_Rsym_value             ? 
_diffrn_reflns.pdbx_chi_squared            1.10 
_diffrn_reflns.pdbx_redundancy             ? 
_diffrn_reflns.pdbx_rejects                ? 
_diffrn_reflns.pdbx_percent_possible_obs   99.30 
_diffrn_reflns.pdbx_observed_criterion     ? 
_diffrn_reflns.number                      544959 
_diffrn_reflns.limit_h_max                 ? 
_diffrn_reflns.limit_h_min                 ? 
_diffrn_reflns.limit_k_max                 ? 
_diffrn_reflns.limit_k_min                 ? 
_diffrn_reflns.limit_l_max                 ? 
_diffrn_reflns.limit_l_min                 ? 
# 
loop_
_pdbx_diffrn_reflns_shell.diffrn_id 
_pdbx_diffrn_reflns_shell.d_res_high 
_pdbx_diffrn_reflns_shell.d_res_low 
_pdbx_diffrn_reflns_shell.number_obs 
_pdbx_diffrn_reflns_shell.rejects 
_pdbx_diffrn_reflns_shell.Rmerge_I_obs 
_pdbx_diffrn_reflns_shell.Rsym_value 
_pdbx_diffrn_reflns_shell.chi_squared 
_pdbx_diffrn_reflns_shell.redundancy 
_pdbx_diffrn_reflns_shell.percent_possible_obs 
1 9.39 50   279  ? 0.035 ? ? ? ? 
1 6.64 9.39 503  ? 0.036 ? ? ? ? 
1 5.42 6.64 659  ? 0.040 ? ? ? ? 
1 4.70 5.42 790  ? 0.039 ? ? ? ? 
1 4.20 4.70 876  ? 0.042 ? ? ? ? 
1 3.83 4.20 987  ? 0.048 ? ? ? ? 
1 3.55 3.83 1070 ? 0.053 ? ? ? ? 
1 3.32 3.55 1125 ? 0.062 ? ? ? ? 
1 3.13 3.32 1229 ? 0.081 ? ? ? ? 
1 2.97 3.13 1266 ? 0.093 ? ? ? ? 
1 2.83 2.97 1329 ? 0.116 ? ? ? ? 
1 2.71 2.83 1427 ? 0.138 ? ? ? ? 
1 2.60 2.71 1453 ? 0.172 ? ? ? ? 
1 2.51 2.60 1507 ? 0.228 ? ? ? ? 
1 2.42 2.51 1550 ? 0.292 ? ? ? ? 
1 2.35 2.42 1669 ? 0.336 ? ? ? ? 
1 2.28 2.35 1648 ? 0.397 ? ? ? ? 
1 2.21 2.28 1761 ? 0.451 ? ? ? ? 
1 2.15 2.21 1742 ? 0.568 ? ? ? ? 
1 2.10 2.15 1903 ? 0.641 ? ? ? ? 
# 
loop_
_pdbx_refine_tls.id 
_pdbx_refine_tls.pdbx_refine_id 
_pdbx_refine_tls.details 
_pdbx_refine_tls.method 
_pdbx_refine_tls.origin_x 
_pdbx_refine_tls.origin_y 
_pdbx_refine_tls.origin_z 
_pdbx_refine_tls.T[1][1] 
_pdbx_refine_tls.T[1][1]_esd 
_pdbx_refine_tls.T[1][2] 
_pdbx_refine_tls.T[1][2]_esd 
_pdbx_refine_tls.T[1][3] 
_pdbx_refine_tls.T[1][3]_esd 
_pdbx_refine_tls.T[2][2] 
_pdbx_refine_tls.T[2][2]_esd 
_pdbx_refine_tls.T[2][3] 
_pdbx_refine_tls.T[2][3]_esd 
_pdbx_refine_tls.T[3][3] 
_pdbx_refine_tls.T[3][3]_esd 
_pdbx_refine_tls.L[1][1] 
_pdbx_refine_tls.L[1][1]_esd 
_pdbx_refine_tls.L[1][2] 
_pdbx_refine_tls.L[1][2]_esd 
_pdbx_refine_tls.L[1][3] 
_pdbx_refine_tls.L[1][3]_esd 
_pdbx_refine_tls.L[2][2] 
_pdbx_refine_tls.L[2][2]_esd 
_pdbx_refine_tls.L[2][3] 
_pdbx_refine_tls.L[2][3]_esd 
_pdbx_refine_tls.L[3][3] 
_pdbx_refine_tls.L[3][3]_esd 
_pdbx_refine_tls.S[1][1] 
_pdbx_refine_tls.S[1][1]_esd 
_pdbx_refine_tls.S[1][2] 
_pdbx_refine_tls.S[1][2]_esd 
_pdbx_refine_tls.S[1][3] 
_pdbx_refine_tls.S[1][3]_esd 
_pdbx_refine_tls.S[2][1] 
_pdbx_refine_tls.S[2][1]_esd 
_pdbx_refine_tls.S[2][2] 
_pdbx_refine_tls.S[2][2]_esd 
_pdbx_refine_tls.S[2][3] 
_pdbx_refine_tls.S[2][3]_esd 
_pdbx_refine_tls.S[3][1] 
_pdbx_refine_tls.S[3][1]_esd 
_pdbx_refine_tls.S[3][2] 
_pdbx_refine_tls.S[3][2]_esd 
_pdbx_refine_tls.S[3][3] 
_pdbx_refine_tls.S[3][3]_esd 
1 'X-RAY DIFFRACTION' ? refined 3.6886  -2.3057 -2.9644 0.1704 ? -0.0209 ? 0.0492 ? 0.3014 ? -0.0508 ? 0.2754 ? 8.2312 ? -2.4608 ? -3.2349 ? 7.4145 ? -0.7571 ? 2.2930 ? -0.2240 ? 0.8382 ? -0.2205 ? -0.1354 ? -0.1298 ? -0.2483 ? 0.1208  ? 0.0270  ? 0.3484  ? 
2 'X-RAY DIFFRACTION' ? refined 3.7563  6.0090  -3.1210 0.2424 ? 0.0240  ? 0.0967 ? 0.3711 ? 0.1275  ? 0.4643 ? 8.2512 ? -4.6469 ? 4.3414  ? 5.7377 ? -2.1062 ? 7.5837 ? 0.3441  ? 0.5659 ? 0.6135  ? -0.2935 ? -0.2168 ? 0.4595  ? -0.0364 ? -0.3564 ? -0.3216 ? 
3 'X-RAY DIFFRACTION' ? refined -2.5578 -0.7920 2.6872  0.1636 ? -0.0233 ? 0.0448 ? 0.2105 ? -0.0066 ? 0.2489 ? 5.8355 ? -1.8847 ? -0.5871 ? 3.2658 ? 1.0167  ? 2.3359 ? -0.0240 ? 0.3708 ? -0.3989 ? -0.1883 ? -0.0881 ? -0.0358 ? 0.0261  ? 0.0079  ? 0.0889  ? 
# 
loop_
_pdbx_refine_tls_group.id 
_pdbx_refine_tls_group.pdbx_refine_id 
_pdbx_refine_tls_group.refine_tls_id 
_pdbx_refine_tls_group.beg_label_asym_id 
_pdbx_refine_tls_group.beg_label_seq_id 
_pdbx_refine_tls_group.beg_auth_asym_id 
_pdbx_refine_tls_group.beg_auth_seq_id 
_pdbx_refine_tls_group.end_label_asym_id 
_pdbx_refine_tls_group.end_label_seq_id 
_pdbx_refine_tls_group.end_auth_asym_id 
_pdbx_refine_tls_group.end_auth_seq_id 
_pdbx_refine_tls_group.selection 
_pdbx_refine_tls_group.selection_details 
1 'X-RAY DIFFRACTION' 1 ? ? A 0 ? ? A 0 ? 
;chain 'A' and (resid 5 through 28 )
;
2 'X-RAY DIFFRACTION' 2 ? ? A 0 ? ? A 0 ? 
;chain 'A' and (resid 29 through 47 )
;
3 'X-RAY DIFFRACTION' 3 ? ? A 0 ? ? A 0 ? 
;chain 'A' and (resid 48 through 107 )
;
# 
_pdbx_phasing_MR.entry_id                     5HAL 
_pdbx_phasing_MR.method_rotation              ? 
_pdbx_phasing_MR.method_translation           ? 
_pdbx_phasing_MR.model_details                'Phaser MODE: EP_AUTO' 
_pdbx_phasing_MR.R_factor                     ? 
_pdbx_phasing_MR.R_rigid_body                 ? 
_pdbx_phasing_MR.correlation_coeff_Fo_to_Fc   ? 
_pdbx_phasing_MR.correlation_coeff_Io_to_Ic   ? 
_pdbx_phasing_MR.d_res_high_rotation          ? 
_pdbx_phasing_MR.d_res_low_rotation           ? 
_pdbx_phasing_MR.d_res_high_translation       ? 
_pdbx_phasing_MR.d_res_low_translation        ? 
_pdbx_phasing_MR.packing                      ? 
_pdbx_phasing_MR.reflns_percent_rotation      ? 
_pdbx_phasing_MR.reflns_percent_translation   ? 
_pdbx_phasing_MR.sigma_F_rotation             ? 
_pdbx_phasing_MR.sigma_F_translation          ? 
_pdbx_phasing_MR.sigma_I_rotation             ? 
_pdbx_phasing_MR.sigma_I_translation          ? 
# 
_phasing.method   MR 
# 
loop_
_pdbx_unobs_or_zero_occ_residues.id 
_pdbx_unobs_or_zero_occ_residues.PDB_model_num 
_pdbx_unobs_or_zero_occ_residues.polymer_flag 
_pdbx_unobs_or_zero_occ_residues.occupancy_flag 
_pdbx_unobs_or_zero_occ_residues.auth_asym_id 
_pdbx_unobs_or_zero_occ_residues.auth_comp_id 
_pdbx_unobs_or_zero_occ_residues.auth_seq_id 
_pdbx_unobs_or_zero_occ_residues.PDB_ins_code 
_pdbx_unobs_or_zero_occ_residues.label_asym_id 
_pdbx_unobs_or_zero_occ_residues.label_comp_id 
_pdbx_unobs_or_zero_occ_residues.label_seq_id 
1  1 Y 1 A MET -7 ? A MET 1  
2  1 Y 1 A ALA -6 ? A ALA 2  
3  1 Y 1 A HIS -5 ? A HIS 3  
4  1 Y 1 A HIS -4 ? A HIS 4  
5  1 Y 1 A HIS -3 ? A HIS 5  
6  1 Y 1 A HIS -2 ? A HIS 6  
7  1 Y 1 A HIS -1 ? A HIS 7  
8  1 Y 1 A HIS 0  ? A HIS 8  
9  1 Y 1 A MET 1  ? A MET 9  
10 1 Y 1 A ASN 2  ? A ASN 10 
11 1 Y 1 A ALA 3  ? A ALA 11 
12 1 Y 1 A SER 4  ? A SER 12 
# 
loop_
_chem_comp_atom.comp_id 
_chem_comp_atom.atom_id 
_chem_comp_atom.type_symbol 
_chem_comp_atom.pdbx_aromatic_flag 
_chem_comp_atom.pdbx_stereo_config 
_chem_comp_atom.pdbx_ordinal 
ALA N    N N N 1   
ALA CA   C N S 2   
ALA C    C N N 3   
ALA O    O N N 4   
ALA CB   C N N 5   
ALA OXT  O N N 6   
ALA H    H N N 7   
ALA H2   H N N 8   
ALA HA   H N N 9   
ALA HB1  H N N 10  
ALA HB2  H N N 11  
ALA HB3  H N N 12  
ALA HXT  H N N 13  
ARG N    N N N 14  
ARG CA   C N S 15  
ARG C    C N N 16  
ARG O    O N N 17  
ARG CB   C N N 18  
ARG CG   C N N 19  
ARG CD   C N N 20  
ARG NE   N N N 21  
ARG CZ   C N N 22  
ARG NH1  N N N 23  
ARG NH2  N N N 24  
ARG OXT  O N N 25  
ARG H    H N N 26  
ARG H2   H N N 27  
ARG HA   H N N 28  
ARG HB2  H N N 29  
ARG HB3  H N N 30  
ARG HG2  H N N 31  
ARG HG3  H N N 32  
ARG HD2  H N N 33  
ARG HD3  H N N 34  
ARG HE   H N N 35  
ARG HH11 H N N 36  
ARG HH12 H N N 37  
ARG HH21 H N N 38  
ARG HH22 H N N 39  
ARG HXT  H N N 40  
ASN N    N N N 41  
ASN CA   C N S 42  
ASN C    C N N 43  
ASN O    O N N 44  
ASN CB   C N N 45  
ASN CG   C N N 46  
ASN OD1  O N N 47  
ASN ND2  N N N 48  
ASN OXT  O N N 49  
ASN H    H N N 50  
ASN H2   H N N 51  
ASN HA   H N N 52  
ASN HB2  H N N 53  
ASN HB3  H N N 54  
ASN HD21 H N N 55  
ASN HD22 H N N 56  
ASN HXT  H N N 57  
ASP N    N N N 58  
ASP CA   C N S 59  
ASP C    C N N 60  
ASP O    O N N 61  
ASP CB   C N N 62  
ASP CG   C N N 63  
ASP OD1  O N N 64  
ASP OD2  O N N 65  
ASP OXT  O N N 66  
ASP H    H N N 67  
ASP H2   H N N 68  
ASP HA   H N N 69  
ASP HB2  H N N 70  
ASP HB3  H N N 71  
ASP HD2  H N N 72  
ASP HXT  H N N 73  
EDO C1   C N N 74  
EDO O1   O N N 75  
EDO C2   C N N 76  
EDO O2   O N N 77  
EDO H11  H N N 78  
EDO H12  H N N 79  
EDO HO1  H N N 80  
EDO H21  H N N 81  
EDO H22  H N N 82  
EDO HO2  H N N 83  
GLN N    N N N 84  
GLN CA   C N S 85  
GLN C    C N N 86  
GLN O    O N N 87  
GLN CB   C N N 88  
GLN CG   C N N 89  
GLN CD   C N N 90  
GLN OE1  O N N 91  
GLN NE2  N N N 92  
GLN OXT  O N N 93  
GLN H    H N N 94  
GLN H2   H N N 95  
GLN HA   H N N 96  
GLN HB2  H N N 97  
GLN HB3  H N N 98  
GLN HG2  H N N 99  
GLN HG3  H N N 100 
GLN HE21 H N N 101 
GLN HE22 H N N 102 
GLN HXT  H N N 103 
GLU N    N N N 104 
GLU CA   C N S 105 
GLU C    C N N 106 
GLU O    O N N 107 
GLU CB   C N N 108 
GLU CG   C N N 109 
GLU CD   C N N 110 
GLU OE1  O N N 111 
GLU OE2  O N N 112 
GLU OXT  O N N 113 
GLU H    H N N 114 
GLU H2   H N N 115 
GLU HA   H N N 116 
GLU HB2  H N N 117 
GLU HB3  H N N 118 
GLU HG2  H N N 119 
GLU HG3  H N N 120 
GLU HE2  H N N 121 
GLU HXT  H N N 122 
GLY N    N N N 123 
GLY CA   C N N 124 
GLY C    C N N 125 
GLY O    O N N 126 
GLY OXT  O N N 127 
GLY H    H N N 128 
GLY H2   H N N 129 
GLY HA2  H N N 130 
GLY HA3  H N N 131 
GLY HXT  H N N 132 
HIS N    N N N 133 
HIS CA   C N S 134 
HIS C    C N N 135 
HIS O    O N N 136 
HIS CB   C N N 137 
HIS CG   C Y N 138 
HIS ND1  N Y N 139 
HIS CD2  C Y N 140 
HIS CE1  C Y N 141 
HIS NE2  N Y N 142 
HIS OXT  O N N 143 
HIS H    H N N 144 
HIS H2   H N N 145 
HIS HA   H N N 146 
HIS HB2  H N N 147 
HIS HB3  H N N 148 
HIS HD1  H N N 149 
HIS HD2  H N N 150 
HIS HE1  H N N 151 
HIS HE2  H N N 152 
HIS HXT  H N N 153 
HOH O    O N N 154 
HOH H1   H N N 155 
HOH H2   H N N 156 
ILE N    N N N 157 
ILE CA   C N S 158 
ILE C    C N N 159 
ILE O    O N N 160 
ILE CB   C N S 161 
ILE CG1  C N N 162 
ILE CG2  C N N 163 
ILE CD1  C N N 164 
ILE OXT  O N N 165 
ILE H    H N N 166 
ILE H2   H N N 167 
ILE HA   H N N 168 
ILE HB   H N N 169 
ILE HG12 H N N 170 
ILE HG13 H N N 171 
ILE HG21 H N N 172 
ILE HG22 H N N 173 
ILE HG23 H N N 174 
ILE HD11 H N N 175 
ILE HD12 H N N 176 
ILE HD13 H N N 177 
ILE HXT  H N N 178 
LEU N    N N N 179 
LEU CA   C N S 180 
LEU C    C N N 181 
LEU O    O N N 182 
LEU CB   C N N 183 
LEU CG   C N N 184 
LEU CD1  C N N 185 
LEU CD2  C N N 186 
LEU OXT  O N N 187 
LEU H    H N N 188 
LEU H2   H N N 189 
LEU HA   H N N 190 
LEU HB2  H N N 191 
LEU HB3  H N N 192 
LEU HG   H N N 193 
LEU HD11 H N N 194 
LEU HD12 H N N 195 
LEU HD13 H N N 196 
LEU HD21 H N N 197 
LEU HD22 H N N 198 
LEU HD23 H N N 199 
LEU HXT  H N N 200 
LYS N    N N N 201 
LYS CA   C N S 202 
LYS C    C N N 203 
LYS O    O N N 204 
LYS CB   C N N 205 
LYS CG   C N N 206 
LYS CD   C N N 207 
LYS CE   C N N 208 
LYS NZ   N N N 209 
LYS OXT  O N N 210 
LYS H    H N N 211 
LYS H2   H N N 212 
LYS HA   H N N 213 
LYS HB2  H N N 214 
LYS HB3  H N N 215 
LYS HG2  H N N 216 
LYS HG3  H N N 217 
LYS HD2  H N N 218 
LYS HD3  H N N 219 
LYS HE2  H N N 220 
LYS HE3  H N N 221 
LYS HZ1  H N N 222 
LYS HZ2  H N N 223 
LYS HZ3  H N N 224 
LYS HXT  H N N 225 
MET N    N N N 226 
MET CA   C N S 227 
MET C    C N N 228 
MET O    O N N 229 
MET CB   C N N 230 
MET CG   C N N 231 
MET SD   S N N 232 
MET CE   C N N 233 
MET OXT  O N N 234 
MET H    H N N 235 
MET H2   H N N 236 
MET HA   H N N 237 
MET HB2  H N N 238 
MET HB3  H N N 239 
MET HG2  H N N 240 
MET HG3  H N N 241 
MET HE1  H N N 242 
MET HE2  H N N 243 
MET HE3  H N N 244 
MET HXT  H N N 245 
PHE N    N N N 246 
PHE CA   C N S 247 
PHE C    C N N 248 
PHE O    O N N 249 
PHE CB   C N N 250 
PHE CG   C Y N 251 
PHE CD1  C Y N 252 
PHE CD2  C Y N 253 
PHE CE1  C Y N 254 
PHE CE2  C Y N 255 
PHE CZ   C Y N 256 
PHE OXT  O N N 257 
PHE H    H N N 258 
PHE H2   H N N 259 
PHE HA   H N N 260 
PHE HB2  H N N 261 
PHE HB3  H N N 262 
PHE HD1  H N N 263 
PHE HD2  H N N 264 
PHE HE1  H N N 265 
PHE HE2  H N N 266 
PHE HZ   H N N 267 
PHE HXT  H N N 268 
PRO N    N N N 269 
PRO CA   C N S 270 
PRO C    C N N 271 
PRO O    O N N 272 
PRO CB   C N N 273 
PRO CG   C N N 274 
PRO CD   C N N 275 
PRO OXT  O N N 276 
PRO H    H N N 277 
PRO HA   H N N 278 
PRO HB2  H N N 279 
PRO HB3  H N N 280 
PRO HG2  H N N 281 
PRO HG3  H N N 282 
PRO HD2  H N N 283 
PRO HD3  H N N 284 
PRO HXT  H N N 285 
SER N    N N N 286 
SER CA   C N S 287 
SER C    C N N 288 
SER O    O N N 289 
SER CB   C N N 290 
SER OG   O N N 291 
SER OXT  O N N 292 
SER H    H N N 293 
SER H2   H N N 294 
SER HA   H N N 295 
SER HB2  H N N 296 
SER HB3  H N N 297 
SER HG   H N N 298 
SER HXT  H N N 299 
THR N    N N N 300 
THR CA   C N S 301 
THR C    C N N 302 
THR O    O N N 303 
THR CB   C N R 304 
THR OG1  O N N 305 
THR CG2  C N N 306 
THR OXT  O N N 307 
THR H    H N N 308 
THR H2   H N N 309 
THR HA   H N N 310 
THR HB   H N N 311 
THR HG1  H N N 312 
THR HG21 H N N 313 
THR HG22 H N N 314 
THR HG23 H N N 315 
THR HXT  H N N 316 
TRP N    N N N 317 
TRP CA   C N S 318 
TRP C    C N N 319 
TRP O    O N N 320 
TRP CB   C N N 321 
TRP CG   C Y N 322 
TRP CD1  C Y N 323 
TRP CD2  C Y N 324 
TRP NE1  N Y N 325 
TRP CE2  C Y N 326 
TRP CE3  C Y N 327 
TRP CZ2  C Y N 328 
TRP CZ3  C Y N 329 
TRP CH2  C Y N 330 
TRP OXT  O N N 331 
TRP H    H N N 332 
TRP H2   H N N 333 
TRP HA   H N N 334 
TRP HB2  H N N 335 
TRP HB3  H N N 336 
TRP HD1  H N N 337 
TRP HE1  H N N 338 
TRP HE3  H N N 339 
TRP HZ2  H N N 340 
TRP HZ3  H N N 341 
TRP HH2  H N N 342 
TRP HXT  H N N 343 
TYR N    N N N 344 
TYR CA   C N S 345 
TYR C    C N N 346 
TYR O    O N N 347 
TYR CB   C N N 348 
TYR CG   C Y N 349 
TYR CD1  C Y N 350 
TYR CD2  C Y N 351 
TYR CE1  C Y N 352 
TYR CE2  C Y N 353 
TYR CZ   C Y N 354 
TYR OH   O N N 355 
TYR OXT  O N N 356 
TYR H    H N N 357 
TYR H2   H N N 358 
TYR HA   H N N 359 
TYR HB2  H N N 360 
TYR HB3  H N N 361 
TYR HD1  H N N 362 
TYR HD2  H N N 363 
TYR HE1  H N N 364 
TYR HE2  H N N 365 
TYR HH   H N N 366 
TYR HXT  H N N 367 
VAL N    N N N 368 
VAL CA   C N S 369 
VAL C    C N N 370 
VAL O    O N N 371 
VAL CB   C N N 372 
VAL CG1  C N N 373 
VAL CG2  C N N 374 
VAL OXT  O N N 375 
VAL H    H N N 376 
VAL H2   H N N 377 
VAL HA   H N N 378 
VAL HB   H N N 379 
VAL HG11 H N N 380 
VAL HG12 H N N 381 
VAL HG13 H N N 382 
VAL HG21 H N N 383 
VAL HG22 H N N 384 
VAL HG23 H N N 385 
VAL HXT  H N N 386 
# 
loop_
_chem_comp_bond.comp_id 
_chem_comp_bond.atom_id_1 
_chem_comp_bond.atom_id_2 
_chem_comp_bond.value_order 
_chem_comp_bond.pdbx_aromatic_flag 
_chem_comp_bond.pdbx_stereo_config 
_chem_comp_bond.pdbx_ordinal 
ALA N   CA   sing N N 1   
ALA N   H    sing N N 2   
ALA N   H2   sing N N 3   
ALA CA  C    sing N N 4   
ALA CA  CB   sing N N 5   
ALA CA  HA   sing N N 6   
ALA C   O    doub N N 7   
ALA C   OXT  sing N N 8   
ALA CB  HB1  sing N N 9   
ALA CB  HB2  sing N N 10  
ALA CB  HB3  sing N N 11  
ALA OXT HXT  sing N N 12  
ARG N   CA   sing N N 13  
ARG N   H    sing N N 14  
ARG N   H2   sing N N 15  
ARG CA  C    sing N N 16  
ARG CA  CB   sing N N 17  
ARG CA  HA   sing N N 18  
ARG C   O    doub N N 19  
ARG C   OXT  sing N N 20  
ARG CB  CG   sing N N 21  
ARG CB  HB2  sing N N 22  
ARG CB  HB3  sing N N 23  
ARG CG  CD   sing N N 24  
ARG CG  HG2  sing N N 25  
ARG CG  HG3  sing N N 26  
ARG CD  NE   sing N N 27  
ARG CD  HD2  sing N N 28  
ARG CD  HD3  sing N N 29  
ARG NE  CZ   sing N N 30  
ARG NE  HE   sing N N 31  
ARG CZ  NH1  sing N N 32  
ARG CZ  NH2  doub N N 33  
ARG NH1 HH11 sing N N 34  
ARG NH1 HH12 sing N N 35  
ARG NH2 HH21 sing N N 36  
ARG NH2 HH22 sing N N 37  
ARG OXT HXT  sing N N 38  
ASN N   CA   sing N N 39  
ASN N   H    sing N N 40  
ASN N   H2   sing N N 41  
ASN CA  C    sing N N 42  
ASN CA  CB   sing N N 43  
ASN CA  HA   sing N N 44  
ASN C   O    doub N N 45  
ASN C   OXT  sing N N 46  
ASN CB  CG   sing N N 47  
ASN CB  HB2  sing N N 48  
ASN CB  HB3  sing N N 49  
ASN CG  OD1  doub N N 50  
ASN CG  ND2  sing N N 51  
ASN ND2 HD21 sing N N 52  
ASN ND2 HD22 sing N N 53  
ASN OXT HXT  sing N N 54  
ASP N   CA   sing N N 55  
ASP N   H    sing N N 56  
ASP N   H2   sing N N 57  
ASP CA  C    sing N N 58  
ASP CA  CB   sing N N 59  
ASP CA  HA   sing N N 60  
ASP C   O    doub N N 61  
ASP C   OXT  sing N N 62  
ASP CB  CG   sing N N 63  
ASP CB  HB2  sing N N 64  
ASP CB  HB3  sing N N 65  
ASP CG  OD1  doub N N 66  
ASP CG  OD2  sing N N 67  
ASP OD2 HD2  sing N N 68  
ASP OXT HXT  sing N N 69  
EDO C1  O1   sing N N 70  
EDO C1  C2   sing N N 71  
EDO C1  H11  sing N N 72  
EDO C1  H12  sing N N 73  
EDO O1  HO1  sing N N 74  
EDO C2  O2   sing N N 75  
EDO C2  H21  sing N N 76  
EDO C2  H22  sing N N 77  
EDO O2  HO2  sing N N 78  
GLN N   CA   sing N N 79  
GLN N   H    sing N N 80  
GLN N   H2   sing N N 81  
GLN CA  C    sing N N 82  
GLN CA  CB   sing N N 83  
GLN CA  HA   sing N N 84  
GLN C   O    doub N N 85  
GLN C   OXT  sing N N 86  
GLN CB  CG   sing N N 87  
GLN CB  HB2  sing N N 88  
GLN CB  HB3  sing N N 89  
GLN CG  CD   sing N N 90  
GLN CG  HG2  sing N N 91  
GLN CG  HG3  sing N N 92  
GLN CD  OE1  doub N N 93  
GLN CD  NE2  sing N N 94  
GLN NE2 HE21 sing N N 95  
GLN NE2 HE22 sing N N 96  
GLN OXT HXT  sing N N 97  
GLU N   CA   sing N N 98  
GLU N   H    sing N N 99  
GLU N   H2   sing N N 100 
GLU CA  C    sing N N 101 
GLU CA  CB   sing N N 102 
GLU CA  HA   sing N N 103 
GLU C   O    doub N N 104 
GLU C   OXT  sing N N 105 
GLU CB  CG   sing N N 106 
GLU CB  HB2  sing N N 107 
GLU CB  HB3  sing N N 108 
GLU CG  CD   sing N N 109 
GLU CG  HG2  sing N N 110 
GLU CG  HG3  sing N N 111 
GLU CD  OE1  doub N N 112 
GLU CD  OE2  sing N N 113 
GLU OE2 HE2  sing N N 114 
GLU OXT HXT  sing N N 115 
GLY N   CA   sing N N 116 
GLY N   H    sing N N 117 
GLY N   H2   sing N N 118 
GLY CA  C    sing N N 119 
GLY CA  HA2  sing N N 120 
GLY CA  HA3  sing N N 121 
GLY C   O    doub N N 122 
GLY C   OXT  sing N N 123 
GLY OXT HXT  sing N N 124 
HIS N   CA   sing N N 125 
HIS N   H    sing N N 126 
HIS N   H2   sing N N 127 
HIS CA  C    sing N N 128 
HIS CA  CB   sing N N 129 
HIS CA  HA   sing N N 130 
HIS C   O    doub N N 131 
HIS C   OXT  sing N N 132 
HIS CB  CG   sing N N 133 
HIS CB  HB2  sing N N 134 
HIS CB  HB3  sing N N 135 
HIS CG  ND1  sing Y N 136 
HIS CG  CD2  doub Y N 137 
HIS ND1 CE1  doub Y N 138 
HIS ND1 HD1  sing N N 139 
HIS CD2 NE2  sing Y N 140 
HIS CD2 HD2  sing N N 141 
HIS CE1 NE2  sing Y N 142 
HIS CE1 HE1  sing N N 143 
HIS NE2 HE2  sing N N 144 
HIS OXT HXT  sing N N 145 
HOH O   H1   sing N N 146 
HOH O   H2   sing N N 147 
ILE N   CA   sing N N 148 
ILE N   H    sing N N 149 
ILE N   H2   sing N N 150 
ILE CA  C    sing N N 151 
ILE CA  CB   sing N N 152 
ILE CA  HA   sing N N 153 
ILE C   O    doub N N 154 
ILE C   OXT  sing N N 155 
ILE CB  CG1  sing N N 156 
ILE CB  CG2  sing N N 157 
ILE CB  HB   sing N N 158 
ILE CG1 CD1  sing N N 159 
ILE CG1 HG12 sing N N 160 
ILE CG1 HG13 sing N N 161 
ILE CG2 HG21 sing N N 162 
ILE CG2 HG22 sing N N 163 
ILE CG2 HG23 sing N N 164 
ILE CD1 HD11 sing N N 165 
ILE CD1 HD12 sing N N 166 
ILE CD1 HD13 sing N N 167 
ILE OXT HXT  sing N N 168 
LEU N   CA   sing N N 169 
LEU N   H    sing N N 170 
LEU N   H2   sing N N 171 
LEU CA  C    sing N N 172 
LEU CA  CB   sing N N 173 
LEU CA  HA   sing N N 174 
LEU C   O    doub N N 175 
LEU C   OXT  sing N N 176 
LEU CB  CG   sing N N 177 
LEU CB  HB2  sing N N 178 
LEU CB  HB3  sing N N 179 
LEU CG  CD1  sing N N 180 
LEU CG  CD2  sing N N 181 
LEU CG  HG   sing N N 182 
LEU CD1 HD11 sing N N 183 
LEU CD1 HD12 sing N N 184 
LEU CD1 HD13 sing N N 185 
LEU CD2 HD21 sing N N 186 
LEU CD2 HD22 sing N N 187 
LEU CD2 HD23 sing N N 188 
LEU OXT HXT  sing N N 189 
LYS N   CA   sing N N 190 
LYS N   H    sing N N 191 
LYS N   H2   sing N N 192 
LYS CA  C    sing N N 193 
LYS CA  CB   sing N N 194 
LYS CA  HA   sing N N 195 
LYS C   O    doub N N 196 
LYS C   OXT  sing N N 197 
LYS CB  CG   sing N N 198 
LYS CB  HB2  sing N N 199 
LYS CB  HB3  sing N N 200 
LYS CG  CD   sing N N 201 
LYS CG  HG2  sing N N 202 
LYS CG  HG3  sing N N 203 
LYS CD  CE   sing N N 204 
LYS CD  HD2  sing N N 205 
LYS CD  HD3  sing N N 206 
LYS CE  NZ   sing N N 207 
LYS CE  HE2  sing N N 208 
LYS CE  HE3  sing N N 209 
LYS NZ  HZ1  sing N N 210 
LYS NZ  HZ2  sing N N 211 
LYS NZ  HZ3  sing N N 212 
LYS OXT HXT  sing N N 213 
MET N   CA   sing N N 214 
MET N   H    sing N N 215 
MET N   H2   sing N N 216 
MET CA  C    sing N N 217 
MET CA  CB   sing N N 218 
MET CA  HA   sing N N 219 
MET C   O    doub N N 220 
MET C   OXT  sing N N 221 
MET CB  CG   sing N N 222 
MET CB  HB2  sing N N 223 
MET CB  HB3  sing N N 224 
MET CG  SD   sing N N 225 
MET CG  HG2  sing N N 226 
MET CG  HG3  sing N N 227 
MET SD  CE   sing N N 228 
MET CE  HE1  sing N N 229 
MET CE  HE2  sing N N 230 
MET CE  HE3  sing N N 231 
MET OXT HXT  sing N N 232 
PHE N   CA   sing N N 233 
PHE N   H    sing N N 234 
PHE N   H2   sing N N 235 
PHE CA  C    sing N N 236 
PHE CA  CB   sing N N 237 
PHE CA  HA   sing N N 238 
PHE C   O    doub N N 239 
PHE C   OXT  sing N N 240 
PHE CB  CG   sing N N 241 
PHE CB  HB2  sing N N 242 
PHE CB  HB3  sing N N 243 
PHE CG  CD1  doub Y N 244 
PHE CG  CD2  sing Y N 245 
PHE CD1 CE1  sing Y N 246 
PHE CD1 HD1  sing N N 247 
PHE CD2 CE2  doub Y N 248 
PHE CD2 HD2  sing N N 249 
PHE CE1 CZ   doub Y N 250 
PHE CE1 HE1  sing N N 251 
PHE CE2 CZ   sing Y N 252 
PHE CE2 HE2  sing N N 253 
PHE CZ  HZ   sing N N 254 
PHE OXT HXT  sing N N 255 
PRO N   CA   sing N N 256 
PRO N   CD   sing N N 257 
PRO N   H    sing N N 258 
PRO CA  C    sing N N 259 
PRO CA  CB   sing N N 260 
PRO CA  HA   sing N N 261 
PRO C   O    doub N N 262 
PRO C   OXT  sing N N 263 
PRO CB  CG   sing N N 264 
PRO CB  HB2  sing N N 265 
PRO CB  HB3  sing N N 266 
PRO CG  CD   sing N N 267 
PRO CG  HG2  sing N N 268 
PRO CG  HG3  sing N N 269 
PRO CD  HD2  sing N N 270 
PRO CD  HD3  sing N N 271 
PRO OXT HXT  sing N N 272 
SER N   CA   sing N N 273 
SER N   H    sing N N 274 
SER N   H2   sing N N 275 
SER CA  C    sing N N 276 
SER CA  CB   sing N N 277 
SER CA  HA   sing N N 278 
SER C   O    doub N N 279 
SER C   OXT  sing N N 280 
SER CB  OG   sing N N 281 
SER CB  HB2  sing N N 282 
SER CB  HB3  sing N N 283 
SER OG  HG   sing N N 284 
SER OXT HXT  sing N N 285 
THR N   CA   sing N N 286 
THR N   H    sing N N 287 
THR N   H2   sing N N 288 
THR CA  C    sing N N 289 
THR CA  CB   sing N N 290 
THR CA  HA   sing N N 291 
THR C   O    doub N N 292 
THR C   OXT  sing N N 293 
THR CB  OG1  sing N N 294 
THR CB  CG2  sing N N 295 
THR CB  HB   sing N N 296 
THR OG1 HG1  sing N N 297 
THR CG2 HG21 sing N N 298 
THR CG2 HG22 sing N N 299 
THR CG2 HG23 sing N N 300 
THR OXT HXT  sing N N 301 
TRP N   CA   sing N N 302 
TRP N   H    sing N N 303 
TRP N   H2   sing N N 304 
TRP CA  C    sing N N 305 
TRP CA  CB   sing N N 306 
TRP CA  HA   sing N N 307 
TRP C   O    doub N N 308 
TRP C   OXT  sing N N 309 
TRP CB  CG   sing N N 310 
TRP CB  HB2  sing N N 311 
TRP CB  HB3  sing N N 312 
TRP CG  CD1  doub Y N 313 
TRP CG  CD2  sing Y N 314 
TRP CD1 NE1  sing Y N 315 
TRP CD1 HD1  sing N N 316 
TRP CD2 CE2  doub Y N 317 
TRP CD2 CE3  sing Y N 318 
TRP NE1 CE2  sing Y N 319 
TRP NE1 HE1  sing N N 320 
TRP CE2 CZ2  sing Y N 321 
TRP CE3 CZ3  doub Y N 322 
TRP CE3 HE3  sing N N 323 
TRP CZ2 CH2  doub Y N 324 
TRP CZ2 HZ2  sing N N 325 
TRP CZ3 CH2  sing Y N 326 
TRP CZ3 HZ3  sing N N 327 
TRP CH2 HH2  sing N N 328 
TRP OXT HXT  sing N N 329 
TYR N   CA   sing N N 330 
TYR N   H    sing N N 331 
TYR N   H2   sing N N 332 
TYR CA  C    sing N N 333 
TYR CA  CB   sing N N 334 
TYR CA  HA   sing N N 335 
TYR C   O    doub N N 336 
TYR C   OXT  sing N N 337 
TYR CB  CG   sing N N 338 
TYR CB  HB2  sing N N 339 
TYR CB  HB3  sing N N 340 
TYR CG  CD1  doub Y N 341 
TYR CG  CD2  sing Y N 342 
TYR CD1 CE1  sing Y N 343 
TYR CD1 HD1  sing N N 344 
TYR CD2 CE2  doub Y N 345 
TYR CD2 HD2  sing N N 346 
TYR CE1 CZ   doub Y N 347 
TYR CE1 HE1  sing N N 348 
TYR CE2 CZ   sing Y N 349 
TYR CE2 HE2  sing N N 350 
TYR CZ  OH   sing N N 351 
TYR OH  HH   sing N N 352 
TYR OXT HXT  sing N N 353 
VAL N   CA   sing N N 354 
VAL N   H    sing N N 355 
VAL N   H2   sing N N 356 
VAL CA  C    sing N N 357 
VAL CA  CB   sing N N 358 
VAL CA  HA   sing N N 359 
VAL C   O    doub N N 360 
VAL C   OXT  sing N N 361 
VAL CB  CG1  sing N N 362 
VAL CB  CG2  sing N N 363 
VAL CB  HB   sing N N 364 
VAL CG1 HG11 sing N N 365 
VAL CG1 HG12 sing N N 366 
VAL CG1 HG13 sing N N 367 
VAL CG2 HG21 sing N N 368 
VAL CG2 HG22 sing N N 369 
VAL CG2 HG23 sing N N 370 
VAL OXT HXT  sing N N 371 
# 
_atom_sites.entry_id                    5HAL 
_atom_sites.fract_transf_matrix[1][1]   0.00216655 
_atom_sites.fract_transf_matrix[1][2]   -0.00861620 
_atom_sites.fract_transf_matrix[1][3]   -0.00156963 
_atom_sites.fract_transf_matrix[2][1]   -0.00288782 
_atom_sites.fract_transf_matrix[2][2]   -0.00222933 
_atom_sites.fract_transf_matrix[2][3]   0.00825149 
_atom_sites.fract_transf_matrix[3][1]   -0.00826819 
_atom_sites.fract_transf_matrix[3][2]   -0.00147910 
_atom_sites.fract_transf_matrix[3][3]   -0.00329328 
_atom_sites.fract_transf_vector[1]      0.001026 
_atom_sites.fract_transf_vector[2]      0.405789 
_atom_sites.fract_transf_vector[3]      0.212018 
# 
loop_
_atom_type.symbol 
C 
N 
O 
S 
# 
loop_
_atom_site.group_PDB 
_atom_site.id 
_atom_site.type_symbol 
_atom_site.label_atom_id 
_atom_site.label_alt_id 
_atom_site.label_comp_id 
_atom_site.label_asym_id 
_atom_site.label_entity_id 
_atom_site.label_seq_id 
_atom_site.pdbx_PDB_ins_code 
_atom_site.Cartn_x 
_atom_site.Cartn_y 
_atom_site.Cartn_z 
_atom_site.occupancy 
_atom_site.B_iso_or_equiv 
_atom_site.pdbx_formal_charge 
_atom_site.auth_seq_id 
_atom_site.auth_comp_id 
_atom_site.auth_asym_id 
_atom_site.auth_atom_id 
_atom_site.pdbx_PDB_model_num 
ATOM   1   N N   . THR A 1 13  ? 16.997  -4.697  12.281  1.00 91.92 ? 5   THR A N   1 
ATOM   2   C CA  . THR A 1 13  ? 17.451  -5.909  11.605  1.00 90.78 ? 5   THR A CA  1 
ATOM   3   C C   . THR A 1 13  ? 16.301  -6.601  10.860  1.00 90.60 ? 5   THR A C   1 
ATOM   4   O O   . THR A 1 13  ? 16.527  -7.395  9.943   1.00 94.20 ? 5   THR A O   1 
ATOM   5   C CB  . THR A 1 13  ? 18.083  -6.908  12.601  1.00 89.28 ? 5   THR A CB  1 
ATOM   6   N N   . ARG A 1 14  ? 15.071  -6.280  11.257  1.00 82.36 ? 6   ARG A N   1 
ATOM   7   C CA  . ARG A 1 14  ? 13.876  -6.939  10.736  1.00 77.08 ? 6   ARG A CA  1 
ATOM   8   C C   . ARG A 1 14  ? 13.488  -6.339  9.385   1.00 66.17 ? 6   ARG A C   1 
ATOM   9   O O   . ARG A 1 14  ? 13.207  -5.136  9.297   1.00 63.02 ? 6   ARG A O   1 
ATOM   10  C CB  . ARG A 1 14  ? 12.742  -6.790  11.750  1.00 78.10 ? 6   ARG A CB  1 
ATOM   11  C CG  . ARG A 1 14  ? 11.358  -7.175  11.262  1.00 73.34 ? 6   ARG A CG  1 
ATOM   12  C CD  . ARG A 1 14  ? 10.304  -6.941  12.353  1.00 75.04 ? 6   ARG A CD  1 
ATOM   13  N NE  . ARG A 1 14  ? 9.017   -7.553  12.017  1.00 70.16 ? 6   ARG A NE  1 
ATOM   14  C CZ  . ARG A 1 14  ? 7.902   -6.881  11.738  1.00 60.18 ? 6   ARG A CZ  1 
ATOM   15  N NH1 . ARG A 1 14  ? 7.886   -5.552  11.767  1.00 51.89 ? 6   ARG A NH1 1 
ATOM   16  N NH2 . ARG A 1 14  ? 6.793   -7.547  11.434  1.00 50.68 ? 6   ARG A NH2 1 
ATOM   17  N N   . ARG A 1 15  ? 13.476  -7.166  8.332   1.00 54.13 ? 7   ARG A N   1 
ATOM   18  C CA  . ARG A 1 15  ? 13.101  -6.698  6.997   1.00 52.58 ? 7   ARG A CA  1 
ATOM   19  C C   . ARG A 1 15  ? 11.933  -7.508  6.452   1.00 43.78 ? 7   ARG A C   1 
ATOM   20  O O   . ARG A 1 15  ? 11.961  -8.745  6.513   1.00 43.27 ? 7   ARG A O   1 
ATOM   21  C CB  . ARG A 1 15  ? 14.276  -6.785  5.998   1.00 59.03 ? 7   ARG A CB  1 
ATOM   22  C CG  . ARG A 1 15  ? 15.451  -5.848  6.257   1.00 67.69 ? 7   ARG A CG  1 
ATOM   23  C CD  . ARG A 1 15  ? 15.092  -4.375  6.049   1.00 57.87 ? 7   ARG A CD  1 
ATOM   24  N NE  . ARG A 1 15  ? 16.268  -3.514  6.189   1.00 61.43 ? 7   ARG A NE  1 
ATOM   25  C CZ  . ARG A 1 15  ? 16.757  -3.085  7.354   1.00 69.68 ? 7   ARG A CZ  1 
ATOM   26  N NH1 . ARG A 1 15  ? 16.174  -3.434  8.496   1.00 72.96 ? 7   ARG A NH1 1 
ATOM   27  N NH2 . ARG A 1 15  ? 17.832  -2.309  7.381   1.00 71.57 ? 7   ARG A NH2 1 
ATOM   28  N N   . PRO A 1 16  ? 10.917  -6.858  5.892   1.00 39.20 ? 8   PRO A N   1 
ATOM   29  C CA  . PRO A 1 16  ? 9.846   -7.587  5.207   1.00 34.61 ? 8   PRO A CA  1 
ATOM   30  C C   . PRO A 1 16  ? 10.348  -8.145  3.891   1.00 36.68 ? 8   PRO A C   1 
ATOM   31  O O   . PRO A 1 16  ? 11.299  -7.604  3.309   1.00 36.37 ? 8   PRO A O   1 
ATOM   32  C CB  . PRO A 1 16  ? 8.779   -6.509  4.980   1.00 30.22 ? 8   PRO A CB  1 
ATOM   33  C CG  . PRO A 1 16  ? 9.581   -5.252  4.841   1.00 30.86 ? 8   PRO A CG  1 
ATOM   34  C CD  . PRO A 1 16  ? 10.734  -5.399  5.808   1.00 31.47 ? 8   PRO A CD  1 
ATOM   35  N N   . PRO A 1 17  ? 9.745   -9.229  3.391   1.00 36.78 ? 9   PRO A N   1 
ATOM   36  C CA  . PRO A 1 17  ? 10.248  -9.819  2.145   1.00 33.34 ? 9   PRO A CA  1 
ATOM   37  C C   . PRO A 1 17  ? 10.049  -8.916  0.956   1.00 34.40 ? 9   PRO A C   1 
ATOM   38  O O   . PRO A 1 17  ? 10.733  -9.106  -0.055  1.00 35.85 ? 9   PRO A O   1 
ATOM   39  C CB  . PRO A 1 17  ? 9.437   -11.113 1.998   1.00 38.01 ? 9   PRO A CB  1 
ATOM   40  C CG  . PRO A 1 17  ? 8.599   -11.221 3.245   1.00 40.62 ? 9   PRO A CG  1 
ATOM   41  C CD  . PRO A 1 17  ? 8.516   -9.889  3.866   1.00 32.58 ? 9   PRO A CD  1 
ATOM   42  N N   . PHE A 1 18  ? 9.153   -7.933  1.048   1.00 27.96 ? 10  PHE A N   1 
ATOM   43  C CA  . PHE A 1 18  ? 8.908   -7.002  -0.043  1.00 31.07 ? 10  PHE A CA  1 
ATOM   44  C C   . PHE A 1 18  ? 9.790   -5.754  0.018   1.00 31.44 ? 10  PHE A C   1 
ATOM   45  O O   . PHE A 1 18  ? 9.624   -4.853  -0.814  1.00 28.76 ? 10  PHE A O   1 
ATOM   46  C CB  . PHE A 1 18  ? 7.422   -6.611  -0.083  1.00 28.93 ? 10  PHE A CB  1 
ATOM   47  C CG  . PHE A 1 18  ? 6.820   -6.292  1.262   1.00 31.26 ? 10  PHE A CG  1 
ATOM   48  C CD1 . PHE A 1 18  ? 6.154   -7.272  1.995   1.00 27.70 ? 10  PHE A CD1 1 
ATOM   49  C CD2 . PHE A 1 18  ? 6.887   -5.001  1.784   1.00 25.46 ? 10  PHE A CD2 1 
ATOM   50  C CE1 . PHE A 1 18  ? 5.579   -6.967  3.228   1.00 31.28 ? 10  PHE A CE1 1 
ATOM   51  C CE2 . PHE A 1 18  ? 6.322   -4.693  3.027   1.00 21.64 ? 10  PHE A CE2 1 
ATOM   52  C CZ  . PHE A 1 18  ? 5.662   -5.670  3.741   1.00 25.73 ? 10  PHE A CZ  1 
ATOM   53  N N   . ALA A 1 19  ? 10.740  -5.688  0.947   1.00 30.00 ? 11  ALA A N   1 
ATOM   54  C CA  . ALA A 1 19  ? 11.627  -4.527  1.003   1.00 30.89 ? 11  ALA A CA  1 
ATOM   55  C C   . ALA A 1 19  ? 12.482  -4.453  -0.261  1.00 35.01 ? 11  ALA A C   1 
ATOM   56  O O   . ALA A 1 19  ? 12.898  -5.474  -0.808  1.00 33.32 ? 11  ALA A O   1 
ATOM   57  C CB  . ALA A 1 19  ? 12.527  -4.589  2.245   1.00 29.33 ? 11  ALA A CB  1 
ATOM   58  N N   . GLY A 1 20  ? 12.742  -3.236  -0.729  1.00 28.86 ? 12  GLY A N   1 
ATOM   59  C CA  . GLY A 1 20  ? 13.555  -3.059  -1.918  1.00 32.09 ? 12  GLY A CA  1 
ATOM   60  C C   . GLY A 1 20  ? 12.845  -3.332  -3.231  1.00 29.67 ? 12  GLY A C   1 
ATOM   61  O O   . GLY A 1 20  ? 13.513  -3.447  -4.261  1.00 34.94 ? 12  GLY A O   1 
ATOM   62  N N   . LYS A 1 21  ? 11.513  -3.408  -3.231  1.00 26.66 ? 13  LYS A N   1 
ATOM   63  C CA  . LYS A 1 21  ? 10.725  -3.780  -4.396  1.00 31.01 ? 13  LYS A CA  1 
ATOM   64  C C   . LYS A 1 21  ? 9.548   -2.830  -4.555  1.00 32.79 ? 13  LYS A C   1 
ATOM   65  O O   . LYS A 1 21  ? 9.114   -2.188  -3.597  1.00 30.49 ? 13  LYS A O   1 
ATOM   66  C CB  . LYS A 1 21  ? 10.202  -5.227  -4.275  1.00 28.31 ? 13  LYS A CB  1 
ATOM   67  C CG  . LYS A 1 21  ? 11.330  -6.274  -4.272  1.00 36.79 ? 13  LYS A CG  1 
ATOM   68  C CD  . LYS A 1 21  ? 10.804  -7.617  -3.780  1.00 43.21 ? 13  LYS A CD  1 
ATOM   69  C CE  . LYS A 1 21  ? 11.946  -8.585  -3.526  1.00 53.11 ? 13  LYS A CE  1 
ATOM   70  N NZ  . LYS A 1 21  ? 11.463  -9.769  -2.769  1.00 60.38 ? 13  LYS A NZ  1 
ATOM   71  N N   . THR A 1 22  ? 9.014   -2.769  -5.775  1.00 33.66 ? 14  THR A N   1 
ATOM   72  C CA  . THR A 1 22  ? 7.884   -1.911  -6.107  1.00 32.82 ? 14  THR A CA  1 
ATOM   73  C C   . THR A 1 22  ? 6.755   -2.754  -6.684  1.00 31.71 ? 14  THR A C   1 
ATOM   74  O O   . THR A 1 22  ? 6.995   -3.696  -7.442  1.00 31.74 ? 14  THR A O   1 
ATOM   75  C CB  . THR A 1 22  ? 8.304   -0.809  -7.091  1.00 31.51 ? 14  THR A CB  1 
ATOM   76  O OG1 . THR A 1 22  ? 9.287   0.021   -6.467  1.00 30.19 ? 14  THR A OG1 1 
ATOM   77  C CG2 . THR A 1 22  ? 7.106   0.065   -7.504  1.00 28.32 ? 14  THR A CG2 1 
ATOM   78  N N   . PHE A 1 23  ? 5.522   -2.415  -6.309  1.00 31.99 ? 15  PHE A N   1 
ATOM   79  C CA  . PHE A 1 23  ? 4.335   -3.158  -6.708  1.00 31.31 ? 15  PHE A CA  1 
ATOM   80  C C   . PHE A 1 23  ? 3.296   -2.198  -7.254  1.00 28.00 ? 15  PHE A C   1 
ATOM   81  O O   . PHE A 1 23  ? 3.122   -1.096  -6.730  1.00 30.40 ? 15  PHE A O   1 
ATOM   82  C CB  . PHE A 1 23  ? 3.776   -3.967  -5.510  1.00 27.50 ? 15  PHE A CB  1 
ATOM   83  C CG  . PHE A 1 23  ? 4.791   -4.892  -4.935  1.00 31.79 ? 15  PHE A CG  1 
ATOM   84  C CD1 . PHE A 1 23  ? 4.910   -6.189  -5.421  1.00 29.65 ? 15  PHE A CD1 1 
ATOM   85  C CD2 . PHE A 1 23  ? 5.717   -4.430  -4.000  1.00 25.57 ? 15  PHE A CD2 1 
ATOM   86  C CE1 . PHE A 1 23  ? 5.898   -7.035  -4.943  1.00 29.92 ? 15  PHE A CE1 1 
ATOM   87  C CE2 . PHE A 1 23  ? 6.710   -5.265  -3.514  1.00 29.73 ? 15  PHE A CE2 1 
ATOM   88  C CZ  . PHE A 1 23  ? 6.801   -6.576  -3.985  1.00 31.12 ? 15  PHE A CZ  1 
ATOM   89  N N   . GLU A 1 24  ? 2.615   -2.611  -8.317  1.00 33.41 ? 16  GLU A N   1 
ATOM   90  C CA  . GLU A 1 24  ? 1.466   -1.872  -8.817  1.00 36.77 ? 16  GLU A CA  1 
ATOM   91  C C   . GLU A 1 24  ? 0.180   -2.481  -8.270  1.00 35.01 ? 16  GLU A C   1 
ATOM   92  O O   . GLU A 1 24  ? -0.049  -3.690  -8.399  1.00 37.77 ? 16  GLU A O   1 
ATOM   93  C CB  . GLU A 1 24  ? 1.432   -1.870  -10.342 1.00 40.85 ? 16  GLU A CB  1 
ATOM   94  C CG  . GLU A 1 24  ? 0.267   -1.076  -10.882 1.00 40.99 ? 16  GLU A CG  1 
ATOM   95  C CD  . GLU A 1 24  ? 0.291   -0.977  -12.395 1.00 49.23 ? 16  GLU A CD  1 
ATOM   96  O OE1 . GLU A 1 24  ? -0.030  -1.984  -13.064 1.00 52.25 ? 16  GLU A OE1 1 
ATOM   97  O OE2 . GLU A 1 24  ? 0.646   0.108   -12.909 1.00 49.50 ? 16  GLU A OE2 1 
ATOM   98  N N   . VAL A 1 25  ? -0.661  -1.644  -7.667  1.00 30.45 ? 17  VAL A N   1 
ATOM   99  C CA  . VAL A 1 25  ? -1.967  -2.061  -7.179  1.00 29.48 ? 17  VAL A CA  1 
ATOM   100 C C   . VAL A 1 25  ? -3.028  -1.401  -8.046  1.00 31.47 ? 17  VAL A C   1 
ATOM   101 O O   . VAL A 1 25  ? -2.952  -0.198  -8.321  1.00 34.57 ? 17  VAL A O   1 
ATOM   102 C CB  . VAL A 1 25  ? -2.153  -1.726  -5.685  1.00 34.96 ? 17  VAL A CB  1 
ATOM   103 C CG1 . VAL A 1 25  ? -1.347  -2.703  -4.829  1.00 35.20 ? 17  VAL A CG1 1 
ATOM   104 C CG2 . VAL A 1 25  ? -1.733  -0.275  -5.363  1.00 27.47 ? 17  VAL A CG2 1 
ATOM   105 N N   . ARG A 1 26  ? -4.004  -2.187  -8.495  1.00 33.24 ? 18  ARG A N   1 
ATOM   106 C CA  . ARG A 1 26  ? -5.070  -1.694  -9.361  1.00 37.70 ? 18  ARG A CA  1 
ATOM   107 C C   . ARG A 1 26  ? -6.416  -2.008  -8.721  1.00 44.28 ? 18  ARG A C   1 
ATOM   108 O O   . ARG A 1 26  ? -6.726  -3.172  -8.456  1.00 37.88 ? 18  ARG A O   1 
ATOM   109 C CB  . ARG A 1 26  ? -4.984  -2.313  -10.762 1.00 41.44 ? 18  ARG A CB  1 
ATOM   110 C CG  . ARG A 1 26  ? -3.596  -2.258  -11.404 1.00 56.06 ? 18  ARG A CG  1 
ATOM   111 C CD  . ARG A 1 26  ? -3.642  -2.637  -12.892 1.00 65.54 ? 18  ARG A CD  1 
ATOM   112 N NE  . ARG A 1 26  ? -4.253  -1.567  -13.680 1.00 77.70 ? 18  ARG A NE  1 
ATOM   113 C CZ  . ARG A 1 26  ? -3.587  -0.752  -14.497 1.00 79.24 ? 18  ARG A CZ  1 
ATOM   114 N NH1 . ARG A 1 26  ? -4.239  0.205   -15.145 1.00 78.66 ? 18  ARG A NH1 1 
ATOM   115 N NH2 . ARG A 1 26  ? -2.278  -0.897  -14.674 1.00 75.79 ? 18  ARG A NH2 1 
ATOM   116 N N   . TYR A 1 27  ? -7.212  -0.970  -8.483  1.00 37.10 ? 19  TYR A N   1 
ATOM   117 C CA  . TYR A 1 27  ? -8.544  -1.098  -7.918  1.00 37.95 ? 19  TYR A CA  1 
ATOM   118 C C   . TYR A 1 27  ? -9.522  -0.362  -8.821  1.00 42.27 ? 19  TYR A C   1 
ATOM   119 O O   . TYR A 1 27  ? -9.129  0.381   -9.723  1.00 45.94 ? 19  TYR A O   1 
ATOM   120 C CB  . TYR A 1 27  ? -8.622  -0.522  -6.496  1.00 36.05 ? 19  TYR A CB  1 
ATOM   121 C CG  . TYR A 1 27  ? -7.431  -0.787  -5.599  1.00 32.26 ? 19  TYR A CG  1 
ATOM   122 C CD1 . TYR A 1 27  ? -7.353  -1.941  -4.825  1.00 33.68 ? 19  TYR A CD1 1 
ATOM   123 C CD2 . TYR A 1 27  ? -6.400  0.131   -5.498  1.00 32.36 ? 19  TYR A CD2 1 
ATOM   124 C CE1 . TYR A 1 27  ? -6.268  -2.170  -3.987  1.00 30.11 ? 19  TYR A CE1 1 
ATOM   125 C CE2 . TYR A 1 27  ? -5.318  -0.094  -4.671  1.00 31.00 ? 19  TYR A CE2 1 
ATOM   126 C CZ  . TYR A 1 27  ? -5.258  -1.249  -3.918  1.00 32.31 ? 19  TYR A CZ  1 
ATOM   127 O OH  . TYR A 1 27  ? -4.176  -1.469  -3.104  1.00 31.14 ? 19  TYR A OH  1 
ATOM   128 N N   . ASP A 1 28  ? -10.809 -0.565  -8.584  1.00 44.17 ? 20  ASP A N   1 
ATOM   129 C CA  . ASP A 1 28  ? -11.791 0.230   -9.302  1.00 48.20 ? 20  ASP A CA  1 
ATOM   130 C C   . ASP A 1 28  ? -11.552 1.713   -9.028  1.00 57.98 ? 20  ASP A C   1 
ATOM   131 O O   . ASP A 1 28  ? -11.634 2.170   -7.883  1.00 54.21 ? 20  ASP A O   1 
ATOM   132 C CB  . ASP A 1 28  ? -13.201 -0.182  -8.893  1.00 54.51 ? 20  ASP A CB  1 
ATOM   133 C CG  . ASP A 1 28  ? -14.259 0.475   -9.739  1.00 67.15 ? 20  ASP A CG  1 
ATOM   134 O OD1 . ASP A 1 28  ? -13.984 0.769   -10.921 1.00 78.07 ? 20  ASP A OD1 1 
ATOM   135 O OD2 . ASP A 1 28  ? -15.368 0.705   -9.222  1.00 78.60 ? 20  ASP A OD2 1 
ATOM   136 N N   . GLY A 1 29  ? -11.202 2.455   -10.075 1.00 55.64 ? 21  GLY A N   1 
ATOM   137 C CA  . GLY A 1 29  ? -11.007 3.886   -9.968  1.00 51.48 ? 21  GLY A CA  1 
ATOM   138 C C   . GLY A 1 29  ? -9.690  4.334   -9.376  1.00 52.21 ? 21  GLY A C   1 
ATOM   139 O O   . GLY A 1 29  ? -9.541  5.525   -9.082  1.00 56.58 ? 21  GLY A O   1 
ATOM   140 N N   . LEU A 1 30  ? -8.725  3.435   -9.199  1.00 45.43 ? 22  LEU A N   1 
ATOM   141 C CA  . LEU A 1 30  ? -7.466  3.817   -8.572  1.00 39.99 ? 22  LEU A CA  1 
ATOM   142 C C   . LEU A 1 30  ? -6.370  2.841   -8.976  1.00 42.68 ? 22  LEU A C   1 
ATOM   143 O O   . LEU A 1 30  ? -6.530  1.626   -8.827  1.00 41.87 ? 22  LEU A O   1 
ATOM   144 C CB  . LEU A 1 30  ? -7.612  3.858   -7.041  1.00 40.17 ? 22  LEU A CB  1 
ATOM   145 C CG  . LEU A 1 30  ? -6.327  4.039   -6.232  1.00 41.31 ? 22  LEU A CG  1 
ATOM   146 C CD1 . LEU A 1 30  ? -5.624  5.288   -6.664  1.00 38.26 ? 22  LEU A CD1 1 
ATOM   147 C CD2 . LEU A 1 30  ? -6.631  4.086   -4.736  1.00 45.30 ? 22  LEU A CD2 1 
ATOM   148 N N   . THR A 1 31  ? -5.269  3.378   -9.497  1.00 44.19 ? 23  THR A N   1 
ATOM   149 C CA  . THR A 1 31  ? -4.045  2.624   -9.729  1.00 43.92 ? 23  THR A CA  1 
ATOM   150 C C   . THR A 1 31  ? -2.906  3.347   -9.034  1.00 42.68 ? 23  THR A C   1 
ATOM   151 O O   . THR A 1 31  ? -2.802  4.574   -9.115  1.00 45.43 ? 23  THR A O   1 
ATOM   152 C CB  . THR A 1 31  ? -3.729  2.475   -11.217 1.00 42.73 ? 23  THR A CB  1 
ATOM   153 O OG1 . THR A 1 31  ? -4.793  1.774   -11.862 1.00 49.08 ? 23  THR A OG1 1 
ATOM   154 C CG2 . THR A 1 31  ? -2.424  1.702   -11.420 1.00 43.96 ? 23  THR A CG2 1 
ATOM   155 N N   . ALA A 1 32  ? -2.062  2.591   -8.339  1.00 39.87 ? 24  ALA A N   1 
ATOM   156 C CA  . ALA A 1 32  ? -0.955  3.195   -7.617  1.00 35.33 ? 24  ALA A CA  1 
ATOM   157 C C   . ALA A 1 32  ? 0.245   2.264   -7.643  1.00 38.75 ? 24  ALA A C   1 
ATOM   158 O O   . ALA A 1 32  ? 0.125   1.055   -7.860  1.00 38.66 ? 24  ALA A O   1 
ATOM   159 C CB  . ALA A 1 32  ? -1.334  3.523   -6.170  1.00 30.79 ? 24  ALA A CB  1 
ATOM   160 N N   . LEU A 1 33  ? 1.411   2.857   -7.424  1.00 36.64 ? 25  LEU A N   1 
ATOM   161 C CA  . LEU A 1 33  ? 2.649   2.128   -7.206  1.00 35.28 ? 25  LEU A CA  1 
ATOM   162 C C   . LEU A 1 33  ? 2.991   2.237   -5.727  1.00 32.25 ? 25  LEU A C   1 
ATOM   163 O O   . LEU A 1 33  ? 2.910   3.330   -5.158  1.00 32.29 ? 25  LEU A O   1 
ATOM   164 C CB  . LEU A 1 33  ? 3.780   2.701   -8.073  1.00 31.22 ? 25  LEU A CB  1 
ATOM   165 C CG  . LEU A 1 33  ? 3.645   2.619   -9.592  1.00 33.31 ? 25  LEU A CG  1 
ATOM   166 C CD1 . LEU A 1 33  ? 4.716   3.471   -10.301 1.00 37.87 ? 25  LEU A CD1 1 
ATOM   167 C CD2 . LEU A 1 33  ? 3.796   1.178   -10.031 1.00 37.22 ? 25  LEU A CD2 1 
ATOM   168 N N   . ASN A 1 34  ? 3.331   1.105   -5.090  1.00 28.29 ? 26  ASN A N   1 
ATOM   169 C CA  . ASN A 1 34  ? 3.842   1.103   -3.717  1.00 25.98 ? 26  ASN A CA  1 
ATOM   170 C C   . ASN A 1 34  ? 5.296   0.628   -3.785  1.00 27.75 ? 26  ASN A C   1 
ATOM   171 O O   . ASN A 1 34  ? 5.556   -0.534  -4.119  1.00 25.34 ? 26  ASN A O   1 
ATOM   172 C CB  . ASN A 1 34  ? 3.028   0.196   -2.776  1.00 24.84 ? 26  ASN A CB  1 
ATOM   173 C CG  . ASN A 1 34  ? 1.524   0.541   -2.703  1.00 28.84 ? 26  ASN A CG  1 
ATOM   174 O OD1 . ASN A 1 34  ? 0.719   -0.308  -2.311  1.00 27.37 ? 26  ASN A OD1 1 
ATOM   175 N ND2 . ASN A 1 34  ? 1.150   1.764   -3.066  1.00 25.91 ? 26  ASN A ND2 1 
ATOM   176 N N   . ALA A 1 35  ? 6.242   1.519   -3.462  1.00 22.40 ? 27  ALA A N   1 
ATOM   177 C CA  . ALA A 1 35  ? 7.671   1.250   -3.610  1.00 27.79 ? 27  ALA A CA  1 
ATOM   178 C C   . ALA A 1 35  ? 8.290   1.154   -2.225  1.00 27.73 ? 27  ALA A C   1 
ATOM   179 O O   . ALA A 1 35  ? 8.461   2.170   -1.547  1.00 24.81 ? 27  ALA A O   1 
ATOM   180 C CB  . ALA A 1 35  ? 8.369   2.338   -4.425  1.00 24.91 ? 27  ALA A CB  1 
ATOM   181 N N   . TYR A 1 36  ? 8.653   -0.054  -1.823  1.00 23.76 ? 28  TYR A N   1 
ATOM   182 C CA  . TYR A 1 36  ? 9.187   -0.292  -0.490  1.00 23.75 ? 28  TYR A CA  1 
ATOM   183 C C   . TYR A 1 36  ? 10.693  -0.076  -0.488  1.00 28.35 ? 28  TYR A C   1 
ATOM   184 O O   . TYR A 1 36  ? 11.434  -0.791  -1.173  1.00 28.42 ? 28  TYR A O   1 
ATOM   185 C CB  . TYR A 1 36  ? 8.817   -1.695  -0.012  1.00 22.23 ? 28  TYR A CB  1 
ATOM   186 C CG  . TYR A 1 36  ? 7.324   -1.768  0.190   1.00 25.51 ? 28  TYR A CG  1 
ATOM   187 C CD1 . TYR A 1 36  ? 6.748   -1.318  1.375   1.00 20.28 ? 28  TYR A CD1 1 
ATOM   188 C CD2 . TYR A 1 36  ? 6.480   -2.207  -0.831  1.00 22.73 ? 28  TYR A CD2 1 
ATOM   189 C CE1 . TYR A 1 36  ? 5.375   -1.346  1.555   1.00 21.58 ? 28  TYR A CE1 1 
ATOM   190 C CE2 . TYR A 1 36  ? 5.097   -2.244  -0.660  1.00 23.75 ? 28  TYR A CE2 1 
ATOM   191 C CZ  . TYR A 1 36  ? 4.556   -1.809  0.542   1.00 21.64 ? 28  TYR A CZ  1 
ATOM   192 O OH  . TYR A 1 36  ? 3.196   -1.825  0.735   1.00 24.79 ? 28  TYR A OH  1 
ATOM   193 N N   . ASP A 1 37  ? 11.130  0.909   0.296   1.00 24.68 ? 29  ASP A N   1 
ATOM   194 C CA  . ASP A 1 37  ? 12.542  1.177   0.534   1.00 25.67 ? 29  ASP A CA  1 
ATOM   195 C C   . ASP A 1 37  ? 13.254  -0.069  1.059   1.00 28.54 ? 29  ASP A C   1 
ATOM   196 O O   . ASP A 1 37  ? 12.666  -0.897  1.761   1.00 26.11 ? 29  ASP A O   1 
ATOM   197 C CB  . ASP A 1 37  ? 12.676  2.318   1.550   1.00 26.77 ? 29  ASP A CB  1 
ATOM   198 C CG  . ASP A 1 37  ? 14.068  2.931   1.564   1.00 30.32 ? 29  ASP A CG  1 
ATOM   199 O OD1 . ASP A 1 37  ? 14.985  2.321   2.144   1.00 27.47 ? 29  ASP A OD1 1 
ATOM   200 O OD2 . ASP A 1 37  ? 14.251  4.017   0.975   1.00 32.84 ? 29  ASP A OD2 1 
ATOM   201 N N   . GLU A 1 38  ? 14.548  -0.189  0.725   1.00 26.60 ? 30  GLU A N   1 
ATOM   202 C CA  . GLU A 1 38  ? 15.372  -1.261  1.284   1.00 24.58 ? 30  GLU A CA  1 
ATOM   203 C C   . GLU A 1 38  ? 15.374  -1.245  2.802   1.00 29.38 ? 30  GLU A C   1 
ATOM   204 O O   . GLU A 1 38  ? 15.624  -2.285  3.421   1.00 31.29 ? 30  GLU A O   1 
ATOM   205 C CB  . GLU A 1 38  ? 16.836  -1.169  0.789   1.00 28.31 ? 30  GLU A CB  1 
ATOM   206 C CG  . GLU A 1 38  ? 17.030  -1.476  -0.691  1.00 32.75 ? 30  GLU A CG  1 
ATOM   207 C CD  . GLU A 1 38  ? 18.506  -1.601  -1.121  1.00 47.44 ? 30  GLU A CD  1 
ATOM   208 O OE1 . GLU A 1 38  ? 19.369  -0.765  -0.742  1.00 44.57 ? 30  GLU A OE1 1 
ATOM   209 O OE2 . GLU A 1 38  ? 18.803  -2.555  -1.858  1.00 48.21 ? 30  GLU A OE2 1 
ATOM   210 N N   . ASP A 1 39  ? 15.091  -0.104  3.427   1.00 26.42 ? 31  ASP A N   1 
ATOM   211 C CA  . ASP A 1 39  ? 15.230  -0.034  4.872   1.00 27.79 ? 31  ASP A CA  1 
ATOM   212 C C   . ASP A 1 39  ? 14.103  -0.734  5.626   1.00 32.84 ? 31  ASP A C   1 
ATOM   213 O O   . ASP A 1 39  ? 14.171  -0.806  6.855   1.00 30.39 ? 31  ASP A O   1 
ATOM   214 C CB  . ASP A 1 39  ? 15.356  1.433   5.341   1.00 29.42 ? 31  ASP A CB  1 
ATOM   215 C CG  . ASP A 1 39  ? 14.078  2.256   5.140   1.00 32.09 ? 31  ASP A CG  1 
ATOM   216 O OD1 . ASP A 1 39  ? 13.006  1.711   4.825   1.00 29.81 ? 31  ASP A OD1 1 
ATOM   217 O OD2 . ASP A 1 39  ? 14.143  3.483   5.320   1.00 27.37 ? 31  ASP A OD2 1 
ATOM   218 N N   . GLY A 1 40  ? 13.075  -1.242  4.946   1.00 30.31 ? 32  GLY A N   1 
ATOM   219 C CA  . GLY A 1 40  ? 12.002  -1.931  5.660   1.00 27.45 ? 32  GLY A CA  1 
ATOM   220 C C   . GLY A 1 40  ? 11.085  -1.067  6.509   1.00 30.15 ? 32  GLY A C   1 
ATOM   221 O O   . GLY A 1 40  ? 10.260  -1.613  7.254   1.00 28.10 ? 32  GLY A O   1 
ATOM   222 N N   . ARG A 1 41  ? 11.194  0.259   6.427   1.00 27.24 ? 33  ARG A N   1 
ATOM   223 C CA  . ARG A 1 41  ? 10.404  1.150   7.274   1.00 29.62 ? 33  ARG A CA  1 
ATOM   224 C C   . ARG A 1 41  ? 9.635   2.178   6.449   1.00 27.31 ? 33  ARG A C   1 
ATOM   225 O O   . ARG A 1 41  ? 8.569   2.646   6.863   1.00 27.51 ? 33  ARG A O   1 
ATOM   226 C CB  . ARG A 1 41  ? 11.301  1.870   8.296   1.00 30.80 ? 33  ARG A CB  1 
ATOM   227 N N   . HIS A 1 42  ? 10.153  2.537   5.281   1.00 25.61 ? 34  HIS A N   1 
ATOM   228 C CA  . HIS A 1 42  ? 9.538   3.560   4.452   1.00 27.29 ? 34  HIS A CA  1 
ATOM   229 C C   . HIS A 1 42  ? 9.020   2.985   3.145   1.00 30.02 ? 34  HIS A C   1 
ATOM   230 O O   . HIS A 1 42  ? 9.582   2.037   2.588   1.00 26.47 ? 34  HIS A O   1 
ATOM   231 C CB  . HIS A 1 42  ? 10.520  4.688   4.156   1.00 23.39 ? 34  HIS A CB  1 
ATOM   232 C CG  . HIS A 1 42  ? 11.001  5.371   5.388   1.00 29.73 ? 34  HIS A CG  1 
ATOM   233 N ND1 . HIS A 1 42  ? 12.196  5.049   5.992   1.00 28.55 ? 34  HIS A ND1 1 
ATOM   234 C CD2 . HIS A 1 42  ? 10.427  6.323   6.161   1.00 32.28 ? 34  HIS A CD2 1 
ATOM   235 C CE1 . HIS A 1 42  ? 12.352  5.796   7.070   1.00 33.97 ? 34  HIS A CE1 1 
ATOM   236 N NE2 . HIS A 1 42  ? 11.296  6.580   7.193   1.00 34.35 ? 34  HIS A NE2 1 
ATOM   237 N N   . MET A 1 43  ? 7.932   3.577   2.676   1.00 28.14 ? 35  MET A N   1 
ATOM   238 C CA  . MET A 1 43  ? 7.334   3.261   1.394   1.00 22.81 ? 35  MET A CA  1 
ATOM   239 C C   . MET A 1 43  ? 7.007   4.577   0.716   1.00 30.86 ? 35  MET A C   1 
ATOM   240 O O   . MET A 1 43  ? 6.537   5.514   1.367   1.00 27.13 ? 35  MET A O   1 
ATOM   241 C CB  . MET A 1 43  ? 6.068   2.390   1.559   1.00 23.82 ? 35  MET A CB  1 
ATOM   242 C CG  . MET A 1 43  ? 5.462   1.897   0.243   1.00 25.99 ? 35  MET A CG  1 
ATOM   243 S SD  . MET A 1 43  ? 4.266   3.061   -0.474  1.00 28.68 ? 35  MET A SD  1 
ATOM   244 C CE  . MET A 1 43  ? 2.852   2.740   0.564   1.00 27.19 ? 35  MET A CE  1 
ATOM   245 N N   . ARG A 1 44  ? 7.316   4.664   -0.573  1.00 27.66 ? 36  ARG A N   1 
ATOM   246 C CA  . ARG A 1 44  ? 6.951   5.796   -1.407  1.00 25.47 ? 36  ARG A CA  1 
ATOM   247 C C   . ARG A 1 44  ? 5.899   5.351   -2.415  1.00 33.39 ? 36  ARG A C   1 
ATOM   248 O O   . ARG A 1 44  ? 6.064   4.317   -3.076  1.00 30.71 ? 36  ARG A O   1 
ATOM   249 C CB  . ARG A 1 44  ? 8.180   6.363   -2.125  1.00 26.51 ? 36  ARG A CB  1 
ATOM   250 C CG  . ARG A 1 44  ? 9.279   6.839   -1.181  1.00 28.25 ? 36  ARG A CG  1 
ATOM   251 C CD  . ARG A 1 44  ? 10.560  7.200   -1.934  1.00 28.41 ? 36  ARG A CD  1 
ATOM   252 N NE  . ARG A 1 44  ? 11.606  7.688   -1.045  1.00 29.23 ? 36  ARG A NE  1 
ATOM   253 C CZ  . ARG A 1 44  ? 12.366  6.901   -0.285  1.00 33.07 ? 36  ARG A CZ  1 
ATOM   254 N NH1 . ARG A 1 44  ? 12.191  5.591   -0.312  1.00 28.00 ? 36  ARG A NH1 1 
ATOM   255 N NH2 . ARG A 1 44  ? 13.319  7.425   0.485   1.00 32.45 ? 36  ARG A NH2 1 
ATOM   256 N N   . TYR A 1 45  ? 4.821   6.123   -2.531  1.00 28.35 ? 37  TYR A N   1 
ATOM   257 C CA  . TYR A 1 45  ? 3.724   5.773   -3.418  1.00 31.36 ? 37  TYR A CA  1 
ATOM   258 C C   . TYR A 1 45  ? 3.588   6.820   -4.517  1.00 34.71 ? 37  TYR A C   1 
ATOM   259 O O   . TYR A 1 45  ? 4.030   7.964   -4.381  1.00 36.70 ? 37  TYR A O   1 
ATOM   260 C CB  . TYR A 1 45  ? 2.387   5.618   -2.656  1.00 32.47 ? 37  TYR A CB  1 
ATOM   261 C CG  . TYR A 1 45  ? 1.894   6.862   -1.914  1.00 36.68 ? 37  TYR A CG  1 
ATOM   262 C CD1 . TYR A 1 45  ? 1.169   7.866   -2.567  1.00 39.83 ? 37  TYR A CD1 1 
ATOM   263 C CD2 . TYR A 1 45  ? 2.142   7.019   -0.557  1.00 38.90 ? 37  TYR A CD2 1 
ATOM   264 C CE1 . TYR A 1 45  ? 0.713   8.998   -1.874  1.00 37.73 ? 37  TYR A CE1 1 
ATOM   265 C CE2 . TYR A 1 45  ? 1.702   8.135   0.136   1.00 41.10 ? 37  TYR A CE2 1 
ATOM   266 C CZ  . TYR A 1 45  ? 0.989   9.121   -0.519  1.00 42.16 ? 37  TYR A CZ  1 
ATOM   267 O OH  . TYR A 1 45  ? 0.560   10.215  0.205   1.00 46.91 ? 37  TYR A OH  1 
ATOM   268 N N   . ALA A 1 46  ? 2.995   6.390   -5.628  1.00 36.50 ? 38  ALA A N   1 
ATOM   269 C CA  . ALA A 1 46  ? 2.636   7.273   -6.728  1.00 43.61 ? 38  ALA A CA  1 
ATOM   270 C C   . ALA A 1 46  ? 1.287   6.818   -7.263  1.00 39.62 ? 38  ALA A C   1 
ATOM   271 O O   . ALA A 1 46  ? 1.138   5.667   -7.679  1.00 46.92 ? 38  ALA A O   1 
ATOM   272 C CB  . ALA A 1 46  ? 3.697   7.257   -7.836  1.00 35.35 ? 38  ALA A CB  1 
ATOM   273 N N   . ILE A 1 47  ? 0.305   7.707   -7.227  1.00 42.59 ? 39  ILE A N   1 
ATOM   274 C CA  . ILE A 1 47  ? -1.003  7.426   -7.804  1.00 45.45 ? 39  ILE A CA  1 
ATOM   275 C C   . ILE A 1 47  ? -0.940  7.730   -9.295  1.00 49.36 ? 39  ILE A C   1 
ATOM   276 O O   . ILE A 1 47  ? -0.705  8.873   -9.696  1.00 52.56 ? 39  ILE A O   1 
ATOM   277 C CB  . ILE A 1 47  ? -2.092  8.251   -7.110  1.00 43.75 ? 39  ILE A CB  1 
ATOM   278 C CG1 . ILE A 1 47  ? -2.082  7.946   -5.611  1.00 44.45 ? 39  ILE A CG1 1 
ATOM   279 C CG2 . ILE A 1 47  ? -3.465  7.979   -7.736  1.00 43.36 ? 39  ILE A CG2 1 
ATOM   280 C CD1 . ILE A 1 47  ? -3.144  8.692   -4.837  1.00 55.87 ? 39  ILE A CD1 1 
ATOM   281 N N   . THR A 1 48  ? -1.130  6.705   -10.121 1.00 48.11 ? 40  THR A N   1 
ATOM   282 C CA  . THR A 1 48  ? -0.950  6.834   -11.558 1.00 52.25 ? 40  THR A CA  1 
ATOM   283 C C   . THR A 1 48  ? -2.256  6.811   -12.335 1.00 60.24 ? 40  THR A C   1 
ATOM   284 O O   . THR A 1 48  ? -2.228  6.948   -13.562 1.00 69.02 ? 40  THR A O   1 
ATOM   285 C CB  . THR A 1 48  ? -0.031  5.721   -12.086 1.00 54.69 ? 40  THR A CB  1 
ATOM   286 O OG1 . THR A 1 48  ? -0.696  4.457   -11.979 1.00 59.84 ? 40  THR A OG1 1 
ATOM   287 C CG2 . THR A 1 48  ? 1.277   5.673   -11.295 1.00 45.25 ? 40  THR A CG2 1 
ATOM   288 N N   . ASP A 1 49  ? -3.395  6.644   -11.667 1.00 59.45 ? 41  ASP A N   1 
ATOM   289 C CA  . ASP A 1 49  ? -4.665  6.598   -12.379 1.00 62.53 ? 41  ASP A CA  1 
ATOM   290 C C   . ASP A 1 49  ? -5.795  6.946   -11.417 1.00 59.21 ? 41  ASP A C   1 
ATOM   291 O O   . ASP A 1 49  ? -5.737  6.635   -10.226 1.00 61.70 ? 41  ASP A O   1 
ATOM   292 C CB  . ASP A 1 49  ? -4.888  5.221   -13.017 1.00 68.19 ? 41  ASP A CB  1 
ATOM   293 C CG  . ASP A 1 49  ? -5.756  5.282   -14.259 1.00 87.89 ? 41  ASP A CG  1 
ATOM   294 O OD1 . ASP A 1 49  ? -6.017  6.398   -14.762 1.00 92.89 ? 41  ASP A OD1 1 
ATOM   295 O OD2 . ASP A 1 49  ? -6.167  4.204   -14.740 1.00 95.42 ? 41  ASP A OD2 1 
ATOM   296 N N   . GLY A 1 50  ? -6.818  7.602   -11.946 1.00 63.07 ? 42  GLY A N   1 
ATOM   297 C CA  . GLY A 1 50  ? -7.942  8.006   -11.137 1.00 61.49 ? 42  GLY A CA  1 
ATOM   298 C C   . GLY A 1 50  ? -7.887  9.483   -10.818 1.00 60.93 ? 42  GLY A C   1 
ATOM   299 O O   . GLY A 1 50  ? -6.992  10.203  -11.264 1.00 67.82 ? 42  GLY A O   1 
ATOM   300 N N   . PRO A 1 51  ? -8.842  9.964   -10.016 1.00 65.61 ? 43  PRO A N   1 
ATOM   301 C CA  . PRO A 1 51  ? -8.948  11.411  -9.785  1.00 68.06 ? 43  PRO A CA  1 
ATOM   302 C C   . PRO A 1 51  ? -7.780  12.003  -9.020  1.00 69.53 ? 43  PRO A C   1 
ATOM   303 O O   . PRO A 1 51  ? -7.630  13.229  -9.018  1.00 74.25 ? 43  PRO A O   1 
ATOM   304 C CB  . PRO A 1 51  ? -10.252 11.540  -8.989  1.00 73.59 ? 43  PRO A CB  1 
ATOM   305 C CG  . PRO A 1 51  ? -10.385 10.233  -8.291  1.00 73.65 ? 43  PRO A CG  1 
ATOM   306 C CD  . PRO A 1 51  ? -9.855  9.210   -9.259  1.00 74.85 ? 43  PRO A CD  1 
ATOM   307 N N   . TYR A 1 52  ? -6.946  11.191  -8.376  1.00 69.91 ? 44  TYR A N   1 
ATOM   308 C CA  . TYR A 1 52  ? -5.821  11.708  -7.613  1.00 61.51 ? 44  TYR A CA  1 
ATOM   309 C C   . TYR A 1 52  ? -4.488  11.414  -8.282  1.00 60.06 ? 44  TYR A C   1 
ATOM   310 O O   . TYR A 1 52  ? -3.441  11.515  -7.635  1.00 63.18 ? 44  TYR A O   1 
ATOM   311 C CB  . TYR A 1 52  ? -5.848  11.152  -6.191  1.00 65.37 ? 44  TYR A CB  1 
ATOM   312 C CG  . TYR A 1 52  ? -7.003  11.693  -5.387  1.00 75.59 ? 44  TYR A CG  1 
ATOM   313 C CD1 . TYR A 1 52  ? -6.997  13.008  -4.934  1.00 81.21 ? 44  TYR A CD1 1 
ATOM   314 C CD2 . TYR A 1 52  ? -8.106  10.905  -5.096  1.00 82.10 ? 44  TYR A CD2 1 
ATOM   315 C CE1 . TYR A 1 52  ? -8.056  13.523  -4.204  1.00 86.55 ? 44  TYR A CE1 1 
ATOM   316 C CE2 . TYR A 1 52  ? -9.173  11.408  -4.363  1.00 89.19 ? 44  TYR A CE2 1 
ATOM   317 C CZ  . TYR A 1 52  ? -9.141  12.720  -3.920  1.00 91.43 ? 44  TYR A CZ  1 
ATOM   318 O OH  . TYR A 1 52  ? -10.195 13.231  -3.194  1.00 97.99 ? 44  TYR A OH  1 
ATOM   319 N N   . ALA A 1 53  ? -4.505  11.063  -9.567  1.00 57.72 ? 45  ALA A N   1 
ATOM   320 C CA  . ALA A 1 53  ? -3.270  10.755  -10.274 1.00 57.55 ? 45  ALA A CA  1 
ATOM   321 C C   . ALA A 1 53  ? -2.286  11.910  -10.145 1.00 60.18 ? 45  ALA A C   1 
ATOM   322 O O   . ALA A 1 53  ? -2.670  13.081  -10.202 1.00 61.53 ? 45  ALA A O   1 
ATOM   323 C CB  . ALA A 1 53  ? -3.562  10.464  -11.748 1.00 57.33 ? 45  ALA A CB  1 
ATOM   324 N N   . GLY A 1 54  ? -1.012  11.576  -9.934  1.00 52.94 ? 46  GLY A N   1 
ATOM   325 C CA  . GLY A 1 54  ? 0.031   12.558  -9.760  1.00 50.33 ? 46  GLY A CA  1 
ATOM   326 C C   . GLY A 1 54  ? 0.431   12.814  -8.322  1.00 53.09 ? 46  GLY A C   1 
ATOM   327 O O   . GLY A 1 54  ? 1.496   13.394  -8.088  1.00 68.33 ? 46  GLY A O   1 
ATOM   328 N N   . ALA A 1 55  ? -0.385  12.410  -7.357  1.00 46.47 ? 47  ALA A N   1 
ATOM   329 C CA  . ALA A 1 55  ? 0.026   12.511  -5.966  1.00 52.35 ? 47  ALA A CA  1 
ATOM   330 C C   . ALA A 1 55  ? 1.174   11.546  -5.673  1.00 56.76 ? 47  ALA A C   1 
ATOM   331 O O   . ALA A 1 55  ? 1.258   10.453  -6.241  1.00 48.39 ? 47  ALA A O   1 
ATOM   332 C CB  . ALA A 1 55  ? -1.145  12.217  -5.034  1.00 44.39 ? 47  ALA A CB  1 
ATOM   333 N N   . THR A 1 56  ? 2.079   11.978  -4.794  1.00 56.23 ? 48  THR A N   1 
ATOM   334 C CA  . THR A 1 56  ? 3.163   11.145  -4.295  1.00 49.00 ? 48  THR A CA  1 
ATOM   335 C C   . THR A 1 56  ? 3.329   11.425  -2.813  1.00 46.24 ? 48  THR A C   1 
ATOM   336 O O   . THR A 1 56  ? 2.834   12.426  -2.291  1.00 50.00 ? 48  THR A O   1 
ATOM   337 C CB  . THR A 1 56  ? 4.506   11.397  -5.011  1.00 47.84 ? 48  THR A CB  1 
ATOM   338 O OG1 . THR A 1 56  ? 5.044   12.665  -4.611  1.00 51.83 ? 48  THR A OG1 1 
ATOM   339 C CG2 . THR A 1 56  ? 4.347   11.384  -6.503  1.00 38.43 ? 48  THR A CG2 1 
ATOM   340 N N   . GLY A 1 57  ? 4.035   10.528  -2.141  1.00 40.12 ? 49  GLY A N   1 
ATOM   341 C CA  . GLY A 1 57  ? 4.347   10.724  -0.738  1.00 36.44 ? 49  GLY A CA  1 
ATOM   342 C C   . GLY A 1 57  ? 5.230   9.602   -0.235  1.00 36.60 ? 49  GLY A C   1 
ATOM   343 O O   . GLY A 1 57  ? 5.261   8.503   -0.798  1.00 33.64 ? 49  GLY A O   1 
ATOM   344 N N   . GLU A 1 58  ? 5.972   9.912   0.819   1.00 40.21 ? 50  GLU A N   1 
ATOM   345 C CA  . GLU A 1 58  ? 6.714   8.914   1.571   1.00 35.62 ? 50  GLU A CA  1 
ATOM   346 C C   . GLU A 1 58  ? 6.057   8.735   2.929   1.00 38.32 ? 50  GLU A C   1 
ATOM   347 O O   . GLU A 1 58  ? 5.793   9.719   3.627   1.00 35.13 ? 50  GLU A O   1 
ATOM   348 C CB  . GLU A 1 58  ? 8.170   9.319   1.755   1.00 30.64 ? 50  GLU A CB  1 
ATOM   349 C CG  . GLU A 1 58  ? 9.009   8.232   2.420   1.00 38.03 ? 50  GLU A CG  1 
ATOM   350 C CD  . GLU A 1 58  ? 10.430  8.674   2.728   1.00 50.36 ? 50  GLU A CD  1 
ATOM   351 O OE1 . GLU A 1 58  ? 10.769  9.843   2.471   1.00 60.53 ? 50  GLU A OE1 1 
ATOM   352 O OE2 . GLU A 1 58  ? 11.213  7.850   3.238   1.00 50.87 ? 50  GLU A OE2 1 
ATOM   353 N N   . VAL A 1 59  ? 5.807   7.482   3.306   1.00 32.28 ? 51  VAL A N   1 
ATOM   354 C CA  . VAL A 1 59  ? 5.215   7.170   4.595   1.00 34.30 ? 51  VAL A CA  1 
ATOM   355 C C   . VAL A 1 59  ? 6.089   6.175   5.346   1.00 36.43 ? 51  VAL A C   1 
ATOM   356 O O   . VAL A 1 59  ? 6.912   5.458   4.763   1.00 29.76 ? 51  VAL A O   1 
ATOM   357 C CB  . VAL A 1 59  ? 3.778   6.622   4.446   1.00 29.67 ? 51  VAL A CB  1 
ATOM   358 C CG1 . VAL A 1 59  ? 2.881   7.669   3.776   1.00 28.58 ? 51  VAL A CG1 1 
ATOM   359 C CG2 . VAL A 1 59  ? 3.765   5.294   3.656   1.00 23.34 ? 51  VAL A CG2 1 
ATOM   360 N N   . GLU A 1 60  ? 5.933   6.178   6.670   1.00 32.07 ? 52  GLU A N   1 
ATOM   361 C CA  A GLU A 1 60  ? 6.393   5.089   7.529   0.52 31.83 ? 52  GLU A CA  1 
ATOM   362 C CA  B GLU A 1 60  ? 6.404   5.067   7.472   0.48 31.70 ? 52  GLU A CA  1 
ATOM   363 C C   . GLU A 1 60  ? 5.256   4.088   7.670   1.00 23.01 ? 52  GLU A C   1 
ATOM   364 O O   . GLU A 1 60  ? 4.118   4.482   7.903   1.00 26.33 ? 52  GLU A O   1 
ATOM   365 C CB  A GLU A 1 60  ? 6.776   5.585   8.930   0.52 34.66 ? 52  GLU A CB  1 
ATOM   366 C CB  B GLU A 1 60  ? 6.937   5.543   8.819   0.48 34.31 ? 52  GLU A CB  1 
ATOM   367 C CG  A GLU A 1 60  ? 7.793   6.699   9.011   0.52 38.58 ? 52  GLU A CG  1 
ATOM   368 C CG  B GLU A 1 60  ? 7.496   4.424   9.647   0.48 34.69 ? 52  GLU A CG  1 
ATOM   369 C CD  A GLU A 1 60  ? 7.189   8.045   9.369   0.52 35.90 ? 52  GLU A CD  1 
ATOM   370 C CD  B GLU A 1 60  ? 8.343   4.933   10.772  0.48 35.95 ? 52  GLU A CD  1 
ATOM   371 O OE1 A GLU A 1 60  ? 7.748   9.063   8.903   0.52 43.93 ? 52  GLU A OE1 1 
ATOM   372 O OE1 B GLU A 1 60  ? 8.291   6.153   11.014  0.48 37.33 ? 52  GLU A OE1 1 
ATOM   373 O OE2 A GLU A 1 60  ? 6.165   8.097   10.104  0.52 27.26 ? 52  GLU A OE2 1 
ATOM   374 O OE2 B GLU A 1 60  ? 9.058   4.124   11.404  0.48 38.48 ? 52  GLU A OE2 1 
ATOM   375 N N   . TYR A 1 61  ? 5.565   2.794   7.573   1.00 26.53 ? 53  TYR A N   1 
ATOM   376 C CA  . TYR A 1 61  ? 4.515   1.788   7.694   1.00 27.18 ? 53  TYR A CA  1 
ATOM   377 C C   . TYR A 1 61  ? 4.906   0.734   8.722   1.00 25.53 ? 53  TYR A C   1 
ATOM   378 O O   . TYR A 1 61  ? 6.079   0.565   9.057   1.00 29.12 ? 53  TYR A O   1 
ATOM   379 C CB  . TYR A 1 61  ? 4.215   1.112   6.339   1.00 20.39 ? 53  TYR A CB  1 
ATOM   380 C CG  . TYR A 1 61  ? 5.381   0.302   5.814   1.00 23.56 ? 53  TYR A CG  1 
ATOM   381 C CD1 . TYR A 1 61  ? 6.384   0.897   5.058   1.00 21.86 ? 53  TYR A CD1 1 
ATOM   382 C CD2 . TYR A 1 61  ? 5.485   -1.065  6.087   1.00 25.20 ? 53  TYR A CD2 1 
ATOM   383 C CE1 . TYR A 1 61  ? 7.468   0.150   4.580   1.00 26.31 ? 53  TYR A CE1 1 
ATOM   384 C CE2 . TYR A 1 61  ? 6.568   -1.820  5.618   1.00 23.07 ? 53  TYR A CE2 1 
ATOM   385 C CZ  . TYR A 1 61  ? 7.553   -1.210  4.873   1.00 22.43 ? 53  TYR A CZ  1 
ATOM   386 O OH  . TYR A 1 61  ? 8.612   -1.960  4.414   1.00 26.56 ? 53  TYR A OH  1 
ATOM   387 N N   . THR A 1 62  ? 3.896   0.024   9.213   1.00 25.51 ? 54  THR A N   1 
ATOM   388 C CA  . THR A 1 62  ? 4.063   -1.222  9.945   1.00 26.96 ? 54  THR A CA  1 
ATOM   389 C C   . THR A 1 62  ? 3.612   -2.370  9.054   1.00 24.43 ? 54  THR A C   1 
ATOM   390 O O   . THR A 1 62  ? 2.836   -2.181  8.115   1.00 25.07 ? 54  THR A O   1 
ATOM   391 C CB  . THR A 1 62  ? 3.243   -1.226  11.251  1.00 30.84 ? 54  THR A CB  1 
ATOM   392 O OG1 . THR A 1 62  ? 1.840   -1.094  10.950  1.00 28.10 ? 54  THR A OG1 1 
ATOM   393 C CG2 . THR A 1 62  ? 3.674   -0.060  12.155  1.00 26.13 ? 54  THR A CG2 1 
ATOM   394 N N   . TRP A 1 63  ? 4.116   -3.563  9.344   1.00 25.21 ? 55  TRP A N   1 
ATOM   395 C CA  . TRP A 1 63  ? 3.745   -4.745  8.581   1.00 25.92 ? 55  TRP A CA  1 
ATOM   396 C C   . TRP A 1 63  ? 3.745   -5.935  9.525   1.00 30.14 ? 55  TRP A C   1 
ATOM   397 O O   . TRP A 1 63  ? 4.591   -6.014  10.419  1.00 33.51 ? 55  TRP A O   1 
ATOM   398 C CB  . TRP A 1 63  ? 4.706   -4.997  7.409   1.00 23.64 ? 55  TRP A CB  1 
ATOM   399 C CG  . TRP A 1 63  ? 6.103   -5.355  7.845   1.00 22.69 ? 55  TRP A CG  1 
ATOM   400 C CD1 . TRP A 1 63  ? 7.092   -4.489  8.220   1.00 25.31 ? 55  TRP A CD1 1 
ATOM   401 C CD2 . TRP A 1 63  ? 6.670   -6.672  7.934   1.00 28.74 ? 55  TRP A CD2 1 
ATOM   402 N NE1 . TRP A 1 63  ? 8.239   -5.185  8.542   1.00 24.87 ? 55  TRP A NE1 1 
ATOM   403 C CE2 . TRP A 1 63  ? 8.008   -6.527  8.367   1.00 28.65 ? 55  TRP A CE2 1 
ATOM   404 C CE3 . TRP A 1 63  ? 6.179   -7.958  7.684   1.00 28.63 ? 55  TRP A CE3 1 
ATOM   405 C CZ2 . TRP A 1 63  ? 8.854   -7.622  8.575   1.00 30.29 ? 55  TRP A CZ2 1 
ATOM   406 C CZ3 . TRP A 1 63  ? 7.024   -9.052  7.885   1.00 31.27 ? 55  TRP A CZ3 1 
ATOM   407 C CH2 . TRP A 1 63  ? 8.348   -8.874  8.326   1.00 36.86 ? 55  TRP A CH2 1 
ATOM   408 N N   . GLN A 1 64  ? 2.786   -6.848  9.332   1.00 28.57 ? 56  GLN A N   1 
ATOM   409 C CA  . GLN A 1 64  ? 2.682   -8.080  10.114  1.00 31.70 ? 56  GLN A CA  1 
ATOM   410 C C   . GLN A 1 64  ? 2.183   -9.184  9.196   1.00 34.55 ? 56  GLN A C   1 
ATOM   411 O O   . GLN A 1 64  ? 1.250   -8.959  8.410   1.00 33.78 ? 56  GLN A O   1 
ATOM   412 C CB  . GLN A 1 64  ? 1.703   -7.957  11.297  1.00 38.92 ? 56  GLN A CB  1 
ATOM   413 C CG  . GLN A 1 64  ? 1.861   -6.705  12.139  1.00 51.08 ? 56  GLN A CG  1 
ATOM   414 C CD  . GLN A 1 64  ? 3.141   -6.719  12.959  1.00 66.10 ? 56  GLN A CD  1 
ATOM   415 O OE1 . GLN A 1 64  ? 3.733   -7.777  13.188  1.00 66.75 ? 56  GLN A OE1 1 
ATOM   416 N NE2 . GLN A 1 64  ? 3.581   -5.539  13.400  1.00 71.14 ? 56  GLN A NE2 1 
ATOM   417 N N   . PRO A 1 65  ? 2.743   -10.387 9.297   1.00 33.98 ? 57  PRO A N   1 
ATOM   418 C CA  . PRO A 1 65  ? 2.175   -11.508 8.546   1.00 32.26 ? 57  PRO A CA  1 
ATOM   419 C C   . PRO A 1 65  ? 0.798   -11.854 9.083   1.00 36.68 ? 57  PRO A C   1 
ATOM   420 O O   . PRO A 1 65  ? 0.553   -11.801 10.290  1.00 39.90 ? 57  PRO A O   1 
ATOM   421 C CB  . PRO A 1 65  ? 3.180   -12.647 8.786   1.00 37.21 ? 57  PRO A CB  1 
ATOM   422 C CG  . PRO A 1 65  ? 3.838   -12.302 10.073  1.00 36.08 ? 57  PRO A CG  1 
ATOM   423 C CD  . PRO A 1 65  ? 3.906   -10.793 10.107  1.00 32.21 ? 57  PRO A CD  1 
ATOM   424 N N   . VAL A 1 66  ? -0.119  -12.168 8.172   1.00 38.22 ? 58  VAL A N   1 
ATOM   425 C CA  . VAL A 1 66  ? -1.420  -12.708 8.552   1.00 40.25 ? 58  VAL A CA  1 
ATOM   426 C C   . VAL A 1 66  ? -1.655  -14.096 7.987   1.00 49.65 ? 58  VAL A C   1 
ATOM   427 O O   . VAL A 1 66  ? -2.571  -14.790 8.449   1.00 61.05 ? 58  VAL A O   1 
ATOM   428 C CB  . VAL A 1 66  ? -2.573  -11.764 8.146   1.00 46.99 ? 58  VAL A CB  1 
ATOM   429 C CG1 . VAL A 1 66  ? -2.350  -10.373 8.733   1.00 36.29 ? 58  VAL A CG1 1 
ATOM   430 C CG2 . VAL A 1 66  ? -2.675  -11.673 6.654   1.00 52.21 ? 58  VAL A CG2 1 
ATOM   431 N N   . ALA A 1 67  ? -0.853  -14.520 7.020   1.00 44.93 ? 59  ALA A N   1 
ATOM   432 C CA  . ALA A 1 67  ? -0.882  -15.858 6.445   1.00 52.54 ? 59  ALA A CA  1 
ATOM   433 C C   . ALA A 1 67  ? 0.318   -15.940 5.520   1.00 54.05 ? 59  ALA A C   1 
ATOM   434 O O   . ALA A 1 67  ? 1.066   -14.970 5.369   1.00 58.71 ? 59  ALA A O   1 
ATOM   435 C CB  . ALA A 1 67  ? -2.185  -16.143 5.700   1.00 52.79 ? 59  ALA A CB  1 
ATOM   436 N N   . ALA A 1 68  ? 0.504   -17.104 4.906   1.00 52.38 ? 60  ALA A N   1 
ATOM   437 C CA  . ALA A 1 68  ? 1.601   -17.290 3.967   1.00 53.47 ? 60  ALA A CA  1 
ATOM   438 C C   . ALA A 1 68  ? 1.590   -16.192 2.913   1.00 57.26 ? 60  ALA A C   1 
ATOM   439 O O   . ALA A 1 68  ? 0.568   -15.950 2.260   1.00 59.33 ? 60  ALA A O   1 
ATOM   440 C CB  . ALA A 1 68  ? 1.494   -18.666 3.308   1.00 57.66 ? 60  ALA A CB  1 
ATOM   441 N N   . ASP A 1 69  ? 2.715   -15.497 2.786   1.00 47.43 ? 61  ASP A N   1 
ATOM   442 C CA  . ASP A 1 69  ? 2.926   -14.457 1.782   1.00 45.18 ? 61  ASP A CA  1 
ATOM   443 C C   . ASP A 1 69  ? 1.891   -13.329 1.837   1.00 38.40 ? 61  ASP A C   1 
ATOM   444 O O   . ASP A 1 69  ? 1.808   -12.531 0.890   1.00 36.66 ? 61  ASP A O   1 
ATOM   445 C CB  . ASP A 1 69  ? 2.961   -15.056 0.370   1.00 50.62 ? 61  ASP A CB  1 
ATOM   446 C CG  . ASP A 1 69  ? 4.047   -16.103 0.209   1.00 53.65 ? 61  ASP A CG  1 
ATOM   447 O OD1 . ASP A 1 69  ? 5.179   -15.876 0.682   1.00 52.17 ? 61  ASP A OD1 1 
ATOM   448 O OD2 . ASP A 1 69  ? 3.762   -17.158 -0.387  1.00 56.30 ? 61  ASP A OD2 1 
ATOM   449 N N   . THR A 1 70  ? 1.126   -13.218 2.924   1.00 34.86 ? 62  THR A N   1 
ATOM   450 C CA  . THR A 1 70  ? 0.072   -12.220 3.067   1.00 34.05 ? 62  THR A CA  1 
ATOM   451 C C   . THR A 1 70  ? 0.353   -11.363 4.297   1.00 36.35 ? 62  THR A C   1 
ATOM   452 O O   . THR A 1 70  ? 0.550   -11.898 5.392   1.00 35.59 ? 62  THR A O   1 
ATOM   453 C CB  . THR A 1 70  ? -1.308  -12.890 3.193   1.00 34.86 ? 62  THR A CB  1 
ATOM   454 O OG1 . THR A 1 70  ? -1.499  -13.804 2.116   1.00 39.19 ? 62  THR A OG1 1 
ATOM   455 C CG2 . THR A 1 70  ? -2.418  -11.853 3.148   1.00 33.38 ? 62  THR A CG2 1 
ATOM   456 N N   . TYR A 1 71  ? 0.340   -10.035 4.126   1.00 29.75 ? 63  TYR A N   1 
ATOM   457 C CA  . TYR A 1 71  ? 0.751   -9.112  5.176   1.00 28.72 ? 63  TYR A CA  1 
ATOM   458 C C   . TYR A 1 71  ? -0.273  -8.003  5.362   1.00 31.25 ? 63  TYR A C   1 
ATOM   459 O O   . TYR A 1 71  ? -0.841  -7.495  4.390   1.00 29.91 ? 63  TYR A O   1 
ATOM   460 C CB  . TYR A 1 71  ? 2.141   -8.493  4.852   1.00 27.48 ? 63  TYR A CB  1 
ATOM   461 C CG  . TYR A 1 71  ? 3.165   -9.564  4.601   1.00 30.38 ? 63  TYR A CG  1 
ATOM   462 C CD1 . TYR A 1 71  ? 3.396   -10.044 3.321   1.00 32.84 ? 63  TYR A CD1 1 
ATOM   463 C CD2 . TYR A 1 71  ? 3.854   -10.147 5.657   1.00 33.17 ? 63  TYR A CD2 1 
ATOM   464 C CE1 . TYR A 1 71  ? 4.306   -11.073 3.099   1.00 37.82 ? 63  TYR A CE1 1 
ATOM   465 C CE2 . TYR A 1 71  ? 4.768   -11.165 5.445   1.00 35.38 ? 63  TYR A CE2 1 
ATOM   466 C CZ  . TYR A 1 71  ? 4.984   -11.623 4.164   1.00 36.77 ? 63  TYR A CZ  1 
ATOM   467 O OH  . TYR A 1 71  ? 5.886   -12.627 3.947   1.00 49.97 ? 63  TYR A OH  1 
ATOM   468 N N   . ALA A 1 72  ? -0.494  -7.624  6.621   1.00 30.46 ? 64  ALA A N   1 
ATOM   469 C CA  . ALA A 1 72  ? -1.195  -6.389  6.963   1.00 29.08 ? 64  ALA A CA  1 
ATOM   470 C C   . ALA A 1 72  ? -0.184  -5.237  6.988   1.00 31.48 ? 64  ALA A C   1 
ATOM   471 O O   . ALA A 1 72  ? 0.733   -5.209  7.820   1.00 33.01 ? 64  ALA A O   1 
ATOM   472 C CB  . ALA A 1 72  ? -1.909  -6.536  8.304   1.00 22.57 ? 64  ALA A CB  1 
ATOM   473 N N   . ILE A 1 73  ? -0.346  -4.293  6.071   1.00 25.14 ? 65  ILE A N   1 
ATOM   474 C CA  . ILE A 1 73  ? 0.548   -3.148  5.913   1.00 22.83 ? 65  ILE A CA  1 
ATOM   475 C C   . ILE A 1 73  ? -0.275  -1.893  6.186   1.00 26.97 ? 65  ILE A C   1 
ATOM   476 O O   . ILE A 1 73  ? -1.329  -1.695  5.567   1.00 26.95 ? 65  ILE A O   1 
ATOM   477 C CB  . ILE A 1 73  ? 1.162   -3.132  4.503   1.00 23.64 ? 65  ILE A CB  1 
ATOM   478 C CG1 . ILE A 1 73  ? 1.815   -4.495  4.217   1.00 25.28 ? 65  ILE A CG1 1 
ATOM   479 C CG2 . ILE A 1 73  ? 2.164   -1.977  4.331   1.00 21.62 ? 65  ILE A CG2 1 
ATOM   480 C CD1 . ILE A 1 73  ? 2.310   -4.663  2.792   1.00 25.28 ? 65  ILE A CD1 1 
ATOM   481 N N   . ALA A 1 74  ? 0.181   -1.058  7.125   1.00 25.52 ? 66  ALA A N   1 
ATOM   482 C CA  . ALA A 1 74  ? -0.612  0.095   7.555   1.00 24.82 ? 66  ALA A CA  1 
ATOM   483 C C   . ALA A 1 74  ? 0.264   1.324   7.713   1.00 23.32 ? 66  ALA A C   1 
ATOM   484 O O   . ALA A 1 74  ? 1.437   1.235   8.067   1.00 22.89 ? 66  ALA A O   1 
ATOM   485 C CB  . ALA A 1 74  ? -1.358  -0.159  8.888   1.00 18.11 ? 66  ALA A CB  1 
ATOM   486 N N   . TRP A 1 75  ? -0.324  2.482   7.450   1.00 26.40 ? 67  TRP A N   1 
ATOM   487 C CA  . TRP A 1 75  ? 0.400   3.735   7.597   1.00 26.08 ? 67  TRP A CA  1 
ATOM   488 C C   . TRP A 1 75  ? -0.604  4.874   7.712   1.00 24.58 ? 67  TRP A C   1 
ATOM   489 O O   . TRP A 1 75  ? -1.795  4.718   7.430   1.00 22.23 ? 67  TRP A O   1 
ATOM   490 C CB  . TRP A 1 75  ? 1.351   3.968   6.424   1.00 22.87 ? 67  TRP A CB  1 
ATOM   491 C CG  . TRP A 1 75  ? 0.671   4.202   5.094   1.00 23.73 ? 67  TRP A CG  1 
ATOM   492 C CD1 . TRP A 1 75  ? 0.171   5.388   4.625   1.00 24.93 ? 67  TRP A CD1 1 
ATOM   493 C CD2 . TRP A 1 75  ? 0.450   3.233   4.053   1.00 23.33 ? 67  TRP A CD2 1 
ATOM   494 N NE1 . TRP A 1 75  ? -0.345  5.215   3.363   1.00 25.55 ? 67  TRP A NE1 1 
ATOM   495 C CE2 . TRP A 1 75  ? -0.179  3.905   2.986   1.00 24.80 ? 67  TRP A CE2 1 
ATOM   496 C CE3 . TRP A 1 75  ? 0.735   1.860   3.919   1.00 23.80 ? 67  TRP A CE3 1 
ATOM   497 C CZ2 . TRP A 1 75  ? -0.540  3.255   1.803   1.00 27.92 ? 67  TRP A CZ2 1 
ATOM   498 C CZ3 . TRP A 1 75  ? 0.382   1.215   2.748   1.00 24.28 ? 67  TRP A CZ3 1 
ATOM   499 C CH2 . TRP A 1 75  ? -0.250  1.916   1.698   1.00 28.92 ? 67  TRP A CH2 1 
ATOM   500 N N   . GLN A 1 76  ? -0.100  6.030   8.123   1.00 24.99 ? 68  GLN A N   1 
ATOM   501 C CA  . GLN A 1 76  ? -0.892  7.243   8.193   1.00 23.92 ? 68  GLN A CA  1 
ATOM   502 C C   . GLN A 1 76  ? -0.178  8.321   7.394   1.00 26.16 ? 68  GLN A C   1 
ATOM   503 O O   . GLN A 1 76  ? 1.028   8.520   7.551   1.00 28.41 ? 68  GLN A O   1 
ATOM   504 C CB  . GLN A 1 76  ? -1.091  7.673   9.644   1.00 23.60 ? 68  GLN A CB  1 
ATOM   505 C CG  . GLN A 1 76  ? -1.932  8.912   9.834   1.00 23.46 ? 68  GLN A CG  1 
ATOM   506 C CD  . GLN A 1 76  ? -2.391  9.040   11.285  1.00 27.19 ? 68  GLN A CD  1 
ATOM   507 O OE1 . GLN A 1 76  ? -1.659  8.675   12.217  1.00 26.26 ? 68  GLN A OE1 1 
ATOM   508 N NE2 . GLN A 1 76  ? -3.615  9.523   11.480  1.00 25.77 ? 68  GLN A NE2 1 
ATOM   509 N N   . GLU A 1 77  ? -0.925  9.025   6.563   1.00 26.14 ? 69  GLU A N   1 
ATOM   510 C CA  . GLU A 1 77  ? -0.371  9.994   5.640   1.00 22.81 ? 69  GLU A CA  1 
ATOM   511 C C   . GLU A 1 77  ? -0.214  11.344  6.334   1.00 27.90 ? 69  GLU A C   1 
ATOM   512 O O   . GLU A 1 77  ? -0.693  11.551  7.451   1.00 29.02 ? 69  GLU A O   1 
ATOM   513 C CB  . GLU A 1 77  ? -1.271  10.077  4.395   1.00 31.09 ? 69  GLU A CB  1 
ATOM   514 C CG  . GLU A 1 77  ? -0.685  9.293   3.219   1.00 41.99 ? 69  GLU A CG  1 
ATOM   515 C CD  . GLU A 1 77  ? -1.705  8.635   2.329   1.00 43.73 ? 69  GLU A CD  1 
ATOM   516 O OE1 . GLU A 1 77  ? -2.665  9.309   1.901   1.00 47.02 ? 69  GLU A OE1 1 
ATOM   517 O OE2 . GLU A 1 77  ? -1.531  7.437   2.030   1.00 38.23 ? 69  GLU A OE2 1 
ATOM   518 N N   . ALA A 1 78  ? 0.468   12.272  5.653   1.00 26.37 ? 70  ALA A N   1 
ATOM   519 C CA  . ALA A 1 78  ? 0.772   13.567  6.250   1.00 33.90 ? 70  ALA A CA  1 
ATOM   520 C C   . ALA A 1 78  ? -0.486  14.312  6.668   1.00 33.86 ? 70  ALA A C   1 
ATOM   521 O O   . ALA A 1 78  ? -0.463  15.049  7.660   1.00 34.20 ? 70  ALA A O   1 
ATOM   522 C CB  . ALA A 1 78  ? 1.597   14.427  5.280   1.00 33.85 ? 70  ALA A CB  1 
ATOM   523 N N   . ASP A 1 79  ? -1.590  14.152  5.937   1.00 27.49 ? 71  ASP A N   1 
ATOM   524 C CA  . ASP A 1 79  ? -2.803  14.858  6.327   1.00 27.00 ? 71  ASP A CA  1 
ATOM   525 C C   . ASP A 1 79  ? -3.632  14.055  7.324   1.00 25.66 ? 71  ASP A C   1 
ATOM   526 O O   . ASP A 1 79  ? -4.781  14.428  7.597   1.00 24.43 ? 71  ASP A O   1 
ATOM   527 C CB  . ASP A 1 79  ? -3.639  15.252  5.086   1.00 27.76 ? 71  ASP A CB  1 
ATOM   528 C CG  . ASP A 1 79  ? -4.292  14.048  4.391   1.00 31.86 ? 71  ASP A CG  1 
ATOM   529 O OD1 . ASP A 1 79  ? -3.951  12.891  4.705   1.00 27.53 ? 71  ASP A OD1 1 
ATOM   530 O OD2 . ASP A 1 79  ? -5.152  14.263  3.511   1.00 34.55 ? 71  ASP A OD2 1 
ATOM   531 N N   . ARG A 1 80  ? -3.067  12.966  7.866   1.00 22.02 ? 72  ARG A N   1 
ATOM   532 C CA  . ARG A 1 80  ? -3.628  12.071  8.904   1.00 23.65 ? 72  ARG A CA  1 
ATOM   533 C C   . ARG A 1 80  ? -4.667  11.095  8.357   1.00 27.96 ? 72  ARG A C   1 
ATOM   534 O O   . ARG A 1 80  ? -5.305  10.374  9.148   1.00 26.95 ? 72  ARG A O   1 
ATOM   535 C CB  . ARG A 1 80  ? -4.205  12.853  10.098  1.00 21.45 ? 72  ARG A CB  1 
ATOM   536 C CG  . ARG A 1 80  ? -3.115  13.666  10.872  1.00 22.91 ? 72  ARG A CG  1 
ATOM   537 C CD  . ARG A 1 80  ? -3.722  14.623  11.864  1.00 29.10 ? 72  ARG A CD  1 
ATOM   538 N NE  . ARG A 1 80  ? -4.555  15.614  11.192  1.00 29.05 ? 72  ARG A NE  1 
ATOM   539 C CZ  . ARG A 1 80  ? -5.698  16.089  11.666  1.00 31.30 ? 72  ARG A CZ  1 
ATOM   540 N NH1 . ARG A 1 80  ? -6.175  15.667  12.834  1.00 33.02 ? 72  ARG A NH1 1 
ATOM   541 N NH2 . ARG A 1 80  ? -6.373  16.994  10.966  1.00 36.12 ? 72  ARG A NH2 1 
ATOM   542 N N   . ALA A 1 81  ? -4.845  11.010  7.037   1.00 26.59 ? 73  ALA A N   1 
ATOM   543 C CA  . ALA A 1 81  ? -5.578  9.884   6.465   1.00 26.48 ? 73  ALA A CA  1 
ATOM   544 C C   . ALA A 1 81  ? -4.872  8.580   6.820   1.00 25.99 ? 73  ALA A C   1 
ATOM   545 O O   . ALA A 1 81  ? -3.642  8.533   6.894   1.00 27.10 ? 73  ALA A O   1 
ATOM   546 C CB  . ALA A 1 81  ? -5.684  10.034  4.943   1.00 23.94 ? 73  ALA A CB  1 
ATOM   547 N N   . THR A 1 82  ? -5.647  7.513   7.057   1.00 24.27 ? 74  THR A N   1 
ATOM   548 C CA  . THR A 1 82  ? -5.071  6.218   7.418   1.00 22.85 ? 74  THR A CA  1 
ATOM   549 C C   . THR A 1 82  ? -5.377  5.169   6.359   1.00 28.09 ? 74  THR A C   1 
ATOM   550 O O   . THR A 1 82  ? -6.436  5.190   5.716   1.00 25.93 ? 74  THR A O   1 
ATOM   551 C CB  . THR A 1 82  ? -5.576  5.711   8.773   1.00 21.71 ? 74  THR A CB  1 
ATOM   552 O OG1 . THR A 1 82  ? -6.985  5.464   8.697   1.00 21.26 ? 74  THR A OG1 1 
ATOM   553 C CG2 . THR A 1 82  ? -5.305  6.736   9.858   1.00 21.67 ? 74  THR A CG2 1 
ATOM   554 N N   . VAL A 1 83  ? -4.437  4.238   6.191   1.00 22.88 ? 75  VAL A N   1 
ATOM   555 C CA  . VAL A 1 83  ? -4.522  3.209   5.165   1.00 23.29 ? 75  VAL A CA  1 
ATOM   556 C C   . VAL A 1 83  ? -4.150  1.872   5.782   1.00 28.67 ? 75  VAL A C   1 
ATOM   557 O O   . VAL A 1 83  ? -3.126  1.765   6.461   1.00 23.32 ? 75  VAL A O   1 
ATOM   558 C CB  . VAL A 1 83  ? -3.597  3.509   3.971   1.00 26.38 ? 75  VAL A CB  1 
ATOM   559 C CG1 . VAL A 1 83  ? -3.707  2.391   2.920   1.00 25.87 ? 75  VAL A CG1 1 
ATOM   560 C CG2 . VAL A 1 83  ? -3.939  4.871   3.356   1.00 23.96 ? 75  VAL A CG2 1 
ATOM   561 N N   . VAL A 1 84  ? -4.974  0.853   5.537   1.00 23.62 ? 76  VAL A N   1 
ATOM   562 C CA  . VAL A 1 84  ? -4.657  -0.528  5.876   1.00 21.79 ? 76  VAL A CA  1 
ATOM   563 C C   . VAL A 1 84  ? -4.748  -1.346  4.598   1.00 25.91 ? 76  VAL A C   1 
ATOM   564 O O   . VAL A 1 84  ? -5.806  -1.377  3.951   1.00 29.06 ? 76  VAL A O   1 
ATOM   565 C CB  . VAL A 1 84  ? -5.609  -1.096  6.940   1.00 26.02 ? 76  VAL A CB  1 
ATOM   566 C CG1 . VAL A 1 84  ? -5.316  -2.574  7.169   1.00 27.32 ? 76  VAL A CG1 1 
ATOM   567 C CG2 . VAL A 1 84  ? -5.491  -0.322  8.241   1.00 22.96 ? 76  VAL A CG2 1 
ATOM   568 N N   . HIS A 1 85  ? -3.646  -2.003  4.238   1.00 22.01 ? 77  HIS A N   1 
ATOM   569 C CA  . HIS A 1 85  ? -3.595  -2.998  3.171   1.00 20.36 ? 77  HIS A CA  1 
ATOM   570 C C   . HIS A 1 85  ? -3.570  -4.400  3.759   1.00 29.84 ? 77  HIS A C   1 
ATOM   571 O O   . HIS A 1 85  ? -2.859  -4.655  4.733   1.00 27.62 ? 77  HIS A O   1 
ATOM   572 C CB  . HIS A 1 85  ? -2.329  -2.863  2.325   1.00 21.06 ? 77  HIS A CB  1 
ATOM   573 C CG  . HIS A 1 85  ? -2.390  -1.822  1.261   1.00 25.40 ? 77  HIS A CG  1 
ATOM   574 N ND1 . HIS A 1 85  ? -1.681  -1.939  0.081   1.00 25.20 ? 77  HIS A ND1 1 
ATOM   575 C CD2 . HIS A 1 85  ? -3.027  -0.627  1.208   1.00 24.14 ? 77  HIS A CD2 1 
ATOM   576 C CE1 . HIS A 1 85  ? -1.902  -0.868  -0.662  1.00 26.97 ? 77  HIS A CE1 1 
ATOM   577 N NE2 . HIS A 1 85  ? -2.716  -0.060  -0.002  1.00 25.21 ? 77  HIS A NE2 1 
ATOM   578 N N   . ILE A 1 86  ? -4.282  -5.327  3.119   1.00 28.06 ? 78  ILE A N   1 
ATOM   579 C CA  . ILE A 1 86  ? -4.019  -6.753  3.277   1.00 27.91 ? 78  ILE A CA  1 
ATOM   580 C C   . ILE A 1 86  ? -3.554  -7.229  1.914   1.00 28.50 ? 78  ILE A C   1 
ATOM   581 O O   . ILE A 1 86  ? -4.363  -7.415  0.997   1.00 28.07 ? 78  ILE A O   1 
ATOM   582 C CB  . ILE A 1 86  ? -5.237  -7.537  3.767   1.00 29.99 ? 78  ILE A CB  1 
ATOM   583 C CG1 . ILE A 1 86  ? -5.717  -6.926  5.080   1.00 29.22 ? 78  ILE A CG1 1 
ATOM   584 C CG2 . ILE A 1 86  ? -4.874  -9.004  3.968   1.00 26.51 ? 78  ILE A CG2 1 
ATOM   585 C CD1 . ILE A 1 86  ? -7.080  -7.323  5.441   1.00 37.15 ? 78  ILE A CD1 1 
ATOM   586 N N   . ASP A 1 87  ? -2.248  -7.388  1.767   1.00 26.08 ? 79  ASP A N   1 
ATOM   587 C CA  . ASP A 1 87  ? -1.622  -7.625  0.477   1.00 27.13 ? 79  ASP A CA  1 
ATOM   588 C C   . ASP A 1 87  ? -1.062  -9.039  0.457   1.00 30.56 ? 79  ASP A C   1 
ATOM   589 O O   . ASP A 1 87  ? -0.209  -9.387  1.278   1.00 34.51 ? 79  ASP A O   1 
ATOM   590 C CB  . ASP A 1 87  ? -0.531  -6.587  0.208   1.00 24.95 ? 79  ASP A CB  1 
ATOM   591 C CG  . ASP A 1 87  ? -1.106  -5.220  -0.126  1.00 29.03 ? 79  ASP A CG  1 
ATOM   592 O OD1 . ASP A 1 87  ? -2.339  -5.135  -0.283  1.00 27.98 ? 79  ASP A OD1 1 
ATOM   593 O OD2 . ASP A 1 87  ? -0.341  -4.236  -0.244  1.00 25.80 ? 79  ASP A OD2 1 
ATOM   594 N N   . ASP A 1 88  ? -1.559  -9.846  -0.476  1.00 33.31 ? 80  ASP A N   1 
ATOM   595 C CA  . ASP A 1 88  ? -1.157  -11.237 -0.646  1.00 34.56 ? 80  ASP A CA  1 
ATOM   596 C C   . ASP A 1 88  ? -0.253  -11.283 -1.870  1.00 35.75 ? 80  ASP A C   1 
ATOM   597 O O   . ASP A 1 88  ? -0.728  -11.146 -3.004  1.00 38.26 ? 80  ASP A O   1 
ATOM   598 C CB  . ASP A 1 88  ? -2.405  -12.110 -0.802  1.00 39.08 ? 80  ASP A CB  1 
ATOM   599 C CG  . ASP A 1 88  ? -2.098  -13.590 -1.040  1.00 41.53 ? 80  ASP A CG  1 
ATOM   600 O OD1 . ASP A 1 88  ? -0.978  -13.957 -1.439  1.00 38.82 ? 80  ASP A OD1 1 
ATOM   601 O OD2 . ASP A 1 88  ? -3.028  -14.395 -0.842  1.00 44.90 ? 80  ASP A OD2 1 
ATOM   602 N N   . PHE A 1 89  ? 1.055   -11.461 -1.639  1.00 33.80 ? 81  PHE A N   1 
ATOM   603 C CA  . PHE A 1 89  ? 2.036   -11.374 -2.710  1.00 38.40 ? 81  PHE A CA  1 
ATOM   604 C C   . PHE A 1 89  ? 2.150   -12.650 -3.527  1.00 45.01 ? 81  PHE A C   1 
ATOM   605 O O   . PHE A 1 89  ? 2.816   -12.635 -4.566  1.00 45.20 ? 81  PHE A O   1 
ATOM   606 C CB  . PHE A 1 89  ? 3.407   -10.999 -2.137  1.00 32.25 ? 81  PHE A CB  1 
ATOM   607 C CG  . PHE A 1 89  ? 3.451   -9.608  -1.580  1.00 33.48 ? 81  PHE A CG  1 
ATOM   608 C CD1 . PHE A 1 89  ? 3.960   -8.567  -2.333  1.00 31.23 ? 81  PHE A CD1 1 
ATOM   609 C CD2 . PHE A 1 89  ? 2.930   -9.333  -0.325  1.00 30.72 ? 81  PHE A CD2 1 
ATOM   610 C CE1 . PHE A 1 89  ? 3.983   -7.278  -1.833  1.00 32.91 ? 81  PHE A CE1 1 
ATOM   611 C CE2 . PHE A 1 89  ? 2.954   -8.052  0.185   1.00 35.37 ? 81  PHE A CE2 1 
ATOM   612 C CZ  . PHE A 1 89  ? 3.478   -7.017  -0.579  1.00 32.33 ? 81  PHE A CZ  1 
ATOM   613 N N   . ALA A 1 90  ? 1.533   -13.747 -3.091  1.00 48.64 ? 82  ALA A N   1 
ATOM   614 C CA  . ALA A 1 90  ? 1.535   -14.956 -3.908  1.00 51.97 ? 82  ALA A CA  1 
ATOM   615 C C   . ALA A 1 90  ? 0.350   -14.976 -4.866  1.00 53.23 ? 82  ALA A C   1 
ATOM   616 O O   . ALA A 1 90  ? 0.513   -15.249 -6.058  1.00 54.53 ? 82  ALA A O   1 
ATOM   617 C CB  . ALA A 1 90  ? 1.521   -16.203 -3.022  1.00 48.48 ? 82  ALA A CB  1 
ATOM   618 N N   . ALA A 1 91  ? -0.844  -14.672 -4.361  1.00 51.00 ? 83  ALA A N   1 
ATOM   619 C CA  . ALA A 1 91  ? -2.021  -14.590 -5.212  1.00 51.33 ? 83  ALA A CA  1 
ATOM   620 C C   . ALA A 1 91  ? -2.074  -13.298 -6.013  1.00 54.73 ? 83  ALA A C   1 
ATOM   621 O O   . ALA A 1 91  ? -2.840  -13.221 -6.980  1.00 52.75 ? 83  ALA A O   1 
ATOM   622 C CB  . ALA A 1 91  ? -3.291  -14.716 -4.368  1.00 47.17 ? 83  ALA A CB  1 
ATOM   623 N N   . GLY A 1 92  ? -1.290  -12.291 -5.638  1.00 47.04 ? 84  GLY A N   1 
ATOM   624 C CA  . GLY A 1 92  ? -1.344  -11.017 -6.333  1.00 41.08 ? 84  GLY A CA  1 
ATOM   625 C C   . GLY A 1 92  ? -2.610  -10.225 -6.073  1.00 40.43 ? 84  GLY A C   1 
ATOM   626 O O   . GLY A 1 92  ? -3.195  -9.669  -7.013  1.00 39.85 ? 84  GLY A O   1 
ATOM   627 N N   . THR A 1 93  ? -3.051  -10.154 -4.821  1.00 37.11 ? 85  THR A N   1 
ATOM   628 C CA  . THR A 1 93  ? -4.262  -9.431  -4.471  1.00 35.65 ? 85  THR A CA  1 
ATOM   629 C C   . THR A 1 93  ? -3.958  -8.378  -3.416  1.00 34.71 ? 85  THR A C   1 
ATOM   630 O O   . THR A 1 93  ? -3.041  -8.533  -2.604  1.00 32.83 ? 85  THR A O   1 
ATOM   631 C CB  . THR A 1 93  ? -5.355  -10.366 -3.938  1.00 36.20 ? 85  THR A CB  1 
ATOM   632 O OG1 . THR A 1 93  ? -4.900  -10.973 -2.727  1.00 40.46 ? 85  THR A OG1 1 
ATOM   633 C CG2 . THR A 1 93  ? -5.684  -11.464 -4.957  1.00 36.44 ? 85  THR A CG2 1 
ATOM   634 N N   . SER A 1 94  ? -4.762  -7.317  -3.417  1.00 32.97 ? 86  SER A N   1 
ATOM   635 C CA  . SER A 1 94  ? -4.640  -6.250  -2.433  1.00 30.78 ? 86  SER A CA  1 
ATOM   636 C C   . SER A 1 94  ? -6.037  -5.833  -1.991  1.00 34.28 ? 86  SER A C   1 
ATOM   637 O O   . SER A 1 94  ? -6.871  -5.446  -2.816  1.00 33.29 ? 86  SER A O   1 
ATOM   638 C CB  . SER A 1 94  ? -3.868  -5.056  -3.006  1.00 28.12 ? 86  SER A CB  1 
ATOM   639 O OG  . SER A 1 94  ? -3.886  -3.955  -2.099  1.00 30.07 ? 86  SER A OG  1 
ATOM   640 N N   . ARG A 1 95  ? -6.296  -5.913  -0.691  1.00 33.61 ? 87  ARG A N   1 
ATOM   641 C CA  . ARG A 1 95  ? -7.546  -5.443  -0.110  1.00 28.15 ? 87  ARG A CA  1 
ATOM   642 C C   . ARG A 1 95  ? -7.238  -4.273  0.813   1.00 34.53 ? 87  ARG A C   1 
ATOM   643 O O   . ARG A 1 95  ? -6.402  -4.394  1.717   1.00 31.40 ? 87  ARG A O   1 
ATOM   644 C CB  . ARG A 1 95  ? -8.252  -6.565  0.646   1.00 34.72 ? 87  ARG A CB  1 
ATOM   645 C CG  . ARG A 1 95  ? -9.597  -6.148  1.191   1.00 52.63 ? 87  ARG A CG  1 
ATOM   646 C CD  . ARG A 1 95  ? -10.329 -7.311  1.856   1.00 60.35 ? 87  ARG A CD  1 
ATOM   647 N NE  . ARG A 1 95  ? -10.569 -8.433  0.951   1.00 67.48 ? 87  ARG A NE  1 
ATOM   648 C CZ  . ARG A 1 95  ? -11.518 -8.448  0.023   1.00 62.62 ? 87  ARG A CZ  1 
ATOM   649 N NH1 . ARG A 1 95  ? -12.305 -7.391  -0.131  1.00 57.58 ? 87  ARG A NH1 1 
ATOM   650 N NH2 . ARG A 1 95  ? -11.674 -9.514  -0.750  1.00 60.43 ? 87  ARG A NH2 1 
ATOM   651 N N   . THR A 1 96  ? -7.899  -3.138  0.585   1.00 33.39 ? 88  THR A N   1 
ATOM   652 C CA  . THR A 1 96  ? -7.527  -1.905  1.264   1.00 29.11 ? 88  THR A CA  1 
ATOM   653 C C   . THR A 1 96  ? -8.719  -1.267  1.958   1.00 30.03 ? 88  THR A C   1 
ATOM   654 O O   . THR A 1 96  ? -9.856  -1.313  1.479   1.00 28.02 ? 88  THR A O   1 
ATOM   655 C CB  . THR A 1 96  ? -6.901  -0.874  0.298   1.00 30.41 ? 88  THR A CB  1 
ATOM   656 O OG1 . THR A 1 96  ? -7.887  -0.420  -0.633  1.00 35.84 ? 88  THR A OG1 1 
ATOM   657 C CG2 . THR A 1 96  ? -5.773  -1.500  -0.468  1.00 32.87 ? 88  THR A CG2 1 
ATOM   658 N N   . PHE A 1 97  ? -8.415  -0.649  3.089   1.00 25.03 ? 89  PHE A N   1 
ATOM   659 C CA  . PHE A 1 97  ? -9.344  0.138   3.880   1.00 26.22 ? 89  PHE A CA  1 
ATOM   660 C C   . PHE A 1 97  ? -8.684  1.486   4.092   1.00 28.88 ? 89  PHE A C   1 
ATOM   661 O O   . PHE A 1 97  ? -7.555  1.553   4.585   1.00 30.60 ? 89  PHE A O   1 
ATOM   662 C CB  . PHE A 1 97  ? -9.628  -0.549  5.218   1.00 23.19 ? 89  PHE A CB  1 
ATOM   663 C CG  . PHE A 1 97  ? -10.091 -1.980  5.071   1.00 27.19 ? 89  PHE A CG  1 
ATOM   664 C CD1 . PHE A 1 97  ? -11.441 -2.278  5.032   1.00 23.05 ? 89  PHE A CD1 1 
ATOM   665 C CD2 . PHE A 1 97  ? -9.171  -3.020  4.956   1.00 30.07 ? 89  PHE A CD2 1 
ATOM   666 C CE1 . PHE A 1 97  ? -11.888 -3.610  4.884   1.00 26.28 ? 89  PHE A CE1 1 
ATOM   667 C CE2 . PHE A 1 97  ? -9.605  -4.342  4.806   1.00 28.10 ? 89  PHE A CE2 1 
ATOM   668 C CZ  . PHE A 1 97  ? -10.976 -4.631  4.778   1.00 24.12 ? 89  PHE A CZ  1 
ATOM   669 N N   . PHE A 1 98  ? -9.373  2.555   3.715   1.00 23.39 ? 90  PHE A N   1 
ATOM   670 C CA  . PHE A 1 98  ? -8.771  3.880   3.644   1.00 27.53 ? 90  PHE A CA  1 
ATOM   671 C C   . PHE A 1 98  ? -9.732  4.852   4.317   1.00 25.80 ? 90  PHE A C   1 
ATOM   672 O O   . PHE A 1 98  ? -10.903 4.940   3.933   1.00 25.38 ? 90  PHE A O   1 
ATOM   673 C CB  . PHE A 1 98  ? -8.471  4.240   2.170   1.00 30.59 ? 90  PHE A CB  1 
ATOM   674 C CG  . PHE A 1 98  ? -8.244  5.704   1.902   1.00 41.64 ? 90  PHE A CG  1 
ATOM   675 C CD1 . PHE A 1 98  ? -9.047  6.384   0.994   1.00 51.52 ? 90  PHE A CD1 1 
ATOM   676 C CD2 . PHE A 1 98  ? -7.199  6.396   2.516   1.00 52.01 ? 90  PHE A CD2 1 
ATOM   677 C CE1 . PHE A 1 98  ? -8.831  7.750   0.722   1.00 56.72 ? 90  PHE A CE1 1 
ATOM   678 C CE2 . PHE A 1 98  ? -6.976  7.758   2.251   1.00 51.62 ? 90  PHE A CE2 1 
ATOM   679 C CZ  . PHE A 1 98  ? -7.793  8.435   1.360   1.00 48.49 ? 90  PHE A CZ  1 
ATOM   680 N N   . THR A 1 99  ? -9.264  5.517   5.366   1.00 23.95 ? 91  THR A N   1 
ATOM   681 C CA  . THR A 1 99  ? -10.040 6.547   6.049   1.00 26.36 ? 91  THR A CA  1 
ATOM   682 C C   . THR A 1 99  ? -9.408  7.878   5.671   1.00 27.87 ? 91  THR A C   1 
ATOM   683 O O   . THR A 1 99  ? -8.281  8.170   6.086   1.00 26.11 ? 91  THR A O   1 
ATOM   684 C CB  . THR A 1 99  ? -10.045 6.353   7.567   1.00 21.50 ? 91  THR A CB  1 
ATOM   685 O OG1 . THR A 1 99  ? -10.508 5.034   7.901   1.00 23.48 ? 91  THR A OG1 1 
ATOM   686 C CG2 . THR A 1 99  ? -10.958 7.388   8.227   1.00 21.05 ? 91  THR A CG2 1 
ATOM   687 N N   . ALA A 1 100 ? -10.114 8.668   4.864   1.00 26.84 ? 92  ALA A N   1 
ATOM   688 C CA  . ALA A 1 100 ? -9.608  9.978   4.477   1.00 24.21 ? 92  ALA A CA  1 
ATOM   689 C C   . ALA A 1 100 ? -9.587  10.917  5.676   1.00 26.22 ? 92  ALA A C   1 
ATOM   690 O O   . ALA A 1 100 ? -10.244 10.679  6.696   1.00 26.07 ? 92  ALA A O   1 
ATOM   691 C CB  . ALA A 1 100 ? -10.458 10.583  3.362   1.00 21.43 ? 92  ALA A CB  1 
ATOM   692 N N   . ALA A 1 101 ? -8.826  12.011  5.544   1.00 28.55 ? 93  ALA A N   1 
ATOM   693 C CA  . ALA A 1 101 ? -8.833  13.037  6.587   1.00 29.84 ? 93  ALA A CA  1 
ATOM   694 C C   . ALA A 1 101 ? -10.244 13.551  6.859   1.00 31.03 ? 93  ALA A C   1 
ATOM   695 O O   . ALA A 1 101 ? -10.545 13.997  7.972   1.00 30.38 ? 93  ALA A O   1 
ATOM   696 C CB  . ALA A 1 101 ? -7.914  14.197  6.198   1.00 29.94 ? 93  ALA A CB  1 
ATOM   697 N N   . SER A 1 102 ? -11.121 13.488  5.861   1.00 28.48 ? 94  SER A N   1 
ATOM   698 C CA  . SER A 1 102 ? -12.520 13.858  6.020   1.00 32.39 ? 94  SER A CA  1 
ATOM   699 C C   . SER A 1 102 ? -13.335 12.816  6.775   1.00 33.05 ? 94  SER A C   1 
ATOM   700 O O   . SER A 1 102 ? -14.511 13.075  7.076   1.00 28.38 ? 94  SER A O   1 
ATOM   701 C CB  . SER A 1 102 ? -13.145 14.069  4.643   1.00 34.68 ? 94  SER A CB  1 
ATOM   702 O OG  . SER A 1 102 ? -13.161 12.831  3.952   1.00 34.12 ? 94  SER A OG  1 
ATOM   703 N N   . LEU A 1 103 ? -12.752 11.651  7.070   1.00 29.44 ? 95  LEU A N   1 
ATOM   704 C CA  . LEU A 1 103 ? -13.380 10.503  7.737   1.00 29.68 ? 95  LEU A CA  1 
ATOM   705 C C   . LEU A 1 103 ? -14.310 9.724   6.810   1.00 28.61 ? 95  LEU A C   1 
ATOM   706 O O   . LEU A 1 103 ? -15.014 8.806   7.290   1.00 26.50 ? 95  LEU A O   1 
ATOM   707 C CB  . LEU A 1 103 ? -14.143 10.898  9.011   1.00 31.81 ? 95  LEU A CB  1 
ATOM   708 C CG  . LEU A 1 103 ? -13.284 11.354  10.198  1.00 30.52 ? 95  LEU A CG  1 
ATOM   709 C CD1 . LEU A 1 103 ? -14.160 11.849  11.314  1.00 28.57 ? 95  LEU A CD1 1 
ATOM   710 C CD2 . LEU A 1 103 ? -12.460 10.191  10.680  1.00 20.54 ? 95  LEU A CD2 1 
ATOM   711 N N   . ASP A 1 104 ? -14.353 10.039  5.514   1.00 25.68 ? 96  ASP A N   1 
ATOM   712 C CA  . ASP A 1 104 ? -14.918 9.100   4.550   1.00 23.69 ? 96  ASP A CA  1 
ATOM   713 C C   . ASP A 1 104 ? -14.129 7.795   4.585   1.00 26.93 ? 96  ASP A C   1 
ATOM   714 O O   . ASP A 1 104 ? -12.898 7.797   4.567   1.00 23.59 ? 96  ASP A O   1 
ATOM   715 C CB  . ASP A 1 104 ? -14.892 9.686   3.138   1.00 24.69 ? 96  ASP A CB  1 
ATOM   716 C CG  . ASP A 1 104 ? -15.728 10.943  3.016   1.00 31.38 ? 96  ASP A CG  1 
ATOM   717 O OD1 . ASP A 1 104 ? -16.915 10.922  3.386   1.00 31.86 ? 96  ASP A OD1 1 
ATOM   718 O OD2 . ASP A 1 104 ? -15.186 11.968  2.571   1.00 34.71 ? 96  ASP A OD2 1 
ATOM   719 N N   . PHE A 1 105 ? -14.844 6.682   4.623   1.00 27.31 ? 97  PHE A N   1 
ATOM   720 C CA  . PHE A 1 105 ? -14.260 5.357   4.760   1.00 27.04 ? 97  PHE A CA  1 
ATOM   721 C C   . PHE A 1 105 ? -14.446 4.639   3.437   1.00 28.83 ? 97  PHE A C   1 
ATOM   722 O O   . PHE A 1 105 ? -15.576 4.509   2.956   1.00 25.53 ? 97  PHE A O   1 
ATOM   723 C CB  . PHE A 1 105 ? -14.932 4.593   5.905   1.00 22.91 ? 97  PHE A CB  1 
ATOM   724 C CG  . PHE A 1 105 ? -14.234 3.315   6.296   1.00 21.49 ? 97  PHE A CG  1 
ATOM   725 C CD1 . PHE A 1 105 ? -12.846 3.243   6.335   1.00 21.87 ? 97  PHE A CD1 1 
ATOM   726 C CD2 . PHE A 1 105 ? -14.979 2.191   6.663   1.00 24.93 ? 97  PHE A CD2 1 
ATOM   727 C CE1 . PHE A 1 105 ? -12.200 2.071   6.722   1.00 22.17 ? 97  PHE A CE1 1 
ATOM   728 C CE2 . PHE A 1 105 ? -14.350 1.016   7.057   1.00 26.87 ? 97  PHE A CE2 1 
ATOM   729 C CZ  . PHE A 1 105 ? -12.963 0.950   7.087   1.00 20.60 ? 97  PHE A CZ  1 
ATOM   730 N N   . HIS A 1 106 ? -13.345 4.179   2.851   1.00 25.90 ? 98  HIS A N   1 
ATOM   731 C CA  . HIS A 1 106 ? -13.357 3.576   1.527   1.00 27.70 ? 98  HIS A CA  1 
ATOM   732 C C   . HIS A 1 106 ? -12.759 2.180   1.583   1.00 26.82 ? 98  HIS A C   1 
ATOM   733 O O   . HIS A 1 106 ? -11.675 1.984   2.139   1.00 27.35 ? 98  HIS A O   1 
ATOM   734 C CB  . HIS A 1 106 ? -12.574 4.435   0.527   1.00 32.51 ? 98  HIS A CB  1 
ATOM   735 C CG  . HIS A 1 106 ? -13.169 5.788   0.313   1.00 41.13 ? 98  HIS A CG  1 
ATOM   736 N ND1 . HIS A 1 106 ? -12.511 6.951   0.644   1.00 41.26 ? 98  HIS A ND1 1 
ATOM   737 C CD2 . HIS A 1 106 ? -14.383 6.162   -0.162  1.00 41.57 ? 98  HIS A CD2 1 
ATOM   738 C CE1 . HIS A 1 106 ? -13.285 7.985   0.362   1.00 40.07 ? 98  HIS A CE1 1 
ATOM   739 N NE2 . HIS A 1 106 ? -14.429 7.531   -0.121  1.00 43.03 ? 98  HIS A NE2 1 
ATOM   740 N N   . ARG A 1 107 ? -13.469 1.221   1.009   1.00 27.90 ? 99  ARG A N   1 
ATOM   741 C CA  . ARG A 1 107 ? -12.989 -0.143  0.876   1.00 29.76 ? 99  ARG A CA  1 
ATOM   742 C C   . ARG A 1 107 ? -12.781 -0.429  -0.597  1.00 29.74 ? 99  ARG A C   1 
ATOM   743 O O   . ARG A 1 107 ? -13.665 -0.157  -1.414  1.00 34.58 ? 99  ARG A O   1 
ATOM   744 C CB  . ARG A 1 107 ? -13.991 -1.141  1.459   1.00 35.33 ? 99  ARG A CB  1 
ATOM   745 C CG  . ARG A 1 107 ? -14.377 -0.860  2.884   1.00 41.56 ? 99  ARG A CG  1 
ATOM   746 C CD  . ARG A 1 107 ? -15.815 -1.230  3.048   1.00 48.37 ? 99  ARG A CD  1 
ATOM   747 N NE  . ARG A 1 107 ? -16.115 -1.789  4.351   1.00 43.32 ? 99  ARG A NE  1 
ATOM   748 C CZ  . ARG A 1 107 ? -16.804 -1.152  5.284   1.00 39.57 ? 99  ARG A CZ  1 
ATOM   749 N NH1 . ARG A 1 107 ? -17.253 0.077   5.054   1.00 36.56 ? 99  ARG A NH1 1 
ATOM   750 N NH2 . ARG A 1 107 ? -17.053 -1.753  6.438   1.00 31.63 ? 99  ARG A NH2 1 
ATOM   751 N N   . LEU A 1 108 ? -11.611 -0.958  -0.931  1.00 30.03 ? 100 LEU A N   1 
ATOM   752 C CA  . LEU A 1 108 ? -11.302 -1.332  -2.301  1.00 33.69 ? 100 LEU A CA  1 
ATOM   753 C C   . LEU A 1 108 ? -10.568 -2.658  -2.271  1.00 34.74 ? 100 LEU A C   1 
ATOM   754 O O   . LEU A 1 108 ? -9.875  -2.976  -1.304  1.00 36.93 ? 100 LEU A O   1 
ATOM   755 C CB  . LEU A 1 108 ? -10.428 -0.282  -3.006  1.00 37.47 ? 100 LEU A CB  1 
ATOM   756 C CG  . LEU A 1 108 ? -10.990 1.099   -3.334  1.00 40.20 ? 100 LEU A CG  1 
ATOM   757 C CD1 . LEU A 1 108 ? -9.875  1.990   -3.863  1.00 35.76 ? 100 LEU A CD1 1 
ATOM   758 C CD2 . LEU A 1 108 ? -12.123 0.984   -4.356  1.00 39.13 ? 100 LEU A CD2 1 
ATOM   759 N N   . ASP A 1 109 ? -10.722 -3.439  -3.326  1.00 35.46 ? 101 ASP A N   1 
ATOM   760 C CA  . ASP A 1 109 ? -9.873  -4.607  -3.458  1.00 40.51 ? 101 ASP A CA  1 
ATOM   761 C C   . ASP A 1 109 ? -9.507  -4.780  -4.923  1.00 36.88 ? 101 ASP A C   1 
ATOM   762 O O   . ASP A 1 109 ? -10.319 -4.505  -5.809  1.00 38.83 ? 101 ASP A O   1 
ATOM   763 C CB  . ASP A 1 109 ? -10.552 -5.846  -2.878  1.00 47.03 ? 101 ASP A CB  1 
ATOM   764 C CG  . ASP A 1 109 ? -11.427 -6.514  -3.856  1.00 63.93 ? 101 ASP A CG  1 
ATOM   765 O OD1 . ASP A 1 109 ? -12.507 -5.959  -4.138  1.00 78.95 ? 101 ASP A OD1 1 
ATOM   766 O OD2 . ASP A 1 109 ? -11.034 -7.593  -4.349  1.00 69.04 ? 101 ASP A OD2 1 
ATOM   767 N N   . GLY A 1 110 ? -8.271  -5.183  -5.175  1.00 35.71 ? 102 GLY A N   1 
ATOM   768 C CA  . GLY A 1 110 ? -7.827  -5.348  -6.537  1.00 38.30 ? 102 GLY A CA  1 
ATOM   769 C C   . GLY A 1 110 ? -6.613  -6.227  -6.650  1.00 37.39 ? 102 GLY A C   1 
ATOM   770 O O   . GLY A 1 110 ? -6.351  -7.073  -5.794  1.00 40.14 ? 102 GLY A O   1 
ATOM   771 N N   . SER A 1 111 ? -5.881  -6.026  -7.739  1.00 35.87 ? 103 SER A N   1 
ATOM   772 C CA  . SER A 1 111 ? -4.714  -6.817  -8.060  1.00 34.76 ? 103 SER A CA  1 
ATOM   773 C C   . SER A 1 111 ? -3.457  -6.171  -7.492  1.00 40.97 ? 103 SER A C   1 
ATOM   774 O O   . SER A 1 111 ? -3.422  -4.976  -7.191  1.00 30.89 ? 103 SER A O   1 
ATOM   775 C CB  . SER A 1 111 ? -4.573  -6.967  -9.571  1.00 39.35 ? 103 SER A CB  1 
ATOM   776 O OG  . SER A 1 111 ? -4.441  -5.688  -10.160 1.00 44.44 ? 103 SER A OG  1 
ATOM   777 N N   . LEU A 1 112 ? -2.419  -6.991  -7.362  1.00 38.00 ? 104 LEU A N   1 
ATOM   778 C CA  A LEU A 1 112 ? -1.111  -6.571  -6.874  0.41 37.08 ? 104 LEU A CA  1 
ATOM   779 C CA  B LEU A 1 112 ? -1.111  -6.552  -6.896  0.59 37.06 ? 104 LEU A CA  1 
ATOM   780 C C   . LEU A 1 112 ? -0.063  -7.308  -7.694  1.00 40.68 ? 104 LEU A C   1 
ATOM   781 O O   . LEU A 1 112 ? -0.102  -8.537  -7.762  1.00 40.76 ? 104 LEU A O   1 
ATOM   782 C CB  A LEU A 1 112 ? -0.976  -6.896  -5.382  0.41 34.66 ? 104 LEU A CB  1 
ATOM   783 C CB  B LEU A 1 112 ? -0.935  -6.806  -5.393  0.59 34.51 ? 104 LEU A CB  1 
ATOM   784 C CG  A LEU A 1 112 ? 0.380   -6.931  -4.676  0.41 33.79 ? 104 LEU A CG  1 
ATOM   785 C CG  B LEU A 1 112 ? 0.433   -6.490  -4.770  0.59 34.99 ? 104 LEU A CG  1 
ATOM   786 C CD1 A LEU A 1 112 ? 0.855   -5.525  -4.372  0.41 30.67 ? 104 LEU A CD1 1 
ATOM   787 C CD1 B LEU A 1 112 ? 0.282   -6.062  -3.313  0.59 27.81 ? 104 LEU A CD1 1 
ATOM   788 C CD2 A LEU A 1 112 ? 0.276   -7.744  -3.393  0.41 27.13 ? 104 LEU A CD2 1 
ATOM   789 C CD2 B LEU A 1 112 ? 1.389   -7.670  -4.872  0.59 29.15 ? 104 LEU A CD2 1 
ATOM   790 N N   . ARG A 1 113 ? 0.870   -6.580  -8.312  1.00 38.71 ? 105 ARG A N   1 
ATOM   791 C CA  . ARG A 1 113 ? 1.898   -7.266  -9.088  1.00 43.44 ? 105 ARG A CA  1 
ATOM   792 C C   . ARG A 1 113 ? 3.226   -6.516  -9.015  1.00 42.86 ? 105 ARG A C   1 
ATOM   793 O O   . ARG A 1 113 ? 3.267   -5.284  -8.954  1.00 41.58 ? 105 ARG A O   1 
ATOM   794 C CB  . ARG A 1 113 ? 1.481   -7.456  -10.551 1.00 50.26 ? 105 ARG A CB  1 
ATOM   795 C CG  . ARG A 1 113 ? 1.430   -6.181  -11.343 1.00 62.73 ? 105 ARG A CG  1 
ATOM   796 C CD  . ARG A 1 113 ? 1.503   -6.435  -12.847 1.00 75.37 ? 105 ARG A CD  1 
ATOM   797 N NE  . ARG A 1 113 ? 1.792   -5.191  -13.556 1.00 82.25 ? 105 ARG A NE  1 
ATOM   798 C CZ  . ARG A 1 113 ? 2.984   -4.866  -14.052 1.00 89.32 ? 105 ARG A CZ  1 
ATOM   799 N NH1 . ARG A 1 113 ? 4.009   -5.705  -13.949 1.00 87.60 ? 105 ARG A NH1 1 
ATOM   800 N NH2 . ARG A 1 113 ? 3.145   -3.701  -14.666 1.00 93.51 ? 105 ARG A NH2 1 
ATOM   801 N N   . ALA A 1 114 ? 4.310   -7.290  -9.024  1.00 46.01 ? 106 ALA A N   1 
ATOM   802 C CA  . ALA A 1 114 ? 5.662   -6.740  -8.997  1.00 47.65 ? 106 ALA A CA  1 
ATOM   803 C C   . ALA A 1 114 ? 5.964   -5.952  -10.266 1.00 46.37 ? 106 ALA A C   1 
ATOM   804 O O   . ALA A 1 114 ? 5.649   -6.389  -11.372 1.00 52.90 ? 106 ALA A O   1 
ATOM   805 C CB  . ALA A 1 114 ? 6.683   -7.869  -8.842  1.00 42.33 ? 106 ALA A CB  1 
ATOM   806 N N   . VAL A 1 115 ? 6.579   -4.782  -10.095 1.00 44.91 ? 107 VAL A N   1 
ATOM   807 C CA  . VAL A 1 115 ? 6.991   -3.918  -11.207 1.00 47.73 ? 107 VAL A CA  1 
ATOM   808 C C   . VAL A 1 115 ? 8.454   -4.169  -11.568 1.00 54.49 ? 107 VAL A C   1 
ATOM   809 O O   . VAL A 1 115 ? 9.274   -4.376  -10.674 1.00 54.27 ? 107 VAL A O   1 
ATOM   810 C CB  . VAL A 1 115 ? 6.790   -2.423  -10.860 1.00 52.50 ? 107 VAL A CB  1 
ATOM   811 C CG1 . VAL A 1 115 ? 7.286   -1.526  -11.996 1.00 65.18 ? 107 VAL A CG1 1 
ATOM   812 C CG2 . VAL A 1 115 ? 5.343   -2.142  -10.544 1.00 53.64 ? 107 VAL A CG2 1 
ATOM   813 O OXT . VAL A 1 115 ? 8.862   -4.157  -12.734 1.00 62.40 ? 107 VAL A OXT 1 
HETATM 814 C C1  . EDO B 2 .   ? -4.810  3.243   -0.564  1.00 63.28 ? 201 EDO A C1  1 
HETATM 815 O O1  . EDO B 2 .   ? -3.961  2.233   -1.138  1.00 51.30 ? 201 EDO A O1  1 
HETATM 816 C C2  . EDO B 2 .   ? -4.393  4.622   -1.062  1.00 64.84 ? 201 EDO A C2  1 
HETATM 817 O O2  . EDO B 2 .   ? -5.359  5.617   -0.703  1.00 65.11 ? 201 EDO A O2  1 
HETATM 818 O O   . HOH C 3 .   ? -0.273  12.364  -0.256  1.00 50.36 ? 301 HOH A O   1 
HETATM 819 O O   . HOH C 3 .   ? -6.041  16.366  2.868   1.00 41.98 ? 302 HOH A O   1 
HETATM 820 O O   . HOH C 3 .   ? -0.790  -4.188  -12.382 1.00 55.24 ? 303 HOH A O   1 
HETATM 821 O O   . HOH C 3 .   ? -5.672  16.676  8.003   1.00 40.74 ? 304 HOH A O   1 
HETATM 822 O O   . HOH C 3 .   ? 11.757  10.710  0.382   1.00 34.66 ? 305 HOH A O   1 
HETATM 823 O O   . HOH C 3 .   ? 21.166  -3.258  -2.271  1.00 40.47 ? 306 HOH A O   1 
HETATM 824 O O   . HOH C 3 .   ? -15.785 14.099  1.285   1.00 29.97 ? 307 HOH A O   1 
HETATM 825 O O   . HOH C 3 .   ? 1.065   2.624   -12.394 1.00 55.15 ? 308 HOH A O   1 
HETATM 826 O O   . HOH C 3 .   ? 17.529  2.678   1.820   1.00 34.11 ? 309 HOH A O   1 
HETATM 827 O O   . HOH C 3 .   ? 2.534   6.128   9.148   1.00 28.36 ? 310 HOH A O   1 
HETATM 828 O O   . HOH C 3 .   ? -18.595 8.934   3.644   1.00 31.25 ? 311 HOH A O   1 
HETATM 829 O O   . HOH C 3 .   ? -2.261  8.923   14.756  1.00 35.56 ? 312 HOH A O   1 
HETATM 830 O O   . HOH C 3 .   ? -7.197  0.714   -11.566 1.00 55.47 ? 313 HOH A O   1 
HETATM 831 O O   . HOH C 3 .   ? -3.694  11.708  2.332   1.00 30.07 ? 314 HOH A O   1 
HETATM 832 O O   . HOH C 3 .   ? 9.997   2.480   -7.233  1.00 29.46 ? 315 HOH A O   1 
HETATM 833 O O   . HOH C 3 .   ? 10.448  -0.406  3.243   1.00 24.74 ? 316 HOH A O   1 
HETATM 834 O O   . HOH C 3 .   ? 6.076   -13.366 0.999   1.00 58.93 ? 317 HOH A O   1 
HETATM 835 O O   . HOH C 3 .   ? 15.919  4.670   -1.026  1.00 27.88 ? 318 HOH A O   1 
HETATM 836 O O   . HOH C 3 .   ? -11.781 15.154  10.063  1.00 45.89 ? 319 HOH A O   1 
HETATM 837 O O   . HOH C 3 .   ? -1.753  -4.918  -10.097 1.00 35.19 ? 320 HOH A O   1 
HETATM 838 O O   . HOH C 3 .   ? 1.752   -2.800  -1.340  1.00 27.46 ? 321 HOH A O   1 
HETATM 839 O O   . HOH C 3 .   ? -10.931 1.683   -12.664 1.00 60.44 ? 322 HOH A O   1 
HETATM 840 O O   . HOH C 3 .   ? 8.163   -1.176  8.983   1.00 29.96 ? 323 HOH A O   1 
HETATM 841 O O   . HOH C 3 .   ? 15.750  0.373   8.734   1.00 49.80 ? 324 HOH A O   1 
HETATM 842 O O   . HOH C 3 .   ? 3.884   -9.984  -8.937  1.00 60.07 ? 325 HOH A O   1 
HETATM 843 O O   . HOH C 3 .   ? 0.630   -3.410  10.162  1.00 29.16 ? 326 HOH A O   1 
HETATM 844 O O   . HOH C 3 .   ? -5.402  -9.478  -0.486  1.00 33.67 ? 327 HOH A O   1 
HETATM 845 O O   . HOH C 3 .   ? -7.339  12.662  3.050   1.00 33.42 ? 328 HOH A O   1 
HETATM 846 O O   . HOH C 3 .   ? 10.806  -3.820  9.017   1.00 35.31 ? 329 HOH A O   1 
HETATM 847 O O   . HOH C 3 .   ? 18.773  1.925   -0.748  1.00 39.61 ? 330 HOH A O   1 
HETATM 848 O O   . HOH C 3 .   ? 3.763   11.001  4.986   1.00 36.30 ? 331 HOH A O   1 
HETATM 849 O O   . HOH C 3 .   ? -8.497  -8.643  -4.640  1.00 44.46 ? 332 HOH A O   1 
HETATM 850 O O   . HOH C 3 .   ? 6.627   8.380   -5.230  1.00 30.09 ? 333 HOH A O   1 
HETATM 851 O O   . HOH C 3 .   ? 8.166   9.077   6.153   1.00 34.43 ? 334 HOH A O   1 
HETATM 852 O O   . HOH C 3 .   ? -8.354  3.190   7.775   1.00 23.13 ? 335 HOH A O   1 
HETATM 853 O O   . HOH C 3 .   ? 6.240   -3.308  11.365  1.00 36.53 ? 336 HOH A O   1 
HETATM 854 O O   . HOH C 3 .   ? 16.604  -4.623  2.203   1.00 45.99 ? 337 HOH A O   1 
HETATM 855 O O   . HOH C 3 .   ? 4.189   8.135   7.733   1.00 33.46 ? 338 HOH A O   1 
HETATM 856 O O   . HOH C 3 .   ? -1.659  2.856   -2.675  1.00 39.58 ? 339 HOH A O   1 
HETATM 857 O O   . HOH C 3 .   ? -14.972 15.404  8.643   1.00 50.71 ? 340 HOH A O   1 
HETATM 858 O O   . HOH C 3 .   ? 10.747  3.863   -2.053  1.00 29.38 ? 341 HOH A O   1 
HETATM 859 O O   . HOH C 3 .   ? -17.822 9.292   7.321   1.00 31.58 ? 342 HOH A O   1 
HETATM 860 O O   . HOH C 3 .   ? 15.619  1.722   -1.097  1.00 30.42 ? 343 HOH A O   1 
HETATM 861 O O   . HOH C 3 .   ? -11.717 -2.054  -6.221  1.00 49.05 ? 344 HOH A O   1 
HETATM 862 O O   . HOH C 3 .   ? -12.187 13.797  1.433   1.00 51.46 ? 345 HOH A O   1 
HETATM 863 O O   . HOH C 3 .   ? -9.184  17.460  11.340  1.00 56.64 ? 346 HOH A O   1 
HETATM 864 O O   . HOH C 3 .   ? 4.109   -10.430 -5.894  1.00 48.44 ? 347 HOH A O   1 
HETATM 865 O O   . HOH C 3 .   ? 15.356  6.139   2.646   1.00 44.28 ? 348 HOH A O   1 
HETATM 866 O O   . HOH C 3 .   ? -3.973  8.351   -0.534  1.00 65.14 ? 349 HOH A O   1 
HETATM 867 O O   . HOH C 3 .   ? -2.011  3.606   -14.457 1.00 57.64 ? 350 HOH A O   1 
HETATM 868 O O   . HOH C 3 .   ? -17.040 6.885   2.037   1.00 46.92 ? 351 HOH A O   1 
HETATM 869 O O   . HOH C 3 .   ? -10.068 14.290  3.230   1.00 44.66 ? 352 HOH A O   1 
HETATM 870 O O   . HOH C 3 .   ? 1.758   11.649  3.070   1.00 26.63 ? 353 HOH A O   1 
HETATM 871 O O   . HOH C 3 .   ? -5.837  -13.561 -1.346  1.00 54.83 ? 354 HOH A O   1 
HETATM 872 O O   . HOH C 3 .   ? 14.129  -8.218  2.455   1.00 46.96 ? 355 HOH A O   1 
HETATM 873 O O   . HOH C 3 .   ? -11.659 -3.785  1.431   1.00 39.79 ? 356 HOH A O   1 
HETATM 874 O O   . HOH C 3 .   ? 2.842   15.440  -2.989  1.00 46.84 ? 357 HOH A O   1 
HETATM 875 O O   . HOH C 3 .   ? 10.536  11.999  4.742   1.00 47.65 ? 358 HOH A O   1 
HETATM 876 O O   . HOH C 3 .   ? 10.483  -2.031  -14.396 1.00 58.46 ? 359 HOH A O   1 
HETATM 877 O O   . HOH C 3 .   ? 14.512  -6.013  -5.894  1.00 57.88 ? 360 HOH A O   1 
HETATM 878 O O   . HOH C 3 .   ? 6.761   12.736  2.148   1.00 39.88 ? 361 HOH A O   1 
HETATM 879 O O   . HOH C 3 .   ? -13.068 10.776  0.438   1.00 42.66 ? 362 HOH A O   1 
HETATM 880 O O   . HOH C 3 .   ? -1.694  5.936   -0.934  1.00 64.05 ? 363 HOH A O   1 
HETATM 881 O O   . HOH C 3 .   ? 5.293   14.635  -1.812  1.00 40.81 ? 364 HOH A O   1 
HETATM 882 O O   . HOH C 3 .   ? 1.849   -2.846  14.392  1.00 46.75 ? 365 HOH A O   1 
HETATM 883 O O   . HOH C 3 .   ? 8.089   -9.802  -2.386  1.00 40.08 ? 366 HOH A O   1 
HETATM 884 O O   . HOH C 3 .   ? -1.306  13.432  2.629   1.00 39.18 ? 367 HOH A O   1 
HETATM 885 O O   . HOH C 3 .   ? 15.107  -6.336  -3.352  1.00 55.34 ? 368 HOH A O   1 
HETATM 886 O O   . HOH C 3 .   ? -8.264  -9.243  -1.526  1.00 54.99 ? 369 HOH A O   1 
HETATM 887 O O   . HOH C 3 .   ? 18.563  0.274   3.729   1.00 50.70 ? 370 HOH A O   1 
HETATM 888 O O   . HOH C 3 .   ? -8.852  -11.540 -1.619  1.00 50.19 ? 371 HOH A O   1 
HETATM 889 O O   . HOH C 3 .   ? -13.626 -5.765  2.802   1.00 56.17 ? 372 HOH A O   1 
HETATM 890 O O   . HOH C 3 .   ? -20.789 -1.022  5.349   1.00 51.43 ? 373 HOH A O   1 
HETATM 891 O O   . HOH C 3 .   ? 2.567   13.614  1.232   1.00 41.87 ? 374 HOH A O   1 
HETATM 892 O O   . HOH C 3 .   ? 5.725   13.163  5.105   1.00 38.74 ? 375 HOH A O   1 
HETATM 893 O O   . HOH C 3 .   ? 6.866   -10.392 -0.672  1.00 47.49 ? 376 HOH A O   1 
HETATM 894 O O   . HOH C 3 .   ? -3.072  10.693  -1.615  1.00 60.50 ? 377 HOH A O   1 
HETATM 895 O O   . HOH C 3 .   ? -6.528  -11.349 0.942   1.00 45.71 ? 378 HOH A O   1 
HETATM 896 O O   . HOH C 3 .   ? 7.664   15.717  -5.188  1.00 54.31 ? 379 HOH A O   1 
HETATM 897 O O   . HOH C 3 .   ? 21.043  -5.005  -4.408  1.00 54.81 ? 380 HOH A O   1 
HETATM 898 O O   . HOH C 3 .   ? 5.371   14.175  0.582   1.00 39.74 ? 381 HOH A O   1 
HETATM 899 O O   . HOH C 3 .   ? 3.104   3.354   -13.992 1.00 53.22 ? 382 HOH A O   1 
HETATM 900 O O   . HOH C 3 .   ? 9.076   -9.011  -6.738  1.00 53.29 ? 383 HOH A O   1 
HETATM 901 O O   . HOH C 3 .   ? 7.097   -10.324 -5.011  1.00 63.82 ? 384 HOH A O   1 
HETATM 902 O O   . HOH C 3 .   ? 7.378   16.727  -2.682  1.00 48.57 ? 385 HOH A O   1 
# 
loop_
_atom_site_anisotrop.id 
_atom_site_anisotrop.type_symbol 
_atom_site_anisotrop.pdbx_label_atom_id 
_atom_site_anisotrop.pdbx_label_alt_id 
_atom_site_anisotrop.pdbx_label_comp_id 
_atom_site_anisotrop.pdbx_label_asym_id 
_atom_site_anisotrop.pdbx_label_seq_id 
_atom_site_anisotrop.pdbx_PDB_ins_code 
_atom_site_anisotrop.U[1][1] 
_atom_site_anisotrop.U[2][2] 
_atom_site_anisotrop.U[3][3] 
_atom_site_anisotrop.U[1][2] 
_atom_site_anisotrop.U[1][3] 
_atom_site_anisotrop.U[2][3] 
_atom_site_anisotrop.pdbx_auth_seq_id 
_atom_site_anisotrop.pdbx_auth_comp_id 
_atom_site_anisotrop.pdbx_auth_asym_id 
_atom_site_anisotrop.pdbx_auth_atom_id 
1   N N   . THR A 13  ? 1.0009 1.3400 1.1519 0.1977  -0.3526 0.0994  5   THR A N   
2   C CA  . THR A 13  ? 0.9576 1.3102 1.1816 0.2160  -0.3194 0.1430  5   THR A CA  
3   C C   . THR A 13  ? 0.9809 1.2802 1.1813 0.2279  -0.2564 0.1519  5   THR A C   
4   O O   . THR A 13  ? 1.0047 1.3022 1.2724 0.2253  -0.2100 0.1727  5   THR A O   
5   C CB  . THR A 13  ? 0.9420 1.3005 1.1499 0.2509  -0.3364 0.1748  5   THR A CB  
6   N N   . ARG A 14  ? 0.9243 1.1743 1.0307 0.2292  -0.2435 0.1352  6   ARG A N   
7   C CA  . ARG A 14  ? 0.8850 1.0776 0.9660 0.2286  -0.1759 0.1437  6   ARG A CA  
8   C C   . ARG A 14  ? 0.7374 0.9121 0.8645 0.1844  -0.1521 0.1144  6   ARG A C   
9   O O   . ARG A 14  ? 0.7057 0.8733 0.8155 0.1588  -0.1769 0.0810  6   ARG A O   
10  C CB  . ARG A 14  ? 0.9497 1.0985 0.9194 0.2487  -0.1710 0.1398  6   ARG A CB  
11  C CG  . ARG A 14  ? 0.9159 1.0054 0.8651 0.2410  -0.1086 0.1386  6   ARG A CG  
12  C CD  . ARG A 14  ? 0.9865 1.0338 0.8309 0.2634  -0.1030 0.1374  6   ARG A CD  
13  N NE  . ARG A 14  ? 0.9433 0.9386 0.7840 0.2633  -0.0389 0.1455  6   ARG A NE  
14  C CZ  . ARG A 14  ? 0.8367 0.7954 0.6547 0.2409  -0.0236 0.1188  6   ARG A CZ  
15  N NH1 . ARG A 14  ? 0.7393 0.7012 0.5313 0.2177  -0.0628 0.0840  6   ARG A NH1 
16  N NH2 . ARG A 14  ? 0.7251 0.6447 0.5559 0.2416  0.0326  0.1273  6   ARG A NH2 
17  N N   . ARG A 15  ? 0.5684 0.7357 0.7526 0.1776  -0.1028 0.1267  7   ARG A N   
18  C CA  . ARG A 15  ? 0.5421 0.6965 0.7594 0.1417  -0.0787 0.1021  7   ARG A CA  
19  C C   . ARG A 15  ? 0.4511 0.5625 0.6498 0.1407  -0.0227 0.1004  7   ARG A C   
20  O O   . ARG A 15  ? 0.4413 0.5435 0.6591 0.1613  0.0133  0.1228  7   ARG A O   
21  C CB  . ARG A 15  ? 0.5807 0.7721 0.8901 0.1290  -0.0738 0.1084  7   ARG A CB  
22  C CG  . ARG A 15  ? 0.6585 0.8968 1.0164 0.1204  -0.1266 0.1044  7   ARG A CG  
23  C CD  . ARG A 15  ? 0.5413 0.7720 0.8856 0.0907  -0.1511 0.0715  7   ARG A CD  
24  N NE  . ARG A 15  ? 0.5483 0.8235 0.9625 0.0787  -0.1958 0.0644  7   ARG A NE  
25  C CZ  . ARG A 15  ? 0.6496 0.9487 1.0491 0.0866  -0.2497 0.0543  7   ARG A CZ  
26  N NH1 . ARG A 15  ? 0.7246 1.0095 1.0379 0.1123  -0.2689 0.0558  7   ARG A NH1 
27  N NH2 . ARG A 15  ? 0.6466 0.9750 1.0976 0.0684  -0.2716 0.0406  7   ARG A NH2 
28  N N   . PRO A 16  ? 0.4101 0.4971 0.5823 0.1173  -0.0134 0.0743  8   PRO A N   
29  C CA  . PRO A 16  ? 0.3626 0.4187 0.5336 0.1113  0.0344  0.0658  8   PRO A CA  
30  C C   . PRO A 16  ? 0.3641 0.4352 0.5945 0.0982  0.0625  0.0602  8   PRO A C   
31  O O   . PRO A 16  ? 0.3382 0.4397 0.6040 0.0872  0.0465  0.0598  8   PRO A O   
32  C CB  . PRO A 16  ? 0.3256 0.3648 0.4576 0.0903  0.0245  0.0410  8   PRO A CB  
33  C CG  . PRO A 16  ? 0.3207 0.3874 0.4645 0.0752  -0.0156 0.0334  8   PRO A CG  
34  C CD  . PRO A 16  ? 0.3174 0.4077 0.4705 0.0948  -0.0463 0.0509  8   PRO A CD  
35  N N   . PRO A 17  ? 0.3673 0.4165 0.6137 0.0994  0.1075  0.0539  9   PRO A N   
36  C CA  . PRO A 17  ? 0.3038 0.3641 0.5990 0.0888  0.1371  0.0431  9   PRO A CA  
37  C C   . PRO A 17  ? 0.3155 0.3906 0.6009 0.0626  0.1286  0.0175  9   PRO A C   
38  O O   . PRO A 17  ? 0.3181 0.4093 0.6346 0.0565  0.1457  0.0125  9   PRO A O   
39  C CB  . PRO A 17  ? 0.3758 0.3991 0.6695 0.0869  0.1752  0.0326  9   PRO A CB  
40  C CG  . PRO A 17  ? 0.4264 0.4255 0.6913 0.1041  0.1757  0.0474  9   PRO A CG  
41  C CD  . PRO A 17  ? 0.3337 0.3456 0.5584 0.1077  0.1356  0.0512  9   PRO A CD  
42  N N   . PHE A 18  ? 0.2500 0.3198 0.4927 0.0505  0.1062  0.0051  10  PHE A N   
43  C CA  . PHE A 18  ? 0.2875 0.3739 0.5191 0.0306  0.0986  -0.0114 10  PHE A CA  
44  C C   . PHE A 18  ? 0.2810 0.3903 0.5232 0.0258  0.0679  0.0026  10  PHE A C   
45  O O   . PHE A 18  ? 0.2450 0.3668 0.4809 0.0128  0.0642  -0.0031 10  PHE A O   
46  C CB  . PHE A 18  ? 0.2783 0.3494 0.4716 0.0208  0.0951  -0.0296 10  PHE A CB  
47  C CG  . PHE A 18  ? 0.3251 0.3722 0.4902 0.0299  0.0791  -0.0200 10  PHE A CG  
48  C CD1 . PHE A 18  ? 0.2904 0.3092 0.4527 0.0429  0.1007  -0.0179 10  PHE A CD1 
49  C CD2 . PHE A 18  ? 0.2585 0.3078 0.4010 0.0267  0.0473  -0.0139 10  PHE A CD2 
50  C CE1 . PHE A 18  ? 0.3558 0.3497 0.4829 0.0557  0.0917  -0.0065 10  PHE A CE1 
51  C CE2 . PHE A 18  ? 0.2308 0.2544 0.3370 0.0370  0.0352  -0.0090 10  PHE A CE2 
52  C CZ  . PHE A 18  ? 0.2961 0.2923 0.3893 0.0530  0.0579  -0.0039 10  PHE A CZ  
53  N N   . ALA A 19  ? 0.2522 0.3704 0.5170 0.0367  0.0467  0.0210  11  ALA A N   
54  C CA  . ALA A 19  ? 0.2461 0.3882 0.5394 0.0289  0.0171  0.0285  11  ALA A CA  
55  C C   . ALA A 19  ? 0.2740 0.4400 0.6161 0.0220  0.0390  0.0347  11  ALA A C   
56  O O   . ALA A 19  ? 0.2443 0.4133 0.6085 0.0297  0.0698  0.0386  11  ALA A O   
57  C CB  . ALA A 19  ? 0.2151 0.3705 0.5287 0.0428  -0.0153 0.0427  11  ALA A CB  
58  N N   . GLY A 20  ? 0.1854 0.3649 0.5463 0.0094  0.0286  0.0370  12  GLY A N   
59  C CA  . GLY A 20  ? 0.2046 0.4047 0.6101 0.0066  0.0548  0.0487  12  GLY A CA  
60  C C   . GLY A 20  ? 0.1896 0.3845 0.5531 0.0057  0.0905  0.0394  12  GLY A C   
61  O O   . GLY A 20  ? 0.2459 0.4525 0.6292 0.0091  0.1196  0.0483  12  GLY A O   
62  N N   . LYS A 21  ? 0.1774 0.3555 0.4800 0.0022  0.0873  0.0209  13  LYS A N   
63  C CA  . LYS A 21  ? 0.2468 0.4262 0.5056 0.0017  0.1122  0.0049  13  LYS A CA  
64  C C   . LYS A 21  ? 0.2830 0.4622 0.5005 -0.0053 0.0964  0.0003  13  LYS A C   
65  O O   . LYS A 21  ? 0.2590 0.4252 0.4744 -0.0096 0.0711  0.0027  13  LYS A O   
66  C CB  . LYS A 21  ? 0.2236 0.3861 0.4659 0.0051  0.1283  -0.0188 13  LYS A CB  
67  C CG  . LYS A 21  ? 0.3163 0.4779 0.6034 0.0149  0.1533  -0.0122 13  LYS A CG  
68  C CD  . LYS A 21  ? 0.4105 0.5438 0.6877 0.0189  0.1634  -0.0289 13  LYS A CD  
69  C CE  . LYS A 21  ? 0.5277 0.6499 0.8404 0.0299  0.1764  -0.0131 13  LYS A CE  
70  N NZ  . LYS A 21  ? 0.6301 0.7220 0.9418 0.0358  0.1843  -0.0180 13  LYS A NZ  
71  N N   . THR A 22  ? 0.3008 0.4955 0.4826 -0.0038 0.1120  -0.0068 14  THR A N   
72  C CA  . THR A 22  ? 0.2993 0.5025 0.4454 -0.0065 0.0991  -0.0065 14  THR A CA  
73  C C   . THR A 22  ? 0.2972 0.5073 0.4003 -0.0077 0.1019  -0.0380 14  THR A C   
74  O O   . THR A 22  ? 0.2992 0.5169 0.3897 -0.0046 0.1218  -0.0581 14  THR A O   
75  C CB  . THR A 22  ? 0.2745 0.5007 0.4221 0.0003  0.1113  0.0218  14  THR A CB  
76  O OG1 . THR A 22  ? 0.2409 0.4597 0.4464 -0.0029 0.1071  0.0462  14  THR A OG1 
77  C CG2 . THR A 22  ? 0.2411 0.4809 0.3537 0.0021  0.1001  0.0285  14  THR A CG2 
78  N N   . PHE A 23  ? 0.3067 0.5142 0.3943 -0.0126 0.0827  -0.0452 15  PHE A N   
79  C CA  . PHE A 23  ? 0.3028 0.5198 0.3671 -0.0167 0.0793  -0.0777 15  PHE A CA  
80  C C   . PHE A 23  ? 0.2597 0.5045 0.2999 -0.0147 0.0623  -0.0689 15  PHE A C   
81  O O   . PHE A 23  ? 0.2890 0.5262 0.3399 -0.0135 0.0523  -0.0416 15  PHE A O   
82  C CB  . PHE A 23  ? 0.2577 0.4416 0.3454 -0.0231 0.0769  -0.0944 15  PHE A CB  
83  C CG  . PHE A 23  ? 0.3115 0.4716 0.4250 -0.0200 0.0943  -0.0951 15  PHE A CG  
84  C CD1 . PHE A 23  ? 0.2821 0.4398 0.4048 -0.0212 0.1167  -0.1235 15  PHE A CD1 
85  C CD2 . PHE A 23  ? 0.2317 0.3759 0.3642 -0.0151 0.0880  -0.0676 15  PHE A CD2 
86  C CE1 . PHE A 23  ? 0.2820 0.4195 0.4355 -0.0150 0.1371  -0.1179 15  PHE A CE1 
87  C CE2 . PHE A 23  ? 0.2794 0.4105 0.4397 -0.0087 0.1012  -0.0629 15  PHE A CE2 
88  C CZ  . PHE A 23  ? 0.2945 0.4214 0.4666 -0.0073 0.1282  -0.0845 15  PHE A CZ  
89  N N   . GLU A 24  ? 0.3271 0.6058 0.3366 -0.0131 0.0587  -0.0931 16  GLU A N   
90  C CA  . GLU A 24  ? 0.3644 0.6777 0.3552 -0.0093 0.0379  -0.0866 16  GLU A CA  
91  C C   . GLU A 24  ? 0.3352 0.6445 0.3504 -0.0212 0.0228  -0.1170 16  GLU A C   
92  O O   . GLU A 24  ? 0.3678 0.6753 0.3923 -0.0303 0.0268  -0.1590 16  GLU A O   
93  C CB  . GLU A 24  ? 0.4168 0.7803 0.3552 0.0033  0.0367  -0.0937 16  GLU A CB  
94  C CG  . GLU A 24  ? 0.4097 0.8180 0.3297 0.0120  0.0118  -0.0807 16  GLU A CG  
95  C CD  . GLU A 24  ? 0.5176 0.9810 0.3720 0.0312  0.0086  -0.0812 16  GLU A CD  
96  O OE1 . GLU A 24  ? 0.5575 1.0452 0.3827 0.0270  -0.0011 -0.1313 16  GLU A OE1 
97  O OE2 . GLU A 24  ? 0.5225 1.0033 0.3547 0.0517  0.0182  -0.0320 16  GLU A OE2 
98  N N   . VAL A 25  ? 0.2726 0.5781 0.3063 -0.0209 0.0100  -0.0957 17  VAL A N   
99  C CA  . VAL A 25  ? 0.2498 0.5543 0.3160 -0.0300 -0.0010 -0.1171 17  VAL A CA  
100 C C   . VAL A 25  ? 0.2591 0.6194 0.3173 -0.0234 -0.0250 -0.1107 17  VAL A C   
101 O O   . VAL A 25  ? 0.2985 0.6741 0.3409 -0.0103 -0.0285 -0.0702 17  VAL A O   
102 C CB  . VAL A 25  ? 0.3264 0.5788 0.4230 -0.0322 0.0079  -0.0982 17  VAL A CB  
103 C CG1 . VAL A 25  ? 0.3413 0.5485 0.4479 -0.0361 0.0273  -0.1108 17  VAL A CG1 
104 C CG2 . VAL A 25  ? 0.2387 0.4793 0.3255 -0.0235 0.0075  -0.0554 17  VAL A CG2 
105 N N   . ARG A 26  ? 0.2646 0.6579 0.3403 -0.0317 -0.0415 -0.1501 18  ARG A N   
106 C CA  . ARG A 26  ? 0.3004 0.7588 0.3731 -0.0246 -0.0718 -0.1486 18  ARG A CA  
107 C C   . ARG A 26  ? 0.3604 0.8197 0.5023 -0.0365 -0.0820 -0.1656 18  ARG A C   
108 O O   . ARG A 26  ? 0.2725 0.7145 0.4524 -0.0523 -0.0759 -0.2086 18  ARG A O   
109 C CB  . ARG A 26  ? 0.3443 0.8598 0.3705 -0.0218 -0.0902 -0.1867 18  ARG A CB  
110 C CG  . ARG A 26  ? 0.5536 1.0617 0.5146 -0.0099 -0.0704 -0.1757 18  ARG A CG  
111 C CD  . ARG A 26  ? 0.6772 1.2279 0.5852 0.0013  -0.0820 -0.1983 18  ARG A CD  
112 N NE  . ARG A 26  ? 0.8244 1.4240 0.7040 0.0234  -0.1025 -0.1599 18  ARG A NE  
113 C CZ  . ARG A 26  ? 0.8563 1.4751 0.6795 0.0486  -0.0924 -0.1186 18  ARG A CZ  
114 N NH1 . ARG A 26  ? 0.8405 1.5000 0.6483 0.0700  -0.1075 -0.0807 18  ARG A NH1 
115 N NH2 . ARG A 26  ? 0.8326 1.4255 0.6214 0.0539  -0.0628 -0.1119 18  ARG A NH2 
116 N N   . TYR A 27  ? 0.2571 0.7306 0.4220 -0.0272 -0.0910 -0.1282 19  TYR A N   
117 C CA  . TYR A 27  ? 0.2427 0.7196 0.4798 -0.0347 -0.0974 -0.1353 19  TYR A CA  
118 C C   . TYR A 27  ? 0.2781 0.8124 0.5155 -0.0214 -0.1272 -0.1142 19  TYR A C   
119 O O   . TYR A 27  ? 0.3304 0.9021 0.5132 -0.0037 -0.1389 -0.0882 19  TYR A O   
120 C CB  . TYR A 27  ? 0.2316 0.6408 0.4975 -0.0328 -0.0675 -0.1013 19  TYR A CB  
121 C CG  . TYR A 27  ? 0.2175 0.5553 0.4532 -0.0354 -0.0376 -0.0983 19  TYR A CG  
122 C CD1 . TYR A 27  ? 0.2411 0.5357 0.5028 -0.0462 -0.0172 -0.1264 19  TYR A CD1 
123 C CD2 . TYR A 27  ? 0.2412 0.5572 0.4311 -0.0255 -0.0294 -0.0650 19  TYR A CD2 
124 C CE1 . TYR A 27  ? 0.2246 0.4615 0.4579 -0.0444 0.0063  -0.1190 19  TYR A CE1 
125 C CE2 . TYR A 27  ? 0.2497 0.5095 0.4188 -0.0276 -0.0090 -0.0639 19  TYR A CE2 
126 C CZ  . TYR A 27  ? 0.2726 0.4957 0.4593 -0.0358 0.0065  -0.0898 19  TYR A CZ  
127 O OH  . TYR A 27  ? 0.2811 0.4566 0.4458 -0.0338 0.0228  -0.0846 19  TYR A OH  
128 N N   . ASP A 28  ? 0.2786 0.8187 0.5808 -0.0278 -0.1366 -0.1209 20  ASP A N   
129 C CA  . ASP A 28  ? 0.3073 0.9011 0.6229 -0.0141 -0.1648 -0.0942 20  ASP A CA  
130 C C   . ASP A 28  ? 0.4345 1.0290 0.7394 0.0072  -0.1525 -0.0335 20  ASP A C   
131 O O   . ASP A 28  ? 0.3855 0.9415 0.7327 0.0066  -0.1257 -0.0111 20  ASP A O   
132 C CB  . ASP A 28  ? 0.3566 0.9541 0.7605 -0.0260 -0.1719 -0.1049 20  ASP A CB  
133 C CG  . ASP A 28  ? 0.4885 1.1484 0.9145 -0.0134 -0.2074 -0.0828 20  ASP A CG  
134 O OD1 . ASP A 28  ? 0.6341 1.3372 0.9950 0.0009  -0.2326 -0.0805 20  ASP A OD1 
135 O OD2 . ASP A 28  ? 0.6040 1.2705 1.1117 -0.0157 -0.2068 -0.0644 20  ASP A OD2 
136 N N   . GLY A 29  ? 0.4123 1.0444 0.6575 0.0277  -0.1648 -0.0054 21  GLY A N   
137 C CA  . GLY A 29  ? 0.3636 0.9913 0.6013 0.0494  -0.1474 0.0570  21  GLY A CA  
138 C C   . GLY A 29  ? 0.3966 0.9811 0.6063 0.0511  -0.1155 0.0797  21  GLY A C   
139 O O   . GLY A 29  ? 0.4551 1.0191 0.6754 0.0653  -0.0939 0.1300  21  GLY A O   
140 N N   . LEU A 30  ? 0.3290 0.8895 0.5076 0.0364  -0.1091 0.0433  22  LEU A N   
141 C CA  . LEU A 30  ? 0.2914 0.7837 0.4444 0.0342  -0.0764 0.0595  22  LEU A CA  
142 C C   . LEU A 30  ? 0.3439 0.8299 0.4480 0.0254  -0.0749 0.0242  22  LEU A C   
143 O O   . LEU A 30  ? 0.3322 0.8139 0.4447 0.0089  -0.0820 -0.0245 22  LEU A O   
144 C CB  . LEU A 30  ? 0.3053 0.7215 0.4996 0.0209  -0.0526 0.0561  22  LEU A CB  
145 C CG  . LEU A 30  ? 0.3502 0.6979 0.5216 0.0148  -0.0272 0.0591  22  LEU A CG  
146 C CD1 . LEU A 30  ? 0.3152 0.6654 0.4731 0.0292  -0.0157 0.1028  22  LEU A CD1 
147 C CD2 . LEU A 30  ? 0.4138 0.6939 0.6135 0.0066  -0.0082 0.0540  22  LEU A CD2 
148 N N   . THR A 31  ? 0.3776 0.8617 0.4396 0.0376  -0.0607 0.0506  23  THR A N   
149 C CA  . THR A 31  ? 0.3930 0.8588 0.4169 0.0313  -0.0490 0.0268  23  THR A CA  
150 C C   . THR A 31  ? 0.3927 0.8029 0.4261 0.0310  -0.0207 0.0565  23  THR A C   
151 O O   . THR A 31  ? 0.4238 0.8334 0.4688 0.0443  -0.0092 0.1022  23  THR A O   
152 C CB  . THR A 31  ? 0.3783 0.9039 0.3413 0.0486  -0.0579 0.0264  23  THR A CB  
153 O OG1 . THR A 31  ? 0.4422 1.0253 0.3972 0.0469  -0.0917 -0.0107 23  THR A OG1 
154 C CG2 . THR A 31  ? 0.4133 0.9138 0.3432 0.0430  -0.0382 0.0036  23  THR A CG2 
155 N N   . ALA A 32  ? 0.3710 0.7363 0.4074 0.0162  -0.0097 0.0305  24  ALA A N   
156 C CA  . ALA A 32  ? 0.3238 0.6421 0.3764 0.0136  0.0099  0.0513  24  ALA A CA  
157 C C   . ALA A 32  ? 0.3766 0.6798 0.4160 0.0070  0.0199  0.0293  24  ALA A C   
158 O O   . ALA A 32  ? 0.3776 0.6889 0.4022 0.0007  0.0154  -0.0071 24  ALA A O   
159 C CB  . ALA A 32  ? 0.2720 0.5388 0.3590 0.0034  0.0113  0.0498  24  ALA A CB  
160 N N   . LEU A 33  ? 0.3519 0.6332 0.4071 0.0082  0.0352  0.0517  25  LEU A N   
161 C CA  . LEU A 33  ? 0.3392 0.6014 0.3997 0.0023  0.0456  0.0379  25  LEU A CA  
162 C C   . LEU A 33  ? 0.3057 0.5209 0.3988 -0.0090 0.0406  0.0327  25  LEU A C   
163 O O   . LEU A 33  ? 0.3046 0.5015 0.4209 -0.0102 0.0386  0.0510  25  LEU A O   
164 C CB  . LEU A 33  ? 0.2813 0.5594 0.3454 0.0135  0.0666  0.0678  25  LEU A CB  
165 C CG  . LEU A 33  ? 0.3081 0.6328 0.3246 0.0314  0.0766  0.0775  25  LEU A CG  
166 C CD1 . LEU A 33  ? 0.3588 0.6915 0.3886 0.0467  0.1063  0.1207  25  LEU A CD1 
167 C CD2 . LEU A 33  ? 0.3660 0.6997 0.3484 0.0282  0.0775  0.0362  25  LEU A CD2 
168 N N   . ASN A 34  ? 0.2620 0.4576 0.3554 -0.0154 0.0392  0.0069  26  ASN A N   
169 C CA  . ASN A 34  ? 0.2389 0.3961 0.3521 -0.0208 0.0325  0.0035  26  ASN A CA  
170 C C   . ASN A 34  ? 0.2537 0.4135 0.3871 -0.0202 0.0396  0.0055  26  ASN A C   
171 O O   . ASN A 34  ? 0.2235 0.3895 0.3499 -0.0184 0.0497  -0.0094 26  ASN A O   
172 C CB  . ASN A 34  ? 0.2368 0.3688 0.3383 -0.0224 0.0284  -0.0183 26  ASN A CB  
173 C CG  . ASN A 34  ? 0.2904 0.4213 0.3840 -0.0228 0.0248  -0.0204 26  ASN A CG  
174 O OD1 . ASN A 34  ? 0.2760 0.3957 0.3684 -0.0236 0.0282  -0.0378 26  ASN A OD1 
175 N ND2 . ASN A 34  ? 0.2480 0.3902 0.3463 -0.0209 0.0217  -0.0003 26  ASN A ND2 
176 N N   . ALA A 35  ? 0.1760 0.3309 0.3442 -0.0225 0.0358  0.0223  27  ALA A N   
177 C CA  . ALA A 35  ? 0.2290 0.3933 0.4338 -0.0218 0.0428  0.0295  27  ALA A CA  
178 C C   . ALA A 35  ? 0.2272 0.3713 0.4549 -0.0256 0.0209  0.0214  27  ALA A C   
179 O O   . ALA A 35  ? 0.1866 0.3193 0.4369 -0.0318 0.0046  0.0233  27  ALA A O   
180 C CB  . ALA A 35  ? 0.1741 0.3559 0.4167 -0.0207 0.0572  0.0565  27  ALA A CB  
181 N N   . TYR A 36  ? 0.1794 0.3208 0.4027 -0.0203 0.0212  0.0120  28  TYR A N   
182 C CA  . TYR A 36  ? 0.1801 0.3084 0.4137 -0.0174 -0.0017 0.0074  28  TYR A CA  
183 C C   . TYR A 36  ? 0.2100 0.3605 0.5068 -0.0189 -0.0093 0.0189  28  TYR A C   
184 O O   . TYR A 36  ? 0.1958 0.3639 0.5201 -0.0139 0.0108  0.0280  28  TYR A O   
185 C CB  . TYR A 36  ? 0.1746 0.2899 0.3802 -0.0065 0.0065  -0.0006 28  TYR A CB  
186 C CG  . TYR A 36  ? 0.2390 0.3316 0.3987 -0.0066 0.0114  -0.0122 28  TYR A CG  
187 C CD1 . TYR A 36  ? 0.1909 0.2571 0.3226 -0.0033 -0.0052 -0.0157 28  TYR A CD1 
188 C CD2 . TYR A 36  ? 0.2056 0.3055 0.3523 -0.0100 0.0318  -0.0214 28  TYR A CD2 
189 C CE1 . TYR A 36  ? 0.2248 0.2700 0.3249 -0.0025 0.0041  -0.0229 28  TYR A CE1 
190 C CE2 . TYR A 36  ? 0.2323 0.3174 0.3528 -0.0113 0.0345  -0.0318 28  TYR A CE2 
191 C CZ  . TYR A 36  ? 0.2213 0.2777 0.3231 -0.0073 0.0231  -0.0298 28  TYR A CZ  
192 O OH  . TYR A 36  ? 0.2719 0.3126 0.3575 -0.0073 0.0303  -0.0366 28  TYR A OH  
193 N N   . ASP A 37  ? 0.3034 0.3290 0.3055 0.0183  0.0577  0.0166  29  ASP A N   
194 C CA  . ASP A 37  ? 0.3055 0.3538 0.3162 0.0265  0.0649  0.0135  29  ASP A CA  
195 C C   . ASP A 37  ? 0.3674 0.3914 0.3255 0.0387  0.0445  -0.0098 29  ASP A C   
196 O O   . ASP A 37  ? 0.3629 0.3406 0.2887 0.0290  0.0292  -0.0223 29  ASP A O   
197 C CB  . ASP A 37  ? 0.3042 0.3489 0.3641 0.0051  0.0793  0.0126  29  ASP A CB  
198 C CG  . ASP A 37  ? 0.3251 0.4039 0.4228 0.0062  0.0835  0.0191  29  ASP A CG  
199 O OD1 . ASP A 37  ? 0.2960 0.3746 0.3730 0.0126  0.0729  0.0016  29  ASP A OD1 
200 O OD2 . ASP A 37  ? 0.3288 0.4369 0.4822 -0.0005 0.0955  0.0456  29  ASP A OD2 
201 N N   . GLU A 38  ? 0.3321 0.3928 0.2858 0.0611  0.0446  -0.0108 30  GLU A N   
202 C CA  . GLU A 38  ? 0.3287 0.3697 0.2355 0.0781  0.0248  -0.0342 30  GLU A CA  
203 C C   . GLU A 38  ? 0.4015 0.4050 0.3098 0.0552  0.0224  -0.0493 30  GLU A C   
204 O O   . GLU A 38  ? 0.4548 0.4204 0.3136 0.0644  0.0023  -0.0668 30  GLU A O   
205 C CB  . GLU A 38  ? 0.3498 0.4573 0.2684 0.1069  0.0311  -0.0288 30  GLU A CB  
206 C CG  . GLU A 38  ? 0.3995 0.5531 0.2919 0.1482  0.0321  -0.0167 30  GLU A CG  
207 C CD  . GLU A 38  ? 0.5573 0.7911 0.4540 0.1864  0.0400  -0.0092 30  GLU A CD  
208 O OE1 . GLU A 38  ? 0.4789 0.7692 0.4455 0.1683  0.0584  0.0106  30  GLU A OE1 
209 O OE2 . GLU A 38  ? 0.5857 0.8286 0.4173 0.2376  0.0243  -0.0233 30  GLU A OE2 
210 N N   . ASP A 39  ? 0.3459 0.3547 0.3033 0.0309  0.0392  -0.0438 31  ASP A N   
211 C CA  . ASP A 39  ? 0.3754 0.3558 0.3248 0.0209  0.0350  -0.0624 31  ASP A CA  
212 C C   . ASP A 39  ? 0.4690 0.4027 0.3759 0.0122  0.0319  -0.0647 31  ASP A C   
213 O O   . ASP A 39  ? 0.4518 0.3651 0.3378 0.0113  0.0301  -0.0771 31  ASP A O   
214 C CB  . ASP A 39  ? 0.3713 0.3654 0.3813 0.0058  0.0453  -0.0627 31  ASP A CB  
215 C CG  . ASP A 39  ? 0.3994 0.3849 0.4351 -0.0067 0.0607  -0.0500 31  ASP A CG  
216 O OD1 . ASP A 39  ? 0.3824 0.3565 0.3937 -0.0080 0.0655  -0.0406 31  ASP A OD1 
217 O OD2 . ASP A 39  ? 0.3222 0.3105 0.4074 -0.0149 0.0641  -0.0499 31  ASP A OD2 
218 N N   . GLY A 40  ? 0.4446 0.3660 0.3412 0.0064  0.0297  -0.0501 32  GLY A N   
219 C CA  . GLY A 40  ? 0.4274 0.3159 0.2997 -0.0081 0.0265  -0.0413 32  GLY A CA  
220 C C   . GLY A 40  ? 0.4483 0.3507 0.3465 -0.0201 0.0508  -0.0335 32  GLY A C   
221 O O   . GLY A 40  ? 0.4314 0.3233 0.3127 -0.0298 0.0542  -0.0192 32  GLY A O   
222 N N   . ARG A 41  ? 0.3897 0.3166 0.3289 -0.0171 0.0663  -0.0397 33  ARG A N   
223 C CA  . ARG A 41  ? 0.4114 0.3475 0.3665 -0.0159 0.0850  -0.0410 33  ARG A CA  
224 C C   . ARG A 41  ? 0.3580 0.3159 0.3637 -0.0192 0.0975  -0.0293 33  ARG A C   
225 O O   . ARG A 41  ? 0.3520 0.3237 0.3697 -0.0159 0.1129  -0.0229 33  ARG A O   
226 C CB  . ARG A 41  ? 0.4318 0.3582 0.3802 -0.0015 0.0812  -0.0697 33  ARG A CB  
227 N N   . HIS A 42  ? 0.3241 0.2913 0.3578 -0.0210 0.0924  -0.0233 34  HIS A N   
228 C CA  . HIS A 42  ? 0.3243 0.3088 0.4037 -0.0216 0.1023  -0.0087 34  HIS A CA  
229 C C   . HIS A 42  ? 0.3537 0.3537 0.4333 -0.0241 0.0975  0.0119  34  HIS A C   
230 O O   . HIS A 42  ? 0.3197 0.3165 0.3696 -0.0204 0.0828  0.0112  34  HIS A O   
231 C CB  . HIS A 42  ? 0.2608 0.2471 0.3808 -0.0206 0.1003  -0.0102 34  HIS A CB  
232 C CG  . HIS A 42  ? 0.3475 0.3099 0.4723 -0.0166 0.0936  -0.0366 34  HIS A CG  
233 N ND1 . HIS A 42  ? 0.3395 0.2943 0.4510 -0.0166 0.0791  -0.0546 34  HIS A ND1 
234 C CD2 . HIS A 42  ? 0.3830 0.3255 0.5181 -0.0060 0.0944  -0.0526 34  HIS A CD2 
235 C CE1 . HIS A 42  ? 0.4158 0.3444 0.5304 -0.0087 0.0683  -0.0815 34  HIS A CE1 
236 N NE2 . HIS A 42  ? 0.4205 0.3387 0.5459 0.0003  0.0769  -0.0825 34  HIS A NE2 
237 N N   . MET A 43  ? 0.3148 0.3303 0.4238 -0.0244 0.1060  0.0264  35  MET A N   
238 C CA  . MET A 43  ? 0.2406 0.2723 0.3539 -0.0226 0.0975  0.0439  35  MET A CA  
239 C C   . MET A 43  ? 0.3227 0.3716 0.4783 -0.0148 0.1095  0.0592  35  MET A C   
240 O O   . MET A 43  ? 0.2675 0.3130 0.4503 -0.0132 0.1214  0.0562  35  MET A O   
241 C CB  . MET A 43  ? 0.2534 0.2886 0.3630 -0.0344 0.0883  0.0507  35  MET A CB  
242 C CG  . MET A 43  ? 0.2778 0.3219 0.3879 -0.0319 0.0663  0.0618  35  MET A CG  
243 S SD  . MET A 43  ? 0.2825 0.3639 0.4435 -0.0245 0.0777  0.0807  35  MET A SD  
244 C CE  . MET A 43  ? 0.2446 0.3502 0.4384 -0.0438 0.0839  0.0907  35  MET A CE  
245 N N   . ARG A 44  ? 0.2765 0.3421 0.4323 -0.0044 0.1050  0.0758  36  ARG A N   
246 C CA  . ARG A 44  ? 0.2316 0.3134 0.4228 0.0045  0.1139  0.0992  36  ARG A CA  
247 C C   . ARG A 44  ? 0.3290 0.4296 0.5099 0.0146  0.1015  0.1094  36  ARG A C   
248 O O   . ARG A 44  ? 0.3069 0.4112 0.4486 0.0232  0.0827  0.1043  36  ARG A O   
249 C CB  . ARG A 44  ? 0.2354 0.3331 0.4389 0.0112  0.1209  0.1205  36  ARG A CB  
250 C CG  . ARG A 44  ? 0.2547 0.3367 0.4820 -0.0026 0.1249  0.1115  36  ARG A CG  
251 C CD  . ARG A 44  ? 0.2378 0.3536 0.4881 -0.0004 0.1314  0.1413  36  ARG A CD  
252 N NE  . ARG A 44  ? 0.2400 0.3435 0.5271 -0.0182 0.1279  0.1340  36  ARG A NE  
253 C CZ  . ARG A 44  ? 0.2977 0.3986 0.5604 -0.0206 0.1201  0.1074  36  ARG A CZ  
254 N NH1 . ARG A 44  ? 0.2533 0.3564 0.4543 -0.0070 0.1152  0.0879  36  ARG A NH1 
255 N NH2 . ARG A 44  ? 0.2796 0.3718 0.5817 -0.0362 0.1115  0.1005  36  ARG A NH2 
256 N N   . TYR A 45  ? 0.2508 0.3612 0.4652 0.0177  0.1068  0.1200  37  TYR A N   
257 C CA  . TYR A 45  ? 0.2819 0.4139 0.4957 0.0264  0.0906  0.1285  37  TYR A CA  
258 C C   . TYR A 45  ? 0.3136 0.4621 0.5433 0.0477  0.0963  0.1550  37  TYR A C   
259 O O   . TYR A 45  ? 0.3329 0.4714 0.5898 0.0496  0.1137  0.1698  37  TYR A O   
260 C CB  . TYR A 45  ? 0.2815 0.4269 0.5253 0.0144  0.0896  0.1232  37  TYR A CB  
261 C CG  . TYR A 45  ? 0.3204 0.4704 0.6030 0.0216  0.1126  0.1255  37  TYR A CG  
262 C CD1 . TYR A 45  ? 0.3451 0.5106 0.6575 0.0407  0.1150  0.1415  37  TYR A CD1 
263 C CD2 . TYR A 45  ? 0.3532 0.4890 0.6357 0.0162  0.1278  0.1089  37  TYR A CD2 
264 C CE1 . TYR A 45  ? 0.3101 0.4713 0.6521 0.0554  0.1302  0.1382  37  TYR A CE1 
265 C CE2 . TYR A 45  ? 0.3735 0.5077 0.6804 0.0334  0.1426  0.1031  37  TYR A CE2 
266 C CZ  . TYR A 45  ? 0.3735 0.5178 0.7106 0.0535  0.1429  0.1165  37  TYR A CZ  
267 O OH  . TYR A 45  ? 0.4309 0.5653 0.7861 0.0780  0.1523  0.1052  37  TYR A OH  
268 N N   . ALA A 46  ? 0.3354 0.5047 0.5467 0.0644  0.0760  0.1620  38  ALA A N   
269 C CA  . ALA A 46  ? 0.4159 0.6053 0.6359 0.0893  0.0778  0.1897  38  ALA A CA  
270 C C   . ALA A 46  ? 0.3572 0.5672 0.5810 0.0975  0.0499  0.1839  38  ALA A C   
271 O O   . ALA A 46  ? 0.4605 0.6709 0.6513 0.0995  0.0186  0.1666  38  ALA A O   
272 C CB  . ALA A 46  ? 0.3196 0.5249 0.4986 0.1142  0.0810  0.2107  38  ALA A CB  
273 N N   . ILE A 47  ? 0.3756 0.6001 0.6426 0.1031  0.0560  0.1963  39  ILE A N   
274 C CA  . ILE A 47  ? 0.3960 0.6516 0.6792 0.1124  0.0283  0.1955  39  ILE A CA  
275 C C   . ILE A 47  ? 0.4531 0.7215 0.7010 0.1494  0.0141  0.2146  39  ILE A C   
276 O O   . ILE A 47  ? 0.4917 0.7595 0.7460 0.1685  0.0349  0.2434  39  ILE A O   
277 C CB  . ILE A 47  ? 0.3472 0.6239 0.6912 0.1106  0.0421  0.2007  39  ILE A CB  
278 C CG1 . ILE A 47  ? 0.3501 0.6223 0.7167 0.0832  0.0602  0.1842  39  ILE A CG1 
279 C CG2 . ILE A 47  ? 0.3175 0.6397 0.6904 0.1197  0.0117  0.2036  39  ILE A CG2 
280 C CD1 . ILE A 47  ? 0.4665 0.7710 0.8854 0.0914  0.0766  0.1868  39  ILE A CD1 
281 N N   . THR A 48  ? 0.4479 0.7243 0.6557 0.1623  -0.0250 0.1995  40  THR A N   
282 C CA  . THR A 48  ? 0.5131 0.8046 0.6674 0.2075  -0.0407 0.2133  40  THR A CA  
283 C C   . THR A 48  ? 0.6014 0.9196 0.7678 0.2274  -0.0796 0.2109  40  THR A C   
284 O O   . THR A 48  ? 0.7262 1.0555 0.8408 0.2684  -0.0954 0.2186  40  THR A O   
285 C CB  . THR A 48  ? 0.5734 0.8522 0.6522 0.2257  -0.0623 0.1924  40  THR A CB  
286 O OG1 . THR A 48  ? 0.6457 0.9071 0.7208 0.2115  -0.1144 0.1543  40  THR A OG1 
287 C CG2 . THR A 48  ? 0.4624 0.7229 0.5342 0.2065  -0.0266 0.1940  40  THR A CG2 
288 N N   . ASP A 49  ? 0.5646 0.8972 0.7971 0.1990  -0.0944 0.1998  41  ASP A N   
289 C CA  . ASP A 49  ? 0.5840 0.9510 0.8408 0.2150  -0.1359 0.1980  41  ASP A CA  
290 C C   . ASP A 49  ? 0.4993 0.9015 0.8488 0.1860  -0.1253 0.2036  41  ASP A C   
291 O O   . ASP A 49  ? 0.5197 0.9186 0.9060 0.1482  -0.1050 0.1978  41  ASP A O   
292 C CB  . ASP A 49  ? 0.6710 1.0270 0.8930 0.2174  -0.2013 0.1655  41  ASP A CB  
293 C CG  . ASP A 49  ? 0.9164 1.2986 1.1245 0.2564  -0.2505 0.1624  41  ASP A CG  
294 O OD1 . ASP A 49  ? 0.9774 1.3693 1.1829 0.2783  -0.2241 0.1831  41  ASP A OD1 
295 O OD2 . ASP A 49  ? 1.0219 1.3880 1.2157 0.2523  -0.3132 0.1317  41  ASP A OD2 
296 N N   . GLY A 50  ? 0.5233 0.9660 0.9072 0.2097  -0.1381 0.2168  42  GLY A N   
297 C CA  . GLY A 50  ? 0.4575 0.9499 0.9290 0.1942  -0.1266 0.2246  42  GLY A CA  
298 C C   . GLY A 50  ? 0.4553 0.9323 0.9274 0.2150  -0.0788 0.2392  42  GLY A C   
299 O O   . GLY A 50  ? 0.5752 1.0068 0.9948 0.2353  -0.0584 0.2514  42  GLY A O   
300 N N   . PRO A 51  ? 0.4833 0.9958 1.0139 0.2094  -0.0623 0.2384  43  PRO A N   
301 C CA  . PRO A 51  ? 0.5228 1.0131 1.0502 0.2365  -0.0308 0.2461  43  PRO A CA  
302 C C   . PRO A 51  ? 0.5688 1.0009 1.0722 0.2326  0.0069  0.2486  43  PRO A C   
303 O O   . PRO A 51  ? 0.6449 1.0383 1.1378 0.2554  0.0225  0.2567  43  PRO A O   
304 C CB  . PRO A 51  ? 0.5519 1.1025 1.1416 0.2339  -0.0257 0.2384  43  PRO A CB  
305 C CG  . PRO A 51  ? 0.5287 1.1173 1.1524 0.1914  -0.0320 0.2325  43  PRO A CG  
306 C CD  . PRO A 51  ? 0.5576 1.1306 1.1556 0.1788  -0.0723 0.2317  43  PRO A CD  
307 N N   . TYR A 52  ? 0.5795 0.9999 1.0770 0.2044  0.0170  0.2415  44  TYR A N   
308 C CA  . TYR A 52  ? 0.4970 0.8632 0.9769 0.1992  0.0481  0.2405  44  TYR A CA  
309 C C   . TYR A 52  ? 0.5083 0.8343 0.9394 0.1937  0.0471  0.2514  44  TYR A C   
310 O O   . TYR A 52  ? 0.5670 0.8511 0.9823 0.1768  0.0673  0.2461  44  TYR A O   
311 C CB  . TYR A 52  ? 0.5333 0.9146 1.0360 0.1740  0.0662  0.2209  44  TYR A CB  
312 C CG  . TYR A 52  ? 0.6405 1.0573 1.1743 0.1872  0.0768  0.2109  44  TYR A CG  
313 C CD1 . TYR A 52  ? 0.7251 1.1066 1.2540 0.2180  0.0921  0.2041  44  TYR A CD1 
314 C CD2 . TYR A 52  ? 0.6877 1.1742 1.2577 0.1715  0.0681  0.2097  44  TYR A CD2 
315 C CE1 . TYR A 52  ? 0.7730 1.1922 1.3232 0.2410  0.1002  0.1914  44  TYR A CE1 
316 C CE2 . TYR A 52  ? 0.7539 1.2847 1.3501 0.1888  0.0812  0.2037  44  TYR A CE2 
317 C CZ  . TYR A 52  ? 0.7973 1.2968 1.3796 0.2274  0.0980  0.1923  44  TYR A CZ  
318 O OH  . TYR A 52  ? 0.8572 1.4051 1.4608 0.2536  0.1092  0.1829  44  TYR A OH  
319 N N   . ALA A 53  ? 0.4851 0.8242 0.8838 0.2091  0.0225  0.2636  45  ALA A N   
320 C CA  . ALA A 53  ? 0.5116 0.8240 0.8508 0.2111  0.0239  0.2736  45  ALA A CA  
321 C C   . ALA A 53  ? 0.5594 0.8297 0.8976 0.2140  0.0552  0.3005  45  ALA A C   
322 O O   . ALA A 53  ? 0.5768 0.8276 0.9336 0.2251  0.0625  0.3146  45  ALA A O   
323 C CB  . ALA A 53  ? 0.5182 0.8504 0.8098 0.2401  -0.0061 0.2805  45  ALA A CB  
324 N N   . GLY A 54  ? 0.4828 0.7323 0.7963 0.1965  0.0697  0.3019  46  GLY A N   
325 C CA  . GLY A 54  ? 0.4574 0.6711 0.7837 0.1902  0.0940  0.3306  46  GLY A CA  
326 C C   . GLY A 54  ? 0.4944 0.6690 0.8539 0.1612  0.1072  0.3063  46  GLY A C   
327 O O   . GLY A 54  ? 0.6937 0.8365 1.0660 0.1474  0.1199  0.3239  46  GLY A O   
328 N N   . ALA A 55  ? 0.4030 0.5839 0.7787 0.1531  0.1030  0.2695  47  ALA A N   
329 C CA  . ALA A 55  ? 0.4829 0.6321 0.8742 0.1331  0.1145  0.2426  47  ALA A CA  
330 C C   . ALA A 55  ? 0.5499 0.6949 0.9116 0.1074  0.1185  0.2306  47  ALA A C   
331 O O   . ALA A 55  ? 0.4459 0.6186 0.7742 0.1047  0.1088  0.2274  47  ALA A O   
332 C CB  . ALA A 55  ? 0.3667 0.5424 0.7775 0.1366  0.1144  0.2137  47  ALA A CB  
333 N N   . THR A 56  ? 0.7073 0.6927 0.7364 -0.0145 0.1661  0.1968  48  THR A N   
334 C CA  . THR A 56  ? 0.6009 0.6038 0.6570 -0.0282 0.1684  0.1766  48  THR A CA  
335 C C   . THR A 56  ? 0.5552 0.5444 0.6572 -0.0433 0.1561  0.1583  48  THR A C   
336 O O   . THR A 56  ? 0.6056 0.5705 0.7236 -0.0451 0.1502  0.1620  48  THR A O   
337 C CB  . THR A 56  ? 0.5783 0.5899 0.6496 -0.0340 0.1878  0.1851  48  THR A CB  
338 O OG1 . THR A 56  ? 0.6225 0.6111 0.7360 -0.0452 0.1933  0.1925  48  THR A OG1 
339 C CG2 . THR A 56  ? 0.4704 0.4934 0.4962 -0.0176 0.2011  0.2056  48  THR A CG2 
340 N N   . GLY A 57  ? 0.4650 0.4717 0.5878 -0.0520 0.1514  0.1369  49  GLY A N   
341 C CA  . GLY A 57  ? 0.4065 0.4075 0.5708 -0.0637 0.1381  0.1166  49  GLY A CA  
342 C C   . GLY A 57  ? 0.3944 0.4207 0.5754 -0.0685 0.1341  0.0964  49  GLY A C   
343 O O   . GLY A 57  ? 0.3583 0.4029 0.5170 -0.0621 0.1386  0.0952  49  GLY A O   
344 N N   . GLU A 58  ? 0.4259 0.4540 0.6479 -0.0779 0.1251  0.0792  50  GLU A N   
345 C CA  . GLU A 58  ? 0.3538 0.4054 0.5944 -0.0798 0.1160  0.0588  50  GLU A CA  
346 C C   . GLU A 58  ? 0.3872 0.4369 0.6318 -0.0783 0.0946  0.0414  50  GLU A C   
347 O O   . GLU A 58  ? 0.3450 0.3813 0.6085 -0.0828 0.0869  0.0354  50  GLU A O   
348 C CB  . GLU A 58  ? 0.2728 0.3363 0.5550 -0.0880 0.1195  0.0499  50  GLU A CB  
349 C CG  . GLU A 58  ? 0.3510 0.4424 0.6515 -0.0863 0.1101  0.0306  50  GLU A CG  
350 C CD  . GLU A 58  ? 0.4871 0.5932 0.8331 -0.0936 0.1106  0.0189  50  GLU A CD  
351 O OE1 . GLU A 58  ? 0.6131 0.7064 0.9802 -0.1017 0.1192  0.0247  50  GLU A OE1 
352 O OE2 . GLU A 58  ? 0.4795 0.6104 0.8428 -0.0902 0.1024  0.0037  50  GLU A OE2 
353 N N   . VAL A 59  ? 0.3147 0.3763 0.5357 -0.0690 0.0830  0.0318  51  VAL A N   
354 C CA  . VAL A 59  ? 0.3432 0.4047 0.5554 -0.0629 0.0623  0.0176  51  VAL A CA  
355 C C   . VAL A 59  ? 0.3581 0.4422 0.5838 -0.0582 0.0532  0.0041  51  VAL A C   
356 O O   . VAL A 59  ? 0.2661 0.3639 0.5008 -0.0577 0.0619  0.0054  51  VAL A O   
357 C CB  . VAL A 59  ? 0.3027 0.3526 0.4721 -0.0538 0.0575  0.0233  51  VAL A CB  
358 C CG1 . VAL A 59  ? 0.2997 0.3299 0.4563 -0.0549 0.0633  0.0360  51  VAL A CG1 
359 C CG2 . VAL A 59  ? 0.2264 0.2846 0.3758 -0.0480 0.0634  0.0264  51  VAL A CG2 
360 N N   . GLU A 60  ? 0.3005 0.3903 0.5278 -0.0528 0.0355  -0.0089 52  GLU A N   
361 C CA  A GLU A 60  ? 0.2918 0.4003 0.5172 -0.0418 0.0239  -0.0167 52  GLU A CA  
362 C CA  B GLU A 60  ? 0.2903 0.3986 0.5156 -0.0419 0.0246  -0.0162 52  GLU A CA  
363 C C   . GLU A 60  ? 0.1970 0.2941 0.3833 -0.0319 0.0222  -0.0075 52  GLU A C   
364 O O   . GLU A 60  ? 0.2506 0.3339 0.4161 -0.0314 0.0197  -0.0046 52  GLU A O   
365 C CB  A GLU A 60  ? 0.3167 0.4418 0.5582 -0.0369 0.0053  -0.0349 52  GLU A CB  
366 C CB  B GLU A 60  ? 0.3105 0.4371 0.5560 -0.0378 0.0066  -0.0347 52  GLU A CB  
367 C CG  A GLU A 60  ? 0.3461 0.4836 0.6362 -0.0480 0.0035  -0.0508 52  GLU A CG  
368 C CG  B GLU A 60  ? 0.3095 0.4577 0.5509 -0.0227 -0.0051 -0.0388 52  GLU A CG  
369 C CD  A GLU A 60  ? 0.3141 0.4371 0.6128 -0.0547 -0.0007 -0.0598 52  GLU A CD  
370 C CD  B GLU A 60  ? 0.3074 0.4836 0.5751 -0.0174 -0.0237 -0.0606 52  GLU A CD  
371 O OE1 A GLU A 60  ? 0.4036 0.5218 0.7438 -0.0691 0.0076  -0.0642 52  GLU A OE1 
372 O OE1 B GLU A 60  ? 0.3185 0.4938 0.6059 -0.0264 -0.0280 -0.0749 52  GLU A OE1 
373 O OE2 A GLU A 60  ? 0.2174 0.3333 0.4852 -0.0457 -0.0106 -0.0623 52  GLU A OE2 
374 O OE2 B GLU A 60  ? 0.3306 0.5304 0.6014 -0.0032 -0.0345 -0.0648 52  GLU A OE2 
375 N N   . TYR A 61  ? 0.2412 0.3440 0.4230 -0.0240 0.0238  -0.0039 53  TYR A N   
376 C CA  . TYR A 61  ? 0.2626 0.3527 0.4174 -0.0168 0.0244  0.0046  53  TYR A CA  
377 C C   . TYR A 61  ? 0.2386 0.3380 0.3933 -0.0028 0.0165  0.0065  53  TYR A C   
378 O O   . TYR A 61  ? 0.2715 0.3890 0.4460 0.0027  0.0108  0.0007  53  TYR A O   
379 C CB  . TYR A 61  ? 0.1817 0.2625 0.3304 -0.0200 0.0373  0.0089  53  TYR A CB  
380 C CG  . TYR A 61  ? 0.2117 0.3042 0.3794 -0.0168 0.0429  0.0054  53  TYR A CG  
381 C CD1 . TYR A 61  ? 0.1793 0.2847 0.3665 -0.0234 0.0512  0.0019  53  TYR A CD1 
382 C CD2 . TYR A 61  ? 0.2322 0.3230 0.4024 -0.0066 0.0418  0.0064  53  TYR A CD2 
383 C CE1 . TYR A 61  ? 0.2241 0.3444 0.4313 -0.0194 0.0576  -0.0029 53  TYR A CE1 
384 C CE2 . TYR A 61  ? 0.1946 0.2966 0.3854 -0.0016 0.0466  0.0013  53  TYR A CE2 
385 C CZ  . TYR A 61  ? 0.1749 0.2937 0.3834 -0.0077 0.0541  -0.0047 53  TYR A CZ  
386 O OH  . TYR A 61  ? 0.2150 0.3484 0.4459 -0.0017 0.0599  -0.0112 53  TYR A OH  
387 N N   . THR A 62  ? 0.2492 0.3367 0.3833 0.0037  0.0171  0.0161  54  THR A N   
388 C CA  . THR A 62  ? 0.2682 0.3561 0.3999 0.0178  0.0156  0.0259  54  THR A CA  
389 C C   . THR A 62  ? 0.2407 0.3105 0.3771 0.0155  0.0277  0.0312  54  THR A C   
390 O O   . THR A 62  ? 0.2536 0.3127 0.3862 0.0049  0.0344  0.0273  54  THR A O   
391 C CB  . THR A 62  ? 0.3250 0.4132 0.4335 0.0277  0.0110  0.0354  54  THR A CB  
392 O OG1 . THR A 62  ? 0.3000 0.3718 0.3960 0.0192  0.0194  0.0395  54  THR A OG1 
393 C CG2 . THR A 62  ? 0.2596 0.3694 0.3639 0.0318  -0.0032 0.0234  54  THR A CG2 
394 N N   . TRP A 63  ? 0.2481 0.3151 0.3947 0.0271  0.0290  0.0385  55  TRP A N   
395 C CA  . TRP A 63  ? 0.2592 0.3075 0.4180 0.0258  0.0397  0.0399  55  TRP A CA  
396 C C   . TRP A 63  ? 0.3148 0.3520 0.4782 0.0408  0.0416  0.0576  55  TRP A C   
397 O O   . TRP A 63  ? 0.3537 0.4041 0.5153 0.0557  0.0335  0.0654  55  TRP A O   
398 C CB  . TRP A 63  ? 0.2214 0.2767 0.4002 0.0235  0.0435  0.0257  55  TRP A CB  
399 C CG  . TRP A 63  ? 0.1983 0.2692 0.3947 0.0365  0.0379  0.0260  55  TRP A CG  
400 C CD1 . TRP A 63  ? 0.2213 0.3172 0.4232 0.0381  0.0288  0.0206  55  TRP A CD1 
401 C CD2 . TRP A 63  ? 0.2707 0.3345 0.4870 0.0504  0.0402  0.0301  55  TRP A CD2 
402 N NE1 . TRP A 63  ? 0.2043 0.3133 0.4272 0.0528  0.0242  0.0204  55  TRP A NE1 
403 C CE2 . TRP A 63  ? 0.2566 0.3451 0.4871 0.0617  0.0312  0.0276  55  TRP A CE2 
404 C CE3 . TRP A 63  ? 0.2732 0.3120 0.5024 0.0546  0.0489  0.0343  55  TRP A CE3 
405 C CZ2 . TRP A 63  ? 0.2697 0.3588 0.5223 0.0794  0.0300  0.0313  55  TRP A CZ2 
406 C CZ3 . TRP A 63  ? 0.3000 0.3349 0.5531 0.0711  0.0493  0.0384  55  TRP A CZ3 
407 C CH2 . TRP A 63  ? 0.3592 0.4194 0.6217 0.0844  0.0396  0.0380  55  TRP A CH2 
408 N N   . GLN A 64  ? 0.3000 0.3139 0.4716 0.0378  0.0525  0.0641  56  GLN A N   
409 C CA  . GLN A 64  ? 0.3421 0.3381 0.5242 0.0508  0.0595  0.0852  56  GLN A CA  
410 C C   . GLN A 64  ? 0.3760 0.3476 0.5894 0.0434  0.0712  0.0775  56  GLN A C   
411 O O   . GLN A 64  ? 0.3661 0.3341 0.5832 0.0280  0.0749  0.0627  56  GLN A O   
412 C CB  . GLN A 64  ? 0.4419 0.4339 0.6030 0.0545  0.0640  0.1072  56  GLN A CB  
413 C CG  . GLN A 64  ? 0.5980 0.6160 0.7267 0.0594  0.0520  0.1072  56  GLN A CG  
414 C CD  . GLN A 64  ? 0.7843 0.8220 0.9051 0.0798  0.0395  0.1133  56  GLN A CD  
415 O OE1 . GLN A 64  ? 0.7912 0.8202 0.9248 0.0944  0.0420  0.1273  56  GLN A OE1 
416 N NE2 . GLN A 64  ? 0.8449 0.9098 0.9484 0.0816  0.0249  0.1010  56  GLN A NE2 
417 N N   . PRO A 65  ? 0.3656 0.3209 0.6047 0.0552  0.0764  0.0856  57  PRO A N   
418 C CA  . PRO A 65  ? 0.3403 0.2693 0.6163 0.0483  0.0879  0.0761  57  PRO A CA  
419 C C   . PRO A 65  ? 0.4003 0.3096 0.6835 0.0404  0.1000  0.0920  57  PRO A C   
420 O O   . PRO A 65  ? 0.4479 0.3549 0.7135 0.0491  0.1044  0.1215  57  PRO A O   
421 C CB  . PRO A 65  ? 0.3990 0.3136 0.7012 0.0667  0.0904  0.0861  57  PRO A CB  
422 C CG  . PRO A 65  ? 0.3893 0.3175 0.6641 0.0851  0.0831  0.1133  57  PRO A CG  
423 C CD  . PRO A 65  ? 0.3414 0.3022 0.5803 0.0771  0.0708  0.1020  57  PRO A CD  
424 N N   . VAL A 66  ? 0.4146 0.3142 0.7235 0.0243  0.1056  0.0706  58  VAL A N   
425 C CA  . VAL A 66  ? 0.4388 0.3190 0.7716 0.0148  0.1196  0.0817  58  VAL A CA  
426 C C   . VAL A 66  ? 0.5476 0.4077 0.9312 0.0106  0.1282  0.0678  58  VAL A C   
427 O O   . VAL A 66  ? 0.6874 0.5412 1.0910 0.0056  0.1391  0.0779  58  VAL A O   
428 C CB  . VAL A 66  ? 0.5227 0.4209 0.8419 -0.0018 0.1160  0.0655  58  VAL A CB  
429 C CG1 . VAL A 66  ? 0.3960 0.3194 0.6634 0.0028  0.1058  0.0753  58  VAL A CG1 
430 C CG2 . VAL A 66  ? 0.5810 0.4899 0.9129 -0.0117 0.1072  0.0259  58  VAL A CG2 
431 N N   . ALA A 67  ? 0.4823 0.3400 0.8849 0.0136  0.1224  0.0425  59  ALA A N   
432 C CA  . ALA A 67  ? 0.5675 0.4144 1.0144 0.0115  0.1269  0.0249  59  ALA A CA  
433 C C   . ALA A 67  ? 0.5839 0.4363 1.0336 0.0200  0.1182  0.0001  59  ALA A C   
434 O O   . ALA A 67  ? 0.6480 0.5140 1.0688 0.0275  0.1108  -0.0023 59  ALA A O   
435 C CB  . ALA A 67  ? 0.5588 0.4118 1.0351 -0.0057 0.1285  -0.0026 59  ALA A CB  
436 N N   . ALA A 68  ? 0.5527 0.3977 1.0398 0.0199  0.1200  -0.0194 60  ALA A N   
437 C CA  . ALA A 68  ? 0.5621 0.4166 1.0529 0.0286  0.1128  -0.0464 60  ALA A CA  
438 C C   . ALA A 68  ? 0.6097 0.4910 1.0749 0.0242  0.1043  -0.0772 60  ALA A C   
439 O O   . ALA A 68  ? 0.6319 0.5229 1.0993 0.0113  0.1017  -0.0996 60  ALA A O   
440 C CB  . ALA A 68  ? 0.6028 0.4481 1.1401 0.0254  0.1154  -0.0698 60  ALA A CB  
441 N N   . ASP A 69  ? 0.4879 0.3857 0.9286 0.0366  0.1007  -0.0769 61  ASP A N   
442 C CA  . ASP A 69  ? 0.4589 0.3923 0.8652 0.0334  0.0941  -0.0999 61  ASP A CA  
443 C C   . ASP A 69  ? 0.3804 0.3275 0.7510 0.0196  0.0892  -0.0933 61  ASP A C   
444 O O   . ASP A 69  ? 0.3588 0.3332 0.7010 0.0159  0.0842  -0.1115 61  ASP A O   
445 C CB  . ASP A 69  ? 0.5179 0.4628 0.9428 0.0342  0.0932  -0.1440 61  ASP A CB  
446 C CG  . ASP A 69  ? 0.5501 0.4903 0.9980 0.0451  0.0943  -0.1494 61  ASP A CG  
447 O OD1 . ASP A 69  ? 0.5320 0.4776 0.9724 0.0574  0.0956  -0.1323 61  ASP A OD1 
448 O OD2 . ASP A 69  ? 0.5761 0.5098 1.0530 0.0419  0.0931  -0.1720 61  ASP A OD2 
449 N N   . THR A 70  ? 0.3415 0.2716 0.7115 0.0139  0.0917  -0.0659 62  THR A N   
450 C CA  . THR A 70  ? 0.3367 0.2780 0.6789 0.0021  0.0878  -0.0600 62  THR A CA  
451 C C   . THR A 70  ? 0.3756 0.3197 0.6857 0.0056  0.0866  -0.0251 62  THR A C   
452 O O   . THR A 70  ? 0.3685 0.2945 0.6891 0.0131  0.0921  0.0009  62  THR A O   
453 C CB  . THR A 70  ? 0.3414 0.2644 0.7186 -0.0092 0.0933  -0.0655 62  THR A CB  
454 O OG1 . THR A 70  ? 0.3845 0.3049 0.7998 -0.0113 0.0928  -0.1029 62  THR A OG1 
455 C CG2 . THR A 70  ? 0.3253 0.2659 0.6770 -0.0200 0.0878  -0.0659 62  THR A CG2 
456 N N   . TYR A 71  ? 0.2971 0.2645 0.5689 0.0017  0.0793  -0.0246 63  TYR A N   
457 C CA  . TYR A 71  ? 0.2910 0.2660 0.5343 0.0057  0.0755  0.0001  63  TYR A CA  
458 C C   . TYR A 71  ? 0.3285 0.3124 0.5464 -0.0035 0.0719  0.0039  63  TYR A C   
459 O O   . TYR A 71  ? 0.3108 0.3053 0.5205 -0.0109 0.0687  -0.0135 63  TYR A O   
460 C CB  . TYR A 71  ? 0.2730 0.2683 0.5027 0.0122  0.0705  -0.0039 63  TYR A CB  
461 C CG  . TYR A 71  ? 0.3023 0.2928 0.5593 0.0229  0.0738  -0.0104 63  TYR A CG  
462 C CD1 . TYR A 71  ? 0.3268 0.3227 0.5980 0.0224  0.0771  -0.0369 63  TYR A CD1 
463 C CD2 . TYR A 71  ? 0.3368 0.3184 0.6051 0.0362  0.0735  0.0092  63  TYR A CD2 
464 C CE1 . TYR A 71  ? 0.3819 0.3729 0.6822 0.0337  0.0807  -0.0455 63  TYR A CE1 
465 C CE2 . TYR A 71  ? 0.3572 0.3329 0.6541 0.0484  0.0762  0.0037  63  TYR A CE2 
466 C CZ  . TYR A 71  ? 0.3676 0.3470 0.6824 0.0465  0.0803  -0.0246 63  TYR A CZ  
467 O OH  . TYR A 71  ? 0.5262 0.5004 0.8722 0.0597  0.0833  -0.0327 63  TYR A OH  
468 N N   . ALA A 72  ? 0.3240 0.3055 0.5281 -0.0005 0.0719  0.0265  64  ALA A N   
469 C CA  . ALA A 72  ? 0.3113 0.3043 0.4892 -0.0058 0.0672  0.0303  64  ALA A CA  
470 C C   . ALA A 72  ? 0.3434 0.3535 0.4991 -0.0027 0.0584  0.0295  64  ALA A C   
471 O O   . ALA A 72  ? 0.3623 0.3774 0.5143 0.0066  0.0549  0.0398  64  ALA A O   
472 C CB  . ALA A 72  ? 0.2326 0.2184 0.4065 -0.0025 0.0728  0.0521  64  ALA A CB  
473 N N   . ILE A 73  ? 0.2638 0.2838 0.4076 -0.0098 0.0549  0.0173  65  ILE A N   
474 C CA  . ILE A 73  ? 0.2342 0.2678 0.3656 -0.0101 0.0500  0.0159  65  ILE A CA  
475 C C   . ILE A 73  ? 0.2919 0.3278 0.4053 -0.0149 0.0456  0.0185  65  ILE A C   
476 O O   . ILE A 73  ? 0.2941 0.3278 0.4020 -0.0195 0.0463  0.0134  65  ILE A O   
477 C CB  . ILE A 73  ? 0.2408 0.2823 0.3751 -0.0124 0.0536  0.0032  65  ILE A CB  
478 C CG1 . ILE A 73  ? 0.2555 0.2937 0.4113 -0.0064 0.0583  -0.0034 65  ILE A CG1 
479 C CG2 . ILE A 73  ? 0.2124 0.2669 0.3421 -0.0145 0.0529  0.0048  65  ILE A CG2 
480 C CD1 . ILE A 73  ? 0.2511 0.3003 0.4089 -0.0063 0.0635  -0.0194 65  ILE A CD1 
481 N N   . ALA A 74  ? 0.2735 0.3157 0.3804 -0.0123 0.0398  0.0236  66  ALA A N   
482 C CA  . ALA A 74  ? 0.2687 0.3117 0.3625 -0.0148 0.0355  0.0240  66  ALA A CA  
483 C C   . ALA A 74  ? 0.2465 0.2974 0.3423 -0.0166 0.0298  0.0198  66  ALA A C   
484 O O   . ALA A 74  ? 0.2342 0.2946 0.3412 -0.0135 0.0266  0.0178  66  ALA A O   
485 C CB  . ALA A 74  ? 0.1865 0.2293 0.2723 -0.0085 0.0345  0.0318  66  ALA A CB  
486 N N   . TRP A 75  ? 0.2887 0.3357 0.3785 -0.0211 0.0283  0.0177  67  TRP A N   
487 C CA  . TRP A 75  ? 0.2803 0.3304 0.3801 -0.0246 0.0244  0.0128  67  TRP A CA  
488 C C   . TRP A 75  ? 0.2666 0.3082 0.3593 -0.0258 0.0215  0.0115  67  TRP A C   
489 O O   . TRP A 75  ? 0.2430 0.2790 0.3227 -0.0243 0.0233  0.0147  67  TRP A O   
490 C CB  . TRP A 75  ? 0.2351 0.2860 0.3478 -0.0311 0.0322  0.0143  67  TRP A CB  
491 C CG  . TRP A 75  ? 0.2533 0.2955 0.3529 -0.0336 0.0401  0.0207  67  TRP A CG  
492 C CD1 . TRP A 75  ? 0.2732 0.3056 0.3683 -0.0359 0.0420  0.0259  67  TRP A CD1 
493 C CD2 . TRP A 75  ? 0.2508 0.2955 0.3401 -0.0314 0.0463  0.0214  67  TRP A CD2 
494 N NE1 . TRP A 75  ? 0.2872 0.3185 0.3652 -0.0335 0.0482  0.0323  67  TRP A NE1 
495 C CE2 . TRP A 75  ? 0.2758 0.3164 0.3500 -0.0311 0.0503  0.0270  67  TRP A CE2 
496 C CE3 . TRP A 75  ? 0.2537 0.3040 0.3467 -0.0283 0.0483  0.0165  67  TRP A CE3 
497 C CZ2 . TRP A 75  ? 0.3181 0.3651 0.3776 -0.0268 0.0543  0.0249  67  TRP A CZ2 
498 C CZ3 . TRP A 75  ? 0.2618 0.3150 0.3457 -0.0261 0.0531  0.0121  67  TRP A CZ3 
499 C CH2 . TRP A 75  ? 0.3263 0.3805 0.3920 -0.0251 0.0553  0.0149  67  TRP A CH2 
500 N N   . GLN A 76  ? 0.2670 0.3088 0.3738 -0.0283 0.0169  0.0044  68  GLN A N   
501 C CA  . GLN A 76  ? 0.2570 0.2879 0.3640 -0.0288 0.0144  0.0016  68  GLN A CA  
502 C C   . GLN A 76  ? 0.2818 0.3018 0.4103 -0.0372 0.0201  0.0043  68  GLN A C   
503 O O   . GLN A 76  ? 0.2998 0.3268 0.4528 -0.0427 0.0203  -0.0017 68  GLN A O   
504 C CB  . GLN A 76  ? 0.2498 0.2896 0.3574 -0.0224 0.0037  -0.0125 68  GLN A CB  
505 C CG  . GLN A 76  ? 0.2505 0.2795 0.3616 -0.0209 0.0006  -0.0194 68  GLN A CG  
506 C CD  . GLN A 76  ? 0.2957 0.3392 0.3979 -0.0108 -0.0086 -0.0345 68  GLN A CD  
507 O OE1 . GLN A 76  ? 0.2781 0.3402 0.3796 -0.0055 -0.0156 -0.0439 68  GLN A OE1 
508 N NE2 . GLN A 76  ? 0.2823 0.3212 0.3757 -0.0054 -0.0085 -0.0367 68  GLN A NE2 
509 N N   . GLU A 77  ? 0.2889 0.2931 0.4111 -0.0372 0.0253  0.0142  69  GLU A N   
510 C CA  . GLU A 77  ? 0.2457 0.2358 0.3851 -0.0436 0.0353  0.0249  69  GLU A CA  
511 C C   . GLU A 77  ? 0.3042 0.2819 0.4739 -0.0471 0.0310  0.0147  69  GLU A C   
512 O O   . GLU A 77  ? 0.3167 0.2986 0.4872 -0.0423 0.0189  -0.0023 69  GLU A O   
513 C CB  . GLU A 77  ? 0.3620 0.3425 0.4766 -0.0377 0.0422  0.0429  69  GLU A CB  
514 C CG  . GLU A 77  ? 0.5013 0.4910 0.6031 -0.0386 0.0535  0.0543  69  GLU A CG  
515 C CD  . GLU A 77  ? 0.5323 0.5280 0.6012 -0.0290 0.0525  0.0598  69  GLU A CD  
516 O OE1 . GLU A 77  ? 0.5812 0.5681 0.6372 -0.0214 0.0502  0.0680  69  GLU A OE1 
517 O OE2 . GLU A 77  ? 0.4610 0.4715 0.5199 -0.0281 0.0531  0.0541  69  GLU A OE2 
518 N N   . ALA A 78  ? 0.2808 0.2435 0.4776 -0.0552 0.0423  0.0246  70  ALA A N   
519 C CA  . ALA A 78  ? 0.3673 0.3156 0.6054 -0.0610 0.0397  0.0123  70  ALA A CA  
520 C C   . ALA A 78  ? 0.3748 0.3071 0.6048 -0.0517 0.0314  0.0073  70  ALA A C   
521 O O   . ALA A 78  ? 0.3711 0.3008 0.6276 -0.0522 0.0214  -0.0159 70  ALA A O   
522 C CB  . ALA A 78  ? 0.3614 0.2914 0.6331 -0.0720 0.0586  0.0306  70  ALA A CB  
523 N N   . ASP A 79  ? 0.3079 0.2324 0.5042 -0.0418 0.0341  0.0253  71  ASP A N   
524 C CA  . ASP A 79  ? 0.3071 0.2193 0.4993 -0.0314 0.0262  0.0197  71  ASP A CA  
525 C C   . ASP A 79  ? 0.2907 0.2256 0.4585 -0.0233 0.0134  0.0017  71  ASP A C   
526 O O   . ASP A 79  ? 0.2790 0.2105 0.4387 -0.0131 0.0079  -0.0026 71  ASP A O   
527 C CB  . ASP A 79  ? 0.3290 0.2236 0.5022 -0.0221 0.0340  0.0471  71  ASP A CB  
528 C CG  . ASP A 79  ? 0.3886 0.3033 0.5186 -0.0147 0.0330  0.0570  71  ASP A CG  
529 O OD1 . ASP A 79  ? 0.3302 0.2668 0.4489 -0.0192 0.0305  0.0476  71  ASP A OD1 
530 O OD2 . ASP A 79  ? 0.4311 0.3404 0.5413 -0.0032 0.0340  0.0733  71  ASP A OD2 
531 N N   . ARG A 80  ? 0.2402 0.1984 0.3981 -0.0266 0.0102  -0.0069 72  ARG A N   
532 C CA  . ARG A 80  ? 0.2603 0.2413 0.3968 -0.0194 0.0019  -0.0196 72  ARG A CA  
533 C C   . ARG A 80  ? 0.3225 0.3103 0.4296 -0.0142 0.0052  -0.0066 72  ARG A C   
534 O O   . ARG A 80  ? 0.3090 0.3130 0.4019 -0.0087 0.0022  -0.0130 72  ARG A O   
535 C CB  . ARG A 80  ? 0.2289 0.2129 0.3732 -0.0116 -0.0076 -0.0415 72  ARG A CB  
536 C CG  . ARG A 80  ? 0.2358 0.2210 0.4135 -0.0163 -0.0148 -0.0644 72  ARG A CG  
537 C CD  . ARG A 80  ? 0.3105 0.2959 0.4992 -0.0073 -0.0241 -0.0893 72  ARG A CD  
538 N NE  . ARG A 80  ? 0.3151 0.2727 0.5161 -0.0049 -0.0197 -0.0812 72  ARG A NE  
539 C CZ  . ARG A 80  ? 0.3455 0.3029 0.5408 0.0072  -0.0237 -0.0916 72  ARG A CZ  
540 N NH1 . ARG A 80  ? 0.3645 0.3499 0.5401 0.0174  -0.0301 -0.1103 72  ARG A NH1 
541 N NH2 . ARG A 80  ? 0.4109 0.3415 0.6200 0.0111  -0.0200 -0.0818 72  ARG A NH2 
542 N N   . ALA A 81  ? 0.3107 0.2896 0.4099 -0.0151 0.0119  0.0108  73  ALA A N   
543 C CA  . ALA A 81  ? 0.3127 0.3035 0.3900 -0.0119 0.0134  0.0173  73  ALA A CA  
544 C C   . ALA A 81  ? 0.3031 0.3081 0.3765 -0.0169 0.0153  0.0145  73  ALA A C   
545 O O   . ALA A 81  ? 0.3137 0.3187 0.3974 -0.0227 0.0174  0.0141  73  ALA A O   
546 C CB  . ALA A 81  ? 0.2863 0.2701 0.3533 -0.0098 0.0185  0.0335  73  ALA A CB  
547 N N   . THR A 82  ? 0.2807 0.2976 0.3439 -0.0143 0.0151  0.0127  74  THR A N   
548 C CA  . THR A 82  ? 0.2599 0.2862 0.3220 -0.0171 0.0181  0.0128  74  THR A CA  
549 C C   . THR A 82  ? 0.3268 0.3561 0.3846 -0.0187 0.0223  0.0162  74  THR A C   
550 O O   . THR A 82  ? 0.2996 0.3316 0.3538 -0.0161 0.0208  0.0151  74  THR A O   
551 C CB  . THR A 82  ? 0.2431 0.2796 0.3022 -0.0126 0.0175  0.0090  74  THR A CB  
552 O OG1 . THR A 82  ? 0.2365 0.2775 0.2940 -0.0102 0.0197  0.0088  74  THR A OG1 
553 C CG2 . THR A 82  ? 0.2411 0.2801 0.3020 -0.0081 0.0112  -0.0003 74  THR A CG2 
554 N N   . VAL A 83  ? 0.2588 0.2904 0.3201 -0.0218 0.0262  0.0174  75  VAL A N   
555 C CA  . VAL A 83  ? 0.2630 0.2980 0.3239 -0.0229 0.0298  0.0158  75  VAL A CA  
556 C C   . VAL A 83  ? 0.3273 0.3637 0.3982 -0.0237 0.0334  0.0151  75  VAL A C   
557 O O   . VAL A 83  ? 0.2584 0.2949 0.3329 -0.0227 0.0337  0.0184  75  VAL A O   
558 C CB  . VAL A 83  ? 0.3038 0.3386 0.3600 -0.0238 0.0335  0.0185  75  VAL A CB  
559 C CG1 . VAL A 83  ? 0.2954 0.3381 0.3494 -0.0225 0.0361  0.0113  75  VAL A CG1 
560 C CG2 . VAL A 83  ? 0.2783 0.3077 0.3246 -0.0212 0.0325  0.0253  75  VAL A CG2 
561 N N   . VAL A 84  ? 0.2600 0.2981 0.3392 -0.0246 0.0359  0.0106  76  VAL A N   
562 C CA  . VAL A 84  ? 0.2329 0.2675 0.3273 -0.0253 0.0417  0.0114  76  VAL A CA  
563 C C   . VAL A 84  ? 0.2812 0.3179 0.3854 -0.0272 0.0427  -0.0014 76  VAL A C   
564 O O   . VAL A 84  ? 0.3178 0.3610 0.4256 -0.0286 0.0397  -0.0119 76  VAL A O   
565 C CB  . VAL A 84  ? 0.2838 0.3163 0.3883 -0.0253 0.0469  0.0177  76  VAL A CB  
566 C CG1 . VAL A 84  ? 0.2966 0.3202 0.4214 -0.0255 0.0552  0.0218  76  VAL A CG1 
567 C CG2 . VAL A 84  ? 0.2490 0.2845 0.3389 -0.0200 0.0455  0.0275  76  VAL A CG2 
568 N N   . HIS A 85  ? 0.2306 0.2652 0.3404 -0.0258 0.0458  -0.0036 77  HIS A N   
569 C CA  . HIS A 85  ? 0.2045 0.2418 0.3272 -0.0257 0.0476  -0.0195 77  HIS A CA  
570 C C   . HIS A 85  ? 0.3191 0.3438 0.4707 -0.0265 0.0537  -0.0194 77  HIS A C   
571 O O   . HIS A 85  ? 0.2929 0.3091 0.4475 -0.0230 0.0573  -0.0046 77  HIS A O   
572 C CB  . HIS A 85  ? 0.2142 0.2585 0.3277 -0.0221 0.0495  -0.0230 77  HIS A CB  
573 C CG  . HIS A 85  ? 0.2731 0.3298 0.3622 -0.0200 0.0475  -0.0249 77  HIS A CG  
574 N ND1 . HIS A 85  ? 0.2695 0.3384 0.3496 -0.0155 0.0516  -0.0331 77  HIS A ND1 
575 C CD2 . HIS A 85  ? 0.2625 0.3211 0.3335 -0.0199 0.0433  -0.0171 77  HIS A CD2 
576 C CE1 . HIS A 85  ? 0.2975 0.3750 0.3523 -0.0124 0.0510  -0.0271 77  HIS A CE1 
577 N NE2 . HIS A 85  ? 0.2792 0.3487 0.3298 -0.0150 0.0454  -0.0174 77  HIS A NE2 
578 N N   . ILE A 86  ? 0.2889 0.3131 0.4640 -0.0296 0.0546  -0.0370 78  ILE A N   
579 C CA  . ILE A 86  ? 0.2807 0.2900 0.4899 -0.0297 0.0617  -0.0415 78  ILE A CA  
580 C C   . ILE A 86  ? 0.2832 0.3022 0.4976 -0.0266 0.0586  -0.0677 78  ILE A C   
581 O O   . ILE A 86  ? 0.2710 0.3018 0.4936 -0.0288 0.0532  -0.0918 78  ILE A O   
582 C CB  . ILE A 86  ? 0.2989 0.2979 0.5428 -0.0372 0.0677  -0.0425 78  ILE A CB  
583 C CG1 . ILE A 86  ? 0.2945 0.2901 0.5254 -0.0379 0.0722  -0.0163 78  ILE A CG1 
584 C CG2 . ILE A 86  ? 0.2486 0.2259 0.5326 -0.0368 0.0773  -0.0433 78  ILE A CG2 
585 C CD1 . ILE A 86  ? 0.3857 0.3797 0.6459 -0.0462 0.0791  -0.0170 78  ILE A CD1 
586 N N   . ASP A 87  ? 0.2544 0.2731 0.4635 -0.0200 0.0614  -0.0652 79  ASP A N   
587 C CA  . ASP A 87  ? 0.2641 0.2975 0.4693 -0.0144 0.0604  -0.0881 79  ASP A CA  
588 C C   . ASP A 87  ? 0.2998 0.3192 0.5423 -0.0106 0.0659  -0.1003 79  ASP A C   
589 O O   . ASP A 87  ? 0.3509 0.3568 0.6038 -0.0062 0.0710  -0.0826 79  ASP A O   
590 C CB  . ASP A 87  ? 0.2423 0.2902 0.4156 -0.0099 0.0617  -0.0768 79  ASP A CB  
591 C CG  . ASP A 87  ? 0.3009 0.3615 0.4405 -0.0120 0.0570  -0.0694 79  ASP A CG  
592 O OD1 . ASP A 87  ? 0.2872 0.3499 0.4261 -0.0149 0.0509  -0.0769 79  ASP A OD1 
593 O OD2 . ASP A 87  ? 0.2644 0.3329 0.3829 -0.0107 0.0599  -0.0565 79  ASP A OD2 
594 N N   . ASP A 88  ? 0.3256 0.3497 0.5904 -0.0106 0.0638  -0.1320 80  ASP A N   
595 C CA  . ASP A 88  ? 0.3320 0.3412 0.6399 -0.0069 0.0686  -0.1503 80  ASP A CA  
596 C C   . ASP A 88  ? 0.3441 0.3769 0.6374 0.0037  0.0678  -0.1753 80  ASP A C   
597 O O   . ASP A 88  ? 0.3722 0.4292 0.6522 0.0060  0.0613  -0.2037 80  ASP A O   
598 C CB  . ASP A 88  ? 0.3782 0.3773 0.7293 -0.0154 0.0667  -0.1734 80  ASP A CB  
599 C CG  . ASP A 88  ? 0.3976 0.3775 0.8029 -0.0125 0.0719  -0.1969 80  ASP A CG  
600 O OD1 . ASP A 88  ? 0.3627 0.3447 0.7676 -0.0014 0.0744  -0.2056 80  ASP A OD1 
601 O OD2 . ASP A 88  ? 0.4296 0.3997 0.8766 -0.0218 0.0727  -0.2023 80  ASP A OD2 
602 N N   . PHE A 89  ? 0.3199 0.3497 0.6147 0.0118  0.0745  -0.1647 81  PHE A N   
603 C CA  . PHE A 89  ? 0.3747 0.4308 0.6536 0.0223  0.0775  -0.1833 81  PHE A CA  
604 C C   . PHE A 89  ? 0.4466 0.5031 0.7605 0.0300  0.0783  -0.2227 81  PHE A C   
605 O O   . PHE A 89  ? 0.4450 0.5287 0.7437 0.0403  0.0813  -0.2445 81  PHE A O   
606 C CB  . PHE A 89  ? 0.2982 0.3563 0.5708 0.0278  0.0843  -0.1586 81  PHE A CB  
607 C CG  . PHE A 89  ? 0.3230 0.3883 0.5611 0.0213  0.0830  -0.1283 81  PHE A CG  
608 C CD1 . PHE A 89  ? 0.2964 0.3886 0.5017 0.0224  0.0872  -0.1259 81  PHE A CD1 
609 C CD2 . PHE A 89  ? 0.2942 0.3392 0.5341 0.0144  0.0789  -0.1029 81  PHE A CD2 
610 C CE1 . PHE A 89  ? 0.3246 0.4199 0.5061 0.0157  0.0865  -0.1001 81  PHE A CE1 
611 C CE2 . PHE A 89  ? 0.3601 0.4119 0.5719 0.0093  0.0766  -0.0804 81  PHE A CE2 
612 C CZ  . PHE A 89  ? 0.3225 0.3977 0.5081 0.0091  0.0800  -0.0800 81  PHE A CZ  
613 N N   . ALA A 90  ? 0.4863 0.5140 0.8478 0.0254  0.0770  -0.2321 82  ALA A N   
614 C CA  . ALA A 90  ? 0.5180 0.5494 0.9071 0.0267  0.0718  -0.2621 82  ALA A CA  
615 C C   . ALA A 90  ? 0.5276 0.5818 0.9132 0.0214  0.0599  -0.2928 82  ALA A C   
616 O O   . ALA A 90  ? 0.5379 0.6207 0.9131 0.0288  0.0535  -0.3226 82  ALA A O   
617 C CB  . ALA A 90  ? 0.4685 0.4630 0.9105 0.0226  0.0757  -0.2495 82  ALA A CB  
618 N N   . ALA A 91  ? 0.4992 0.5451 0.8933 0.0100  0.0563  -0.2856 83  ALA A N   
619 C CA  . ALA A 91  ? 0.4949 0.5680 0.8873 0.0065  0.0431  -0.3133 83  ALA A CA  
620 C C   . ALA A 91  ? 0.5473 0.6551 0.8771 0.0151  0.0370  -0.3182 83  ALA A C   
621 O O   . ALA A 91  ? 0.5153 0.6549 0.8341 0.0185  0.0237  -0.3432 83  ALA A O   
622 C CB  . ALA A 91  ? 0.4365 0.4923 0.8634 -0.0081 0.0427  -0.3020 83  ALA A CB  
623 N N   . GLY A 92  ? 0.4635 0.5693 0.7544 0.0202  0.0470  -0.2930 84  GLY A N   
624 C CA  . GLY A 92  ? 0.3972 0.5354 0.6282 0.0277  0.0442  -0.2870 84  GLY A CA  
625 C C   . GLY A 92  ? 0.3926 0.5343 0.6093 0.0199  0.0339  -0.2754 84  GLY A C   
626 O O   . GLY A 92  ? 0.3857 0.5593 0.5690 0.0283  0.0238  -0.2905 84  GLY A O   
627 N N   . THR A 93  ? 0.3530 0.4649 0.5924 0.0064  0.0365  -0.2485 85  THR A N   
628 C CA  . THR A 93  ? 0.3360 0.4512 0.5676 -0.0009 0.0284  -0.2377 85  THR A CA  
629 C C   . THR A 93  ? 0.3379 0.4370 0.5440 -0.0059 0.0353  -0.1919 85  THR A C   
630 O O   . THR A 93  ? 0.3187 0.3968 0.5318 -0.0079 0.0453  -0.1698 85  THR A O   
631 C CB  . THR A 93  ? 0.3286 0.4276 0.6192 -0.0133 0.0257  -0.2537 85  THR A CB  
632 O OG1 . THR A 93  ? 0.3843 0.4459 0.7072 -0.0213 0.0393  -0.2285 85  THR A OG1 
633 C CG2 . THR A 93  ? 0.3142 0.4297 0.6404 -0.0097 0.0173  -0.3031 85  THR A CG2 
634 N N   . SER A 94  ? 0.3210 0.4315 0.5001 -0.0066 0.0282  -0.1804 86  SER A N   
635 C CA  . SER A 94  ? 0.3047 0.4018 0.4630 -0.0110 0.0325  -0.1429 86  SER A CA  
636 C C   . SER A 94  ? 0.3460 0.4447 0.5120 -0.0169 0.0251  -0.1405 86  SER A C   
637 O O   . SER A 94  ? 0.3299 0.4521 0.4830 -0.0113 0.0138  -0.1565 86  SER A O   
638 C CB  . SER A 94  ? 0.2825 0.3929 0.3931 -0.0026 0.0348  -0.1263 86  SER A CB  
639 O OG  . SER A 94  ? 0.3162 0.4141 0.4123 -0.0073 0.0368  -0.0959 86  SER A OG  
640 N N   . ARG A 95  ? 0.3379 0.4152 0.5240 -0.0261 0.0315  -0.1206 87  ARG A N   
641 C CA  . ARG A 95  ? 0.2654 0.3450 0.4594 -0.0315 0.0279  -0.1146 87  ARG A CA  
642 C C   . ARG A 95  ? 0.3589 0.4292 0.5238 -0.0309 0.0314  -0.0831 87  ARG A C   
643 O O   . ARG A 95  ? 0.3250 0.3782 0.4899 -0.0324 0.0399  -0.0642 87  ARG A O   
644 C CB  . ARG A 95  ? 0.3358 0.4015 0.5819 -0.0423 0.0352  -0.1196 87  ARG A CB  
645 C CG  . ARG A 95  ? 0.5554 0.6288 0.8153 -0.0482 0.0337  -0.1161 87  ARG A CG  
646 C CD  . ARG A 95  ? 0.6380 0.6990 0.9562 -0.0603 0.0449  -0.1202 87  ARG A CD  
647 N NE  . ARG A 95  ? 0.7121 0.7784 1.0735 -0.0643 0.0408  -0.1558 87  ARG A NE  
648 C CZ  . ARG A 95  ? 0.6351 0.7297 1.0146 -0.0645 0.0266  -0.1899 87  ARG A CZ  
649 N NH1 . ARG A 95  ? 0.5710 0.6896 0.9272 -0.0600 0.0159  -0.1892 87  ARG A NH1 
650 N NH2 . ARG A 95  ? 0.5960 0.6942 1.0058 -0.0619 0.0233  -0.2196 87  ARG A NH2 
651 N N   . THR A 96  ? 0.3479 0.4310 0.4898 -0.0268 0.0236  -0.0792 88  THR A N   
652 C CA  . THR A 96  ? 0.3052 0.3803 0.4205 -0.0249 0.0255  -0.0546 88  THR A CA  
653 C C   . THR A 96  ? 0.3143 0.3924 0.4345 -0.0263 0.0224  -0.0494 88  THR A C   
654 O O   . THR A 96  ? 0.2796 0.3737 0.4114 -0.0251 0.0149  -0.0645 88  THR A O   
655 C CB  . THR A 96  ? 0.3311 0.4138 0.4104 -0.0163 0.0220  -0.0492 88  THR A CB  
656 O OG1 . THR A 96  ? 0.3976 0.4992 0.4649 -0.0083 0.0115  -0.0598 88  THR A OG1 
657 C CG2 . THR A 96  ? 0.3629 0.4484 0.4376 -0.0137 0.0269  -0.0562 88  THR A CG2 
658 N N   . PHE A 97  ? 0.2575 0.3236 0.3697 -0.0275 0.0274  -0.0304 89  PHE A N   
659 C CA  . PHE A 97  ? 0.2719 0.3406 0.3838 -0.0267 0.0262  -0.0240 89  PHE A CA  
660 C C   . PHE A 97  ? 0.3168 0.3784 0.4022 -0.0215 0.0236  -0.0111 89  PHE A C   
661 O O   . PHE A 97  ? 0.3442 0.3956 0.4229 -0.0227 0.0278  -0.0020 89  PHE A O   
662 C CB  . PHE A 97  ? 0.2288 0.2914 0.3608 -0.0320 0.0370  -0.0158 89  PHE A CB  
663 C CG  . PHE A 97  ? 0.2676 0.3304 0.4349 -0.0392 0.0435  -0.0255 89  PHE A CG  
664 C CD1 . PHE A 97  ? 0.2011 0.2770 0.3978 -0.0438 0.0444  -0.0367 89  PHE A CD1 
665 C CD2 . PHE A 97  ? 0.3051 0.3552 0.4824 -0.0414 0.0491  -0.0249 89  PHE A CD2 
666 C CE1 . PHE A 97  ? 0.2279 0.3026 0.4679 -0.0528 0.0516  -0.0481 89  PHE A CE1 
667 C CE2 . PHE A 97  ? 0.2681 0.3142 0.4854 -0.0485 0.0559  -0.0352 89  PHE A CE2 
668 C CZ  . PHE A 97  ? 0.2027 0.2605 0.4534 -0.0552 0.0576  -0.0471 89  PHE A CZ  
669 N N   . PHE A 98  ? 0.2488 0.3159 0.3238 -0.0154 0.0165  -0.0114 90  PHE A N   
670 C CA  . PHE A 98  ? 0.3109 0.3682 0.3668 -0.0106 0.0145  -0.0002 90  PHE A CA  
671 C C   . PHE A 98  ? 0.2879 0.3457 0.3464 -0.0058 0.0106  0.0006  90  PHE A C   
672 O O   . PHE A 98  ? 0.2765 0.3473 0.3406 -0.0005 0.0047  -0.0064 90  PHE A O   
673 C CB  . PHE A 98  ? 0.3545 0.4153 0.3924 -0.0041 0.0113  0.0017  90  PHE A CB  
674 C CG  . PHE A 98  ? 0.5030 0.5526 0.5264 0.0023  0.0105  0.0158  90  PHE A CG  
675 C CD1 . PHE A 98  ? 0.6303 0.6866 0.6404 0.0145  0.0036  0.0191  90  PHE A CD1 
676 C CD2 . PHE A 98  ? 0.6389 0.6719 0.6653 -0.0028 0.0166  0.0257  90  PHE A CD2 
677 C CE1 . PHE A 98  ? 0.7048 0.7457 0.7045 0.0216  0.0051  0.0364  90  PHE A CE1 
678 C CE2 . PHE A 98  ? 0.6403 0.6589 0.6622 0.0016  0.0180  0.0387  90  PHE A CE2 
679 C CZ  . PHE A 98  ? 0.6046 0.6246 0.6132 0.0137  0.0136  0.0462  90  PHE A CZ  
680 N N   . THR A 99  ? 0.2682 0.3159 0.3260 -0.0066 0.0131  0.0058  91  THR A N   
681 C CA  . THR A 99  ? 0.2979 0.3453 0.3585 -0.0005 0.0097  0.0040  91  THR A CA  
682 C C   . THR A 99  ? 0.3248 0.3554 0.3788 0.0033  0.0068  0.0109  91  THR A C   
683 O O   . THR A 99  ? 0.3056 0.3257 0.3609 -0.0014 0.0095  0.0134  91  THR A O   
684 C CB  . THR A 99  ? 0.2335 0.2847 0.2988 -0.0018 0.0145  0.0013  91  THR A CB  
685 O OG1 . THR A 99  ? 0.2518 0.3144 0.3261 -0.0063 0.0217  0.0007  91  THR A OG1 
686 C CG2 . THR A 99  ? 0.2252 0.2804 0.2943 0.0064  0.0115  -0.0050 91  THR A CG2 
687 N N   . ALA A 100 ? 0.3136 0.3422 0.3640 0.0123  0.0015  0.0144  92  ALA A N   
688 C CA  . ALA A 100 ? 0.2876 0.2958 0.3364 0.0167  0.0015  0.0251  92  ALA A CA  
689 C C   . ALA A 100 ? 0.3118 0.3091 0.3755 0.0172  0.0004  0.0177  92  ALA A C   
690 O O   . ALA A 100 ? 0.3039 0.3136 0.3730 0.0186  -0.0013 0.0051  92  ALA A O   
691 C CB  . ALA A 100 ? 0.2554 0.2640 0.2948 0.0304  -0.0041 0.0338  92  ALA A CB  
692 N N   . ALA A 101 ? 0.3458 0.3206 0.4184 0.0164  0.0026  0.0244  93  ALA A N   
693 C CA  . ALA A 101 ? 0.3593 0.3231 0.4514 0.0183  -0.0004 0.0123  93  ALA A CA  
694 C C   . ALA A 101 ? 0.3718 0.3403 0.4671 0.0315  -0.0065 0.0050  93  ALA A C   
695 O O   . ALA A 101 ? 0.3585 0.3301 0.4655 0.0349  -0.0094 -0.0122 93  ALA A O   
696 C CB  . ALA A 101 ? 0.3638 0.2993 0.4745 0.0149  0.0039  0.0213  93  ALA A CB  
697 N N   . SER A 102 ? 0.3412 0.3144 0.4266 0.0409  -0.0092 0.0158  94  SER A N   
698 C CA  . SER A 102 ? 0.3852 0.3689 0.4764 0.0547  -0.0159 0.0084  94  SER A CA  
699 C C   . SER A 102 ? 0.3831 0.3980 0.4745 0.0525  -0.0158 -0.0068 94  SER A C   
700 O O   . SER A 102 ? 0.3158 0.3449 0.4174 0.0629  -0.0195 -0.0161 94  SER A O   
701 C CB  . SER A 102 ? 0.4178 0.4019 0.4981 0.0677  -0.0210 0.0244  94  SER A CB  
702 O OG  . SER A 102 ? 0.4088 0.4149 0.4725 0.0628  -0.0213 0.0259  94  SER A OG  
703 N N   . LEU A 103 ? 0.3364 0.3622 0.4201 0.0400  -0.0102 -0.0080 95  LEU A N   
704 C CA  . LEU A 103 ? 0.3301 0.3816 0.4162 0.0356  -0.0056 -0.0166 95  LEU A CA  
705 C C   . LEU A 103 ? 0.3089 0.3794 0.3988 0.0369  -0.0086 -0.0164 95  LEU A C   
706 O O   . LEU A 103 ? 0.2710 0.3629 0.3729 0.0327  -0.0032 -0.0237 95  LEU A O   
707 C CB  . LEU A 103 ? 0.3495 0.4137 0.4456 0.0422  -0.0032 -0.0300 95  LEU A CB  
708 C CG  . LEU A 103 ? 0.3370 0.3937 0.4289 0.0413  -0.0010 -0.0377 95  LEU A CG  
709 C CD1 . LEU A 103 ? 0.3046 0.3776 0.4033 0.0518  0.0010  -0.0533 95  LEU A CD1 
710 C CD2 . LEU A 103 ? 0.2122 0.2759 0.2922 0.0313  0.0058  -0.0327 95  LEU A CD2 
711 N N   . ASP A 104 ? 0.2759 0.3418 0.3581 0.0436  -0.0162 -0.0090 96  ASP A N   
712 C CA  . ASP A 104 ? 0.2434 0.3304 0.3263 0.0436  -0.0210 -0.0129 96  ASP A CA  
713 C C   . ASP A 104 ? 0.2847 0.3732 0.3655 0.0287  -0.0132 -0.0138 96  ASP A C   
714 O O   . ASP A 104 ? 0.2528 0.3232 0.3202 0.0227  -0.0085 -0.0047 96  ASP A O   
715 C CB  . ASP A 104 ? 0.2631 0.3465 0.3285 0.0565  -0.0305 -0.0028 96  ASP A CB  
716 C CG  . ASP A 104 ? 0.3475 0.4280 0.4169 0.0745  -0.0388 0.0006  96  ASP A CG  
717 O OD1 . ASP A 104 ? 0.3397 0.4419 0.4289 0.0806  -0.0439 -0.0128 96  ASP A OD1 
718 O OD2 . ASP A 104 ? 0.4023 0.4580 0.4587 0.0827  -0.0388 0.0177  96  ASP A OD2 
719 N N   . PHE A 105 ? 0.2762 0.3860 0.3754 0.0229  -0.0117 -0.0254 97  PHE A N   
720 C CA  . PHE A 105 ? 0.2708 0.3804 0.3762 0.0096  -0.0033 -0.0272 97  PHE A CA  
721 C C   . PHE A 105 ? 0.2879 0.4116 0.3959 0.0104  -0.0113 -0.0375 97  PHE A C   
722 O O   . PHE A 105 ? 0.2325 0.3797 0.3579 0.0155  -0.0200 -0.0515 97  PHE A O   
723 C CB  . PHE A 105 ? 0.2062 0.3269 0.3374 0.0018  0.0080  -0.0316 97  PHE A CB  
724 C CG  . PHE A 105 ? 0.1883 0.3016 0.3265 -0.0103 0.0196  -0.0274 97  PHE A CG  
725 C CD1 . PHE A 105 ? 0.2067 0.3006 0.3238 -0.0124 0.0215  -0.0175 97  PHE A CD1 
726 C CD2 . PHE A 105 ? 0.2170 0.3424 0.3879 -0.0189 0.0297  -0.0327 97  PHE A CD2 
727 C CE1 . PHE A 105 ? 0.2104 0.2970 0.3350 -0.0205 0.0314  -0.0125 97  PHE A CE1 
728 C CE2 . PHE A 105 ? 0.2423 0.3565 0.4222 -0.0282 0.0417  -0.0256 97  PHE A CE2 
729 C CZ  . PHE A 105 ? 0.1777 0.2723 0.3326 -0.0277 0.0417  -0.0154 97  PHE A CZ  
730 N N   . HIS A 106 ? 0.2595 0.3726 0.3518 0.0067  -0.0094 -0.0336 98  HIS A N   
731 C CA  . HIS A 106 ? 0.2789 0.4067 0.3669 0.0104  -0.0175 -0.0456 98  HIS A CA  
732 C C   . HIS A 106 ? 0.2635 0.3885 0.3671 -0.0019 -0.0096 -0.0541 98  HIS A C   
733 O O   . HIS A 106 ? 0.2789 0.3844 0.3758 -0.0084 0.0004  -0.0421 98  HIS A O   
734 C CB  . HIS A 106 ? 0.3546 0.4749 0.4059 0.0217  -0.0214 -0.0325 98  HIS A CB  
735 C CG  . HIS A 106 ? 0.4683 0.5881 0.5063 0.0363  -0.0291 -0.0221 98  HIS A CG  
736 N ND1 . HIS A 106 ? 0.4832 0.5779 0.5068 0.0388  -0.0234 -0.0016 98  HIS A ND1 
737 C CD2 . HIS A 106 ? 0.4655 0.6067 0.5073 0.0498  -0.0423 -0.0304 98  HIS A CD2 
738 C CE1 . HIS A 106 ? 0.4691 0.5658 0.4874 0.0537  -0.0317 0.0044  98  HIS A CE1 
739 N NE2 . HIS A 106 ? 0.4939 0.6198 0.5213 0.0617  -0.0438 -0.0121 98  HIS A NE2 
740 N N   . ARG A 107 ? 0.2620 0.4071 0.3908 -0.0041 -0.0151 -0.0765 99  ARG A N   
741 C CA  . ARG A 107 ? 0.2797 0.4215 0.4297 -0.0142 -0.0090 -0.0886 99  ARG A CA  
742 C C   . ARG A 107 ? 0.2783 0.4378 0.4140 -0.0052 -0.0207 -0.1075 99  ARG A C   
743 O O   . ARG A 107 ? 0.3312 0.5175 0.4654 0.0051  -0.0356 -0.1237 99  ARG A O   
744 C CB  . ARG A 107 ? 0.3301 0.4803 0.5317 -0.0260 -0.0037 -0.1030 99  ARG A CB  
745 C CG  . ARG A 107 ? 0.4086 0.5487 0.6216 -0.0319 0.0092  -0.0847 99  ARG A CG  
746 C CD  . ARG A 107 ? 0.4721 0.6348 0.7308 -0.0371 0.0093  -0.1009 99  ARG A CD  
747 N NE  . ARG A 107 ? 0.4016 0.5549 0.6895 -0.0483 0.0295  -0.0876 99  ARG A NE  
748 C CZ  . ARG A 107 ? 0.3510 0.5113 0.6411 -0.0465 0.0368  -0.0766 99  ARG A CZ  
749 N NH1 . ARG A 107 ? 0.3155 0.4892 0.5842 -0.0344 0.0241  -0.0790 99  ARG A NH1 
750 N NH2 . ARG A 107 ? 0.2445 0.3988 0.5584 -0.0552 0.0580  -0.0626 99  ARG A NH2 
751 N N   . LEU A 108 ? 0.2897 0.4378 0.4134 -0.0069 -0.0144 -0.1062 100 LEU A N   
752 C CA  . LEU A 108 ? 0.3350 0.5022 0.4430 0.0027  -0.0229 -0.1259 100 LEU A CA  
753 C C   . LEU A 108 ? 0.3434 0.5004 0.4763 -0.0065 -0.0145 -0.1394 100 LEU A C   
754 O O   . LEU A 108 ? 0.3759 0.5071 0.5201 -0.0162 -0.0010 -0.1227 100 LEU A O   
755 C CB  . LEU A 108 ? 0.4006 0.5665 0.4566 0.0161  -0.0222 -0.1057 100 LEU A CB  
756 C CG  . LEU A 108 ? 0.4427 0.6164 0.4685 0.0300  -0.0303 -0.0898 100 LEU A CG  
757 C CD1 . LEU A 108 ? 0.4040 0.5670 0.3877 0.0386  -0.0217 -0.0641 100 LEU A CD1 
758 C CD2 . LEU A 108 ? 0.4174 0.6278 0.4415 0.0446  -0.0494 -0.1147 100 LEU A CD2 
759 N N   . ASP A 109 ? 0.3421 0.5210 0.4843 -0.0013 -0.0235 -0.1715 101 ASP A N   
760 C CA  . ASP A 109 ? 0.4029 0.5712 0.5651 -0.0066 -0.0157 -0.1854 101 ASP A CA  
761 C C   . ASP A 109 ? 0.3566 0.5527 0.4921 0.0087  -0.0250 -0.2105 101 ASP A C   
762 O O   . ASP A 109 ? 0.3745 0.6033 0.4975 0.0207  -0.0412 -0.2309 101 ASP A O   
763 C CB  . ASP A 109 ? 0.4667 0.6266 0.6935 -0.0214 -0.0125 -0.2051 101 ASP A CB  
764 C CG  . ASP A 109 ? 0.6610 0.8515 0.9168 -0.0184 -0.0279 -0.2497 101 ASP A CG  
765 O OD1 . ASP A 109 ? 0.8427 1.0592 1.0979 -0.0137 -0.0416 -0.2595 101 ASP A OD1 
766 O OD2 . ASP A 109 ? 0.7169 0.9073 0.9987 -0.0198 -0.0276 -0.2774 101 ASP A OD2 
767 N N   . GLY A 110 ? 0.3486 0.5355 0.4728 0.0107  -0.0148 -0.2085 102 GLY A N   
768 C CA  . GLY A 110 ? 0.3815 0.5972 0.4766 0.0269  -0.0203 -0.2313 102 GLY A CA  
769 C C   . GLY A 110 ? 0.3700 0.5747 0.4760 0.0257  -0.0082 -0.2395 102 GLY A C   
770 O O   . GLY A 110 ? 0.3994 0.5766 0.5490 0.0125  0.0001  -0.2392 102 GLY A O   
771 N N   . SER A 111 ? 0.3566 0.5847 0.4217 0.0416  -0.0064 -0.2458 103 SER A N   
772 C CA  . SER A 111 ? 0.3408 0.5671 0.4127 0.0446  0.0047  -0.2582 103 SER A CA  
773 C C   . SER A 111 ? 0.4324 0.6381 0.4860 0.0408  0.0232  -0.2177 103 SER A C   
774 O O   . SER A 111 ? 0.3162 0.5163 0.3411 0.0398  0.0270  -0.1833 103 SER A O   
775 C CB  . SER A 111 ? 0.3964 0.6654 0.4336 0.0658  -0.0013 -0.2891 103 SER A CB  
776 O OG  . SER A 111 ? 0.4750 0.7627 0.4508 0.0794  0.0016  -0.2606 103 SER A OG  
777 N N   . LEU A 112 ? 0.3906 0.5864 0.4667 0.0393  0.0339  -0.2250 104 LEU A N   
778 C CA  A LEU A 112 ? 0.3859 0.5681 0.4547 0.0365  0.0504  -0.1945 104 LEU A CA  
779 C CA  B LEU A 112 ? 0.3859 0.5687 0.4537 0.0368  0.0504  -0.1944 104 LEU A CA  
780 C C   . LEU A 112 ? 0.4253 0.6250 0.4955 0.0476  0.0596  -0.2165 104 LEU A C   
781 O O   . LEU A 112 ? 0.4153 0.6108 0.5224 0.0483  0.0559  -0.2484 104 LEU A O   
782 C CB  A LEU A 112 ? 0.3543 0.4999 0.4625 0.0217  0.0531  -0.1758 104 LEU A CB  
783 C CB  B LEU A 112 ? 0.3532 0.4994 0.4584 0.0219  0.0536  -0.1738 104 LEU A CB  
784 C CG  A LEU A 112 ? 0.3442 0.4755 0.4643 0.0192  0.0658  -0.1551 104 LEU A CG  
785 C CG  B LEU A 112 ? 0.3624 0.4978 0.4693 0.0197  0.0668  -0.1478 104 LEU A CG  
786 C CD1 A LEU A 112 ? 0.3140 0.4464 0.4050 0.0163  0.0718  -0.1212 104 LEU A CD1 
787 C CD1 B LEU A 112 ? 0.2760 0.3847 0.3960 0.0083  0.0655  -0.1193 104 LEU A CD1 
788 C CD2 A LEU A 112 ? 0.2561 0.3561 0.4186 0.0106  0.0647  -0.1488 104 LEU A CD2 
789 C CD2 B LEU A 112 ? 0.2789 0.4125 0.4160 0.0246  0.0735  -0.1659 104 LEU A CD2 
790 N N   . ARG A 113 ? 0.4058 0.6248 0.4403 0.0560  0.0730  -0.2004 105 ARG A N   
791 C CA  . ARG A 113 ? 0.4582 0.6979 0.4942 0.0676  0.0841  -0.2216 105 ARG A CA  
792 C C   . ARG A 113 ? 0.4535 0.6978 0.4771 0.0672  0.1046  -0.1903 105 ARG A C   
793 O O   . ARG A 113 ? 0.4466 0.6909 0.4425 0.0638  0.1111  -0.1569 105 ARG A O   
794 C CB  . ARG A 113 ? 0.5449 0.8180 0.5466 0.0838  0.0761  -0.2466 105 ARG A CB  
795 C CG  . ARG A 113 ? 0.7150 1.0106 0.6580 0.0939  0.0821  -0.2199 105 ARG A CG  
796 C CD  . ARG A 113 ? 0.8756 1.2024 0.7855 0.1115  0.0784  -0.2353 105 ARG A CD  
797 N NE  . ARG A 113 ? 0.9754 1.3173 0.8324 0.1211  0.0915  -0.2000 105 ARG A NE  
798 C CZ  . ARG A 113 ? 1.0676 1.4174 0.9086 0.1252  0.1139  -0.1809 105 ARG A CZ  
799 N NH1 . ARG A 113 ? 1.0363 1.3848 0.9072 0.1227  0.1241  -0.1960 105 ARG A NH1 
800 N NH2 . ARG A 113 ? 1.1321 1.4902 0.9307 0.1321  0.1267  -0.1457 105 ARG A NH2 
801 N N   . ALA A 114 ? 0.4832 0.7312 0.5337 0.0707  0.1150  -0.2032 106 ALA A N   
802 C CA  . ALA A 114 ? 0.5007 0.7589 0.5508 0.0704  0.1352  -0.1800 106 ALA A CA  
803 C C   . ALA A 114 ? 0.4920 0.7772 0.4925 0.0806  0.1475  -0.1666 106 ALA A C   
804 O O   . ALA A 114 ? 0.5780 0.8792 0.5527 0.0931  0.1418  -0.1866 106 ALA A O   
805 C CB  . ALA A 114 ? 0.4218 0.6752 0.5115 0.0738  0.1386  -0.1967 106 ALA A CB  
806 N N   . VAL A 115 ? 0.4759 0.7640 0.4666 0.0744  0.1645  -0.1312 107 VAL A N   
807 C CA  . VAL A 115 ? 0.5197 0.8246 0.4693 0.0816  0.1813  -0.1092 107 VAL A CA  
808 C C   . VAL A 115 ? 0.5952 0.9120 0.5631 0.0835  0.2017  -0.1077 107 VAL A C   
809 O O   . VAL A 115 ? 0.5797 0.8897 0.5925 0.0746  0.2063  -0.1053 107 VAL A O   
810 C CB  . VAL A 115 ? 0.5884 0.8828 0.5235 0.0718  0.1894  -0.0686 107 VAL A CB  
811 C CG1 . VAL A 115 ? 0.7574 1.0620 0.6572 0.0772  0.2088  -0.0433 107 VAL A CG1 
812 C CG2 . VAL A 115 ? 0.6125 0.8973 0.5283 0.0723  0.1697  -0.0693 107 VAL A CG2 
813 O OXT . VAL A 115 ? 0.6986 1.0338 0.6385 0.0943  0.2137  -0.1087 107 VAL A OXT 
# 
